data_5QSK
# 
_entry.id   5QSK 
# 
_audit_conform.dict_name       mmcif_pdbx.dic 
_audit_conform.dict_version    5.387 
_audit_conform.dict_location   http://mmcif.pdb.org/dictionaries/ascii/mmcif_pdbx.dic 
# 
loop_
_database_2.database_id 
_database_2.database_code 
_database_2.pdbx_database_accession 
_database_2.pdbx_DOI 
PDB   5QSK         pdb_00005qsk 10.2210/pdb5qsk/pdb 
WWPDB D_1001402353 ?            ?                   
# 
loop_
_pdbx_audit_revision_history.ordinal 
_pdbx_audit_revision_history.data_content_type 
_pdbx_audit_revision_history.major_revision 
_pdbx_audit_revision_history.minor_revision 
_pdbx_audit_revision_history.revision_date 
1 'Structure model' 1 0 2019-08-21 
2 'Structure model' 1 1 2024-03-06 
# 
_pdbx_audit_revision_details.ordinal             1 
_pdbx_audit_revision_details.revision_ordinal    1 
_pdbx_audit_revision_details.data_content_type   'Structure model' 
_pdbx_audit_revision_details.provider            repository 
_pdbx_audit_revision_details.type                'Initial release' 
_pdbx_audit_revision_details.description         ? 
_pdbx_audit_revision_details.details             ? 
# 
loop_
_pdbx_audit_revision_group.ordinal 
_pdbx_audit_revision_group.revision_ordinal 
_pdbx_audit_revision_group.data_content_type 
_pdbx_audit_revision_group.group 
1 2 'Structure model' 'Data collection'     
2 2 'Structure model' 'Database references' 
# 
loop_
_pdbx_audit_revision_category.ordinal 
_pdbx_audit_revision_category.revision_ordinal 
_pdbx_audit_revision_category.data_content_type 
_pdbx_audit_revision_category.category 
1 2 'Structure model' chem_comp_atom 
2 2 'Structure model' chem_comp_bond 
3 2 'Structure model' database_2     
# 
loop_
_pdbx_audit_revision_item.ordinal 
_pdbx_audit_revision_item.revision_ordinal 
_pdbx_audit_revision_item.data_content_type 
_pdbx_audit_revision_item.item 
1 2 'Structure model' '_database_2.pdbx_DOI'                
2 2 'Structure model' '_database_2.pdbx_database_accession' 
# 
_pdbx_database_status.entry_id                        5QSK 
_pdbx_database_status.status_code                     REL 
_pdbx_database_status.status_code_sf                  REL 
_pdbx_database_status.status_code_mr                  ? 
_pdbx_database_status.status_code_cs                  ? 
_pdbx_database_status.recvd_initial_deposition_date   2019-05-25 
_pdbx_database_status.deposit_site                    RCSB 
_pdbx_database_status.process_site                    RCSB 
_pdbx_database_status.SG_entry                        ? 
_pdbx_database_status.pdb_format_compatible           Y 
_pdbx_database_status.methods_development_category    ? 
_pdbx_database_status.status_code_nmr_data            ? 
# 
loop_
_audit_author.name 
_audit_author.pdbx_ordinal 
'Newman, J.A.'        1 
'Gavard, A.E.'        2 
'Sherestha, L.'       3 
'Burgess-Brown, N.A.' 4 
'von Delft, F.'       5 
'Arrowsmith, C.H.'    6 
'Edwards, A.'         7 
'Bountra, C.'         8 
'Gileadi, O.'         9 
# 
_citation.id                        primary 
_citation.title                     'PanDDA analysis group deposition' 
_citation.journal_abbrev            'To Be Published' 
_citation.journal_volume            ? 
_citation.page_first                ? 
_citation.page_last                 ? 
_citation.year                      ? 
_citation.journal_id_ASTM           ? 
_citation.country                   ? 
_citation.journal_id_ISSN           ? 
_citation.journal_id_CSD            0353 
_citation.book_publisher            ? 
_citation.pdbx_database_id_PubMed   ? 
_citation.pdbx_database_id_DOI      ? 
# 
loop_
_citation_author.citation_id 
_citation_author.name 
_citation_author.identifier_ORCID 
_citation_author.ordinal 
primary 'Newman, J.A.'        ? 1 
primary 'Gavard, A.E.'        ? 2 
primary 'Sherestha, L.'       ? 3 
primary 'Burgess-Brown, N.A.' ? 4 
primary 'von Delft, F.'       ? 5 
primary 'Arrowsmith, C.H.'    ? 6 
primary 'Edwards, A.'         ? 7 
primary 'Bountra, C.'         ? 8 
primary 'Gileadi, O.'         ? 9 
# 
loop_
_entity.id 
_entity.type 
_entity.src_method 
_entity.pdbx_description 
_entity.formula_weight 
_entity.pdbx_number_of_molecules 
_entity.pdbx_ec 
_entity.pdbx_mutation 
_entity.pdbx_fragment 
_entity.details 
1 polymer     man 'T-box transcription factor T' 19655.623 1   ? G177D ? ? 
2 non-polymer syn '(benzyloxy)acetic acid'       166.174   1   ? ?     ? ? 
3 water       nat water                          18.015    168 ? ?     ? ? 
# 
_entity_name_com.entity_id   1 
_entity_name_com.name        'Brachyury protein,Protein T' 
# 
_entity_poly.entity_id                      1 
_entity_poly.type                           'polypeptide(L)' 
_entity_poly.nstd_linkage                   no 
_entity_poly.nstd_monomer                   no 
_entity_poly.pdbx_seq_one_letter_code       
;GELRVGLEESELWLRFKELTNEMIVTKNGRRMFPVLKVNVSGLDPNAMYSFLLDFVAADNHRWKYVNGEWVPGGKPEPQA
PSCVYIHPDSPNFGAHWMKAPVSFSKVKLTNKLNGGGQIMLNSLHKYEPRIHIVRVGDPQRMITSHCFPETQFIAVTAYQ
NEEITALKIKYN
;
_entity_poly.pdbx_seq_one_letter_code_can   
;GELRVGLEESELWLRFKELTNEMIVTKNGRRMFPVLKVNVSGLDPNAMYSFLLDFVAADNHRWKYVNGEWVPGGKPEPQA
PSCVYIHPDSPNFGAHWMKAPVSFSKVKLTNKLNGGGQIMLNSLHKYEPRIHIVRVGDPQRMITSHCFPETQFIAVTAYQ
NEEITALKIKYN
;
_entity_poly.pdbx_strand_id                 A 
_entity_poly.pdbx_target_identifier         ? 
# 
loop_
_pdbx_entity_nonpoly.entity_id 
_pdbx_entity_nonpoly.name 
_pdbx_entity_nonpoly.comp_id 
2 '(benzyloxy)acetic acid' O1J 
3 water                    HOH 
# 
loop_
_entity_poly_seq.entity_id 
_entity_poly_seq.num 
_entity_poly_seq.mon_id 
_entity_poly_seq.hetero 
1 1   GLY n 
1 2   GLU n 
1 3   LEU n 
1 4   ARG n 
1 5   VAL n 
1 6   GLY n 
1 7   LEU n 
1 8   GLU n 
1 9   GLU n 
1 10  SER n 
1 11  GLU n 
1 12  LEU n 
1 13  TRP n 
1 14  LEU n 
1 15  ARG n 
1 16  PHE n 
1 17  LYS n 
1 18  GLU n 
1 19  LEU n 
1 20  THR n 
1 21  ASN n 
1 22  GLU n 
1 23  MET n 
1 24  ILE n 
1 25  VAL n 
1 26  THR n 
1 27  LYS n 
1 28  ASN n 
1 29  GLY n 
1 30  ARG n 
1 31  ARG n 
1 32  MET n 
1 33  PHE n 
1 34  PRO n 
1 35  VAL n 
1 36  LEU n 
1 37  LYS n 
1 38  VAL n 
1 39  ASN n 
1 40  VAL n 
1 41  SER n 
1 42  GLY n 
1 43  LEU n 
1 44  ASP n 
1 45  PRO n 
1 46  ASN n 
1 47  ALA n 
1 48  MET n 
1 49  TYR n 
1 50  SER n 
1 51  PHE n 
1 52  LEU n 
1 53  LEU n 
1 54  ASP n 
1 55  PHE n 
1 56  VAL n 
1 57  ALA n 
1 58  ALA n 
1 59  ASP n 
1 60  ASN n 
1 61  HIS n 
1 62  ARG n 
1 63  TRP n 
1 64  LYS n 
1 65  TYR n 
1 66  VAL n 
1 67  ASN n 
1 68  GLY n 
1 69  GLU n 
1 70  TRP n 
1 71  VAL n 
1 72  PRO n 
1 73  GLY n 
1 74  GLY n 
1 75  LYS n 
1 76  PRO n 
1 77  GLU n 
1 78  PRO n 
1 79  GLN n 
1 80  ALA n 
1 81  PRO n 
1 82  SER n 
1 83  CYS n 
1 84  VAL n 
1 85  TYR n 
1 86  ILE n 
1 87  HIS n 
1 88  PRO n 
1 89  ASP n 
1 90  SER n 
1 91  PRO n 
1 92  ASN n 
1 93  PHE n 
1 94  GLY n 
1 95  ALA n 
1 96  HIS n 
1 97  TRP n 
1 98  MET n 
1 99  LYS n 
1 100 ALA n 
1 101 PRO n 
1 102 VAL n 
1 103 SER n 
1 104 PHE n 
1 105 SER n 
1 106 LYS n 
1 107 VAL n 
1 108 LYS n 
1 109 LEU n 
1 110 THR n 
1 111 ASN n 
1 112 LYS n 
1 113 LEU n 
1 114 ASN n 
1 115 GLY n 
1 116 GLY n 
1 117 GLY n 
1 118 GLN n 
1 119 ILE n 
1 120 MET n 
1 121 LEU n 
1 122 ASN n 
1 123 SER n 
1 124 LEU n 
1 125 HIS n 
1 126 LYS n 
1 127 TYR n 
1 128 GLU n 
1 129 PRO n 
1 130 ARG n 
1 131 ILE n 
1 132 HIS n 
1 133 ILE n 
1 134 VAL n 
1 135 ARG n 
1 136 VAL n 
1 137 GLY n 
1 138 ASP n 
1 139 PRO n 
1 140 GLN n 
1 141 ARG n 
1 142 MET n 
1 143 ILE n 
1 144 THR n 
1 145 SER n 
1 146 HIS n 
1 147 CYS n 
1 148 PHE n 
1 149 PRO n 
1 150 GLU n 
1 151 THR n 
1 152 GLN n 
1 153 PHE n 
1 154 ILE n 
1 155 ALA n 
1 156 VAL n 
1 157 THR n 
1 158 ALA n 
1 159 TYR n 
1 160 GLN n 
1 161 ASN n 
1 162 GLU n 
1 163 GLU n 
1 164 ILE n 
1 165 THR n 
1 166 ALA n 
1 167 LEU n 
1 168 LYS n 
1 169 ILE n 
1 170 LYS n 
1 171 TYR n 
1 172 ASN n 
# 
_entity_src_gen.entity_id                          1 
_entity_src_gen.pdbx_src_id                        1 
_entity_src_gen.pdbx_alt_source_flag               sample 
_entity_src_gen.pdbx_seq_type                      'Biological sequence' 
_entity_src_gen.pdbx_beg_seq_num                   1 
_entity_src_gen.pdbx_end_seq_num                   172 
_entity_src_gen.gene_src_common_name               Human 
_entity_src_gen.gene_src_genus                     ? 
_entity_src_gen.pdbx_gene_src_gene                 'TBXT, T' 
_entity_src_gen.gene_src_species                   ? 
_entity_src_gen.gene_src_strain                    ? 
_entity_src_gen.gene_src_tissue                    ? 
_entity_src_gen.gene_src_tissue_fraction           ? 
_entity_src_gen.gene_src_details                   ? 
_entity_src_gen.pdbx_gene_src_fragment             ? 
_entity_src_gen.pdbx_gene_src_scientific_name      'Homo sapiens' 
_entity_src_gen.pdbx_gene_src_ncbi_taxonomy_id     9606 
_entity_src_gen.pdbx_gene_src_variant              ? 
_entity_src_gen.pdbx_gene_src_cell_line            ? 
_entity_src_gen.pdbx_gene_src_atcc                 ? 
_entity_src_gen.pdbx_gene_src_organ                ? 
_entity_src_gen.pdbx_gene_src_organelle            ? 
_entity_src_gen.pdbx_gene_src_cell                 ? 
_entity_src_gen.pdbx_gene_src_cellular_location    ? 
_entity_src_gen.host_org_common_name               ? 
_entity_src_gen.pdbx_host_org_scientific_name      'Escherichia coli' 
_entity_src_gen.pdbx_host_org_ncbi_taxonomy_id     562 
_entity_src_gen.host_org_genus                     ? 
_entity_src_gen.pdbx_host_org_gene                 ? 
_entity_src_gen.pdbx_host_org_organ                ? 
_entity_src_gen.host_org_species                   ? 
_entity_src_gen.pdbx_host_org_tissue               ? 
_entity_src_gen.pdbx_host_org_tissue_fraction      ? 
_entity_src_gen.pdbx_host_org_strain               ? 
_entity_src_gen.pdbx_host_org_variant              ? 
_entity_src_gen.pdbx_host_org_cell_line            ? 
_entity_src_gen.pdbx_host_org_atcc                 ? 
_entity_src_gen.pdbx_host_org_culture_collection   ? 
_entity_src_gen.pdbx_host_org_cell                 ? 
_entity_src_gen.pdbx_host_org_organelle            ? 
_entity_src_gen.pdbx_host_org_cellular_location    ? 
_entity_src_gen.pdbx_host_org_vector_type          ? 
_entity_src_gen.pdbx_host_org_vector               ? 
_entity_src_gen.host_org_details                   ? 
_entity_src_gen.expression_system_id               ? 
_entity_src_gen.plasmid_name                       ? 
_entity_src_gen.plasmid_details                    ? 
_entity_src_gen.pdbx_description                   ? 
# 
loop_
_chem_comp.id 
_chem_comp.type 
_chem_comp.mon_nstd_flag 
_chem_comp.name 
_chem_comp.pdbx_synonyms 
_chem_comp.formula 
_chem_comp.formula_weight 
ALA 'L-peptide linking' y ALANINE                  ? 'C3 H7 N O2'     89.093  
ARG 'L-peptide linking' y ARGININE                 ? 'C6 H15 N4 O2 1' 175.209 
ASN 'L-peptide linking' y ASPARAGINE               ? 'C4 H8 N2 O3'    132.118 
ASP 'L-peptide linking' y 'ASPARTIC ACID'          ? 'C4 H7 N O4'     133.103 
CYS 'L-peptide linking' y CYSTEINE                 ? 'C3 H7 N O2 S'   121.158 
GLN 'L-peptide linking' y GLUTAMINE                ? 'C5 H10 N2 O3'   146.144 
GLU 'L-peptide linking' y 'GLUTAMIC ACID'          ? 'C5 H9 N O4'     147.129 
GLY 'peptide linking'   y GLYCINE                  ? 'C2 H5 N O2'     75.067  
HIS 'L-peptide linking' y HISTIDINE                ? 'C6 H10 N3 O2 1' 156.162 
HOH non-polymer         . WATER                    ? 'H2 O'           18.015  
ILE 'L-peptide linking' y ISOLEUCINE               ? 'C6 H13 N O2'    131.173 
LEU 'L-peptide linking' y LEUCINE                  ? 'C6 H13 N O2'    131.173 
LYS 'L-peptide linking' y LYSINE                   ? 'C6 H15 N2 O2 1' 147.195 
MET 'L-peptide linking' y METHIONINE               ? 'C5 H11 N O2 S'  149.211 
O1J non-polymer         . '(benzyloxy)acetic acid' ? 'C9 H10 O3'      166.174 
PHE 'L-peptide linking' y PHENYLALANINE            ? 'C9 H11 N O2'    165.189 
PRO 'L-peptide linking' y PROLINE                  ? 'C5 H9 N O2'     115.130 
SER 'L-peptide linking' y SERINE                   ? 'C3 H7 N O3'     105.093 
THR 'L-peptide linking' y THREONINE                ? 'C4 H9 N O3'     119.119 
TRP 'L-peptide linking' y TRYPTOPHAN               ? 'C11 H12 N2 O2'  204.225 
TYR 'L-peptide linking' y TYROSINE                 ? 'C9 H11 N O3'    181.189 
VAL 'L-peptide linking' y VALINE                   ? 'C5 H11 N O2'    117.146 
# 
loop_
_pdbx_poly_seq_scheme.asym_id 
_pdbx_poly_seq_scheme.entity_id 
_pdbx_poly_seq_scheme.seq_id 
_pdbx_poly_seq_scheme.mon_id 
_pdbx_poly_seq_scheme.ndb_seq_num 
_pdbx_poly_seq_scheme.pdb_seq_num 
_pdbx_poly_seq_scheme.auth_seq_num 
_pdbx_poly_seq_scheme.pdb_mon_id 
_pdbx_poly_seq_scheme.auth_mon_id 
_pdbx_poly_seq_scheme.pdb_strand_id 
_pdbx_poly_seq_scheme.pdb_ins_code 
_pdbx_poly_seq_scheme.hetero 
A 1 1   GLY 1   40  ?   ?   ?   A . n 
A 1 2   GLU 2   41  41  GLU GLU A . n 
A 1 3   LEU 3   42  42  LEU LEU A . n 
A 1 4   ARG 4   43  43  ARG ARG A . n 
A 1 5   VAL 5   44  44  VAL VAL A . n 
A 1 6   GLY 6   45  45  GLY GLY A . n 
A 1 7   LEU 7   46  46  LEU LEU A . n 
A 1 8   GLU 8   47  47  GLU GLU A . n 
A 1 9   GLU 9   48  48  GLU GLU A . n 
A 1 10  SER 10  49  49  SER SER A . n 
A 1 11  GLU 11  50  50  GLU GLU A . n 
A 1 12  LEU 12  51  51  LEU LEU A . n 
A 1 13  TRP 13  52  52  TRP TRP A . n 
A 1 14  LEU 14  53  53  LEU LEU A . n 
A 1 15  ARG 15  54  54  ARG ARG A . n 
A 1 16  PHE 16  55  55  PHE PHE A . n 
A 1 17  LYS 17  56  56  LYS LYS A . n 
A 1 18  GLU 18  57  57  GLU GLU A . n 
A 1 19  LEU 19  58  58  LEU LEU A . n 
A 1 20  THR 20  59  59  THR THR A . n 
A 1 21  ASN 21  60  60  ASN ASN A . n 
A 1 22  GLU 22  61  61  GLU GLU A . n 
A 1 23  MET 23  62  62  MET MET A . n 
A 1 24  ILE 24  63  63  ILE ILE A . n 
A 1 25  VAL 25  64  64  VAL VAL A . n 
A 1 26  THR 26  65  65  THR THR A . n 
A 1 27  LYS 27  66  66  LYS LYS A . n 
A 1 28  ASN 28  67  67  ASN ASN A . n 
A 1 29  GLY 29  68  68  GLY GLY A . n 
A 1 30  ARG 30  69  69  ARG ARG A . n 
A 1 31  ARG 31  70  70  ARG ARG A . n 
A 1 32  MET 32  71  71  MET MET A . n 
A 1 33  PHE 33  72  72  PHE PHE A . n 
A 1 34  PRO 34  73  73  PRO PRO A . n 
A 1 35  VAL 35  74  74  VAL VAL A . n 
A 1 36  LEU 36  75  75  LEU LEU A . n 
A 1 37  LYS 37  76  76  LYS LYS A . n 
A 1 38  VAL 38  77  77  VAL VAL A . n 
A 1 39  ASN 39  78  78  ASN ASN A . n 
A 1 40  VAL 40  79  79  VAL VAL A . n 
A 1 41  SER 41  80  80  SER SER A . n 
A 1 42  GLY 42  81  81  GLY GLY A . n 
A 1 43  LEU 43  82  82  LEU LEU A . n 
A 1 44  ASP 44  83  83  ASP ASP A . n 
A 1 45  PRO 45  84  84  PRO PRO A . n 
A 1 46  ASN 46  85  85  ASN ASN A . n 
A 1 47  ALA 47  86  86  ALA ALA A . n 
A 1 48  MET 48  87  87  MET MET A . n 
A 1 49  TYR 49  88  88  TYR TYR A . n 
A 1 50  SER 50  89  89  SER SER A . n 
A 1 51  PHE 51  90  90  PHE PHE A . n 
A 1 52  LEU 52  91  91  LEU LEU A . n 
A 1 53  LEU 53  92  92  LEU LEU A . n 
A 1 54  ASP 54  93  93  ASP ASP A . n 
A 1 55  PHE 55  94  94  PHE PHE A . n 
A 1 56  VAL 56  95  95  VAL VAL A . n 
A 1 57  ALA 57  96  96  ALA ALA A . n 
A 1 58  ALA 58  97  97  ALA ALA A . n 
A 1 59  ASP 59  98  98  ASP ASP A . n 
A 1 60  ASN 60  99  99  ASN ASN A . n 
A 1 61  HIS 61  100 100 HIS HIS A . n 
A 1 62  ARG 62  101 101 ARG ARG A . n 
A 1 63  TRP 63  102 102 TRP TRP A . n 
A 1 64  LYS 64  103 103 LYS LYS A . n 
A 1 65  TYR 65  104 104 TYR TYR A . n 
A 1 66  VAL 66  105 105 VAL VAL A . n 
A 1 67  ASN 67  106 106 ASN ASN A . n 
A 1 68  GLY 68  107 107 GLY GLY A . n 
A 1 69  GLU 69  108 108 GLU GLU A . n 
A 1 70  TRP 70  109 109 TRP TRP A . n 
A 1 71  VAL 71  110 110 VAL VAL A . n 
A 1 72  PRO 72  111 111 PRO PRO A . n 
A 1 73  GLY 73  112 112 GLY GLY A . n 
A 1 74  GLY 74  113 113 GLY GLY A . n 
A 1 75  LYS 75  114 114 LYS LYS A . n 
A 1 76  PRO 76  115 115 PRO PRO A . n 
A 1 77  GLU 77  116 116 GLU GLU A . n 
A 1 78  PRO 78  117 117 PRO PRO A . n 
A 1 79  GLN 79  118 118 GLN GLN A . n 
A 1 80  ALA 80  119 119 ALA ALA A . n 
A 1 81  PRO 81  120 120 PRO PRO A . n 
A 1 82  SER 82  121 121 SER SER A . n 
A 1 83  CYS 83  122 122 CYS CYS A . n 
A 1 84  VAL 84  123 123 VAL VAL A . n 
A 1 85  TYR 85  124 124 TYR TYR A . n 
A 1 86  ILE 86  125 125 ILE ILE A . n 
A 1 87  HIS 87  126 126 HIS HIS A . n 
A 1 88  PRO 88  127 127 PRO PRO A . n 
A 1 89  ASP 89  128 128 ASP ASP A . n 
A 1 90  SER 90  129 129 SER SER A . n 
A 1 91  PRO 91  130 130 PRO PRO A . n 
A 1 92  ASN 92  131 131 ASN ASN A . n 
A 1 93  PHE 93  132 132 PHE PHE A . n 
A 1 94  GLY 94  133 133 GLY GLY A . n 
A 1 95  ALA 95  134 134 ALA ALA A . n 
A 1 96  HIS 96  135 135 HIS HIS A . n 
A 1 97  TRP 97  136 136 TRP TRP A . n 
A 1 98  MET 98  137 137 MET MET A . n 
A 1 99  LYS 99  138 138 LYS LYS A . n 
A 1 100 ALA 100 139 139 ALA ALA A . n 
A 1 101 PRO 101 140 140 PRO PRO A . n 
A 1 102 VAL 102 141 141 VAL VAL A . n 
A 1 103 SER 103 142 142 SER SER A . n 
A 1 104 PHE 104 143 143 PHE PHE A . n 
A 1 105 SER 105 144 144 SER SER A . n 
A 1 106 LYS 106 145 145 LYS LYS A . n 
A 1 107 VAL 107 146 146 VAL VAL A . n 
A 1 108 LYS 108 147 147 LYS LYS A . n 
A 1 109 LEU 109 148 148 LEU LEU A . n 
A 1 110 THR 110 149 149 THR THR A . n 
A 1 111 ASN 111 150 150 ASN ASN A . n 
A 1 112 LYS 112 151 151 LYS LYS A . n 
A 1 113 LEU 113 152 152 LEU LEU A . n 
A 1 114 ASN 114 153 153 ASN ASN A . n 
A 1 115 GLY 115 154 154 GLY GLY A . n 
A 1 116 GLY 116 155 155 GLY GLY A . n 
A 1 117 GLY 117 156 156 GLY GLY A . n 
A 1 118 GLN 118 157 157 GLN GLN A . n 
A 1 119 ILE 119 158 158 ILE ILE A . n 
A 1 120 MET 120 159 159 MET MET A . n 
A 1 121 LEU 121 160 160 LEU LEU A . n 
A 1 122 ASN 122 161 161 ASN ASN A . n 
A 1 123 SER 123 162 162 SER SER A . n 
A 1 124 LEU 124 163 163 LEU LEU A . n 
A 1 125 HIS 125 164 164 HIS HIS A . n 
A 1 126 LYS 126 165 165 LYS LYS A . n 
A 1 127 TYR 127 166 166 TYR TYR A . n 
A 1 128 GLU 128 167 167 GLU GLU A . n 
A 1 129 PRO 129 168 168 PRO PRO A . n 
A 1 130 ARG 130 169 169 ARG ARG A . n 
A 1 131 ILE 131 170 170 ILE ILE A . n 
A 1 132 HIS 132 171 171 HIS HIS A . n 
A 1 133 ILE 133 172 172 ILE ILE A . n 
A 1 134 VAL 134 173 173 VAL VAL A . n 
A 1 135 ARG 135 174 174 ARG ARG A . n 
A 1 136 VAL 136 175 175 VAL VAL A . n 
A 1 137 GLY 137 176 176 GLY GLY A . n 
A 1 138 ASP 138 177 177 ASP ASP A . n 
A 1 139 PRO 139 178 178 PRO PRO A . n 
A 1 140 GLN 140 179 179 GLN GLN A . n 
A 1 141 ARG 141 180 180 ARG ARG A . n 
A 1 142 MET 142 181 181 MET MET A . n 
A 1 143 ILE 143 182 182 ILE ILE A . n 
A 1 144 THR 144 183 183 THR THR A . n 
A 1 145 SER 145 184 184 SER SER A . n 
A 1 146 HIS 146 185 185 HIS HIS A . n 
A 1 147 CYS 147 186 186 CYS CYS A . n 
A 1 148 PHE 148 187 187 PHE PHE A . n 
A 1 149 PRO 149 188 188 PRO PRO A . n 
A 1 150 GLU 150 189 189 GLU GLU A . n 
A 1 151 THR 151 190 190 THR THR A . n 
A 1 152 GLN 152 191 191 GLN GLN A . n 
A 1 153 PHE 153 192 192 PHE PHE A . n 
A 1 154 ILE 154 193 193 ILE ILE A . n 
A 1 155 ALA 155 194 194 ALA ALA A . n 
A 1 156 VAL 156 195 195 VAL VAL A . n 
A 1 157 THR 157 196 196 THR THR A . n 
A 1 158 ALA 158 197 197 ALA ALA A . n 
A 1 159 TYR 159 198 198 TYR TYR A . n 
A 1 160 GLN 160 199 199 GLN GLN A . n 
A 1 161 ASN 161 200 200 ASN ASN A . n 
A 1 162 GLU 162 201 201 GLU GLU A . n 
A 1 163 GLU 163 202 202 GLU GLU A . n 
A 1 164 ILE 164 203 203 ILE ILE A . n 
A 1 165 THR 165 204 204 THR THR A . n 
A 1 166 ALA 166 205 205 ALA ALA A . n 
A 1 167 LEU 167 206 206 LEU LEU A . n 
A 1 168 LYS 168 207 207 LYS LYS A . n 
A 1 169 ILE 169 208 208 ILE ILE A . n 
A 1 170 LYS 170 209 209 LYS LYS A . n 
A 1 171 TYR 171 210 210 TYR TYR A . n 
A 1 172 ASN 172 211 211 ASN ASN A . n 
# 
loop_
_pdbx_nonpoly_scheme.asym_id 
_pdbx_nonpoly_scheme.entity_id 
_pdbx_nonpoly_scheme.mon_id 
_pdbx_nonpoly_scheme.ndb_seq_num 
_pdbx_nonpoly_scheme.pdb_seq_num 
_pdbx_nonpoly_scheme.auth_seq_num 
_pdbx_nonpoly_scheme.pdb_mon_id 
_pdbx_nonpoly_scheme.auth_mon_id 
_pdbx_nonpoly_scheme.pdb_strand_id 
_pdbx_nonpoly_scheme.pdb_ins_code 
B 2 O1J 1   301 301 O1J LIG A . 
C 3 HOH 1   401 182 HOH HOH A . 
C 3 HOH 2   402 77  HOH HOH A . 
C 3 HOH 3   403 156 HOH HOH A . 
C 3 HOH 4   404 157 HOH HOH A . 
C 3 HOH 5   405 166 HOH HOH A . 
C 3 HOH 6   406 111 HOH HOH A . 
C 3 HOH 7   407 106 HOH HOH A . 
C 3 HOH 8   408 78  HOH HOH A . 
C 3 HOH 9   409 113 HOH HOH A . 
C 3 HOH 10  410 231 HOH HOH A . 
C 3 HOH 11  411 165 HOH HOH A . 
C 3 HOH 12  412 162 HOH HOH A . 
C 3 HOH 13  413 88  HOH HOH A . 
C 3 HOH 14  414 31  HOH HOH A . 
C 3 HOH 15  415 30  HOH HOH A . 
C 3 HOH 16  416 133 HOH HOH A . 
C 3 HOH 17  417 141 HOH HOH A . 
C 3 HOH 18  418 150 HOH HOH A . 
C 3 HOH 19  419 122 HOH HOH A . 
C 3 HOH 20  420 125 HOH HOH A . 
C 3 HOH 21  421 220 HOH HOH A . 
C 3 HOH 22  422 67  HOH HOH A . 
C 3 HOH 23  423 14  HOH HOH A . 
C 3 HOH 24  424 170 HOH HOH A . 
C 3 HOH 25  425 98  HOH HOH A . 
C 3 HOH 26  426 209 HOH HOH A . 
C 3 HOH 27  427 40  HOH HOH A . 
C 3 HOH 28  428 27  HOH HOH A . 
C 3 HOH 29  429 32  HOH HOH A . 
C 3 HOH 30  430 45  HOH HOH A . 
C 3 HOH 31  431 89  HOH HOH A . 
C 3 HOH 32  432 44  HOH HOH A . 
C 3 HOH 33  433 103 HOH HOH A . 
C 3 HOH 34  434 22  HOH HOH A . 
C 3 HOH 35  435 174 HOH HOH A . 
C 3 HOH 36  436 23  HOH HOH A . 
C 3 HOH 37  437 149 HOH HOH A . 
C 3 HOH 38  438 17  HOH HOH A . 
C 3 HOH 39  439 152 HOH HOH A . 
C 3 HOH 40  440 76  HOH HOH A . 
C 3 HOH 41  441 61  HOH HOH A . 
C 3 HOH 42  442 180 HOH HOH A . 
C 3 HOH 43  443 167 HOH HOH A . 
C 3 HOH 44  444 234 HOH HOH A . 
C 3 HOH 45  445 48  HOH HOH A . 
C 3 HOH 46  446 164 HOH HOH A . 
C 3 HOH 47  447 57  HOH HOH A . 
C 3 HOH 48  448 158 HOH HOH A . 
C 3 HOH 49  449 194 HOH HOH A . 
C 3 HOH 50  450 92  HOH HOH A . 
C 3 HOH 51  451 207 HOH HOH A . 
C 3 HOH 52  452 210 HOH HOH A . 
C 3 HOH 53  453 118 HOH HOH A . 
C 3 HOH 54  454 12  HOH HOH A . 
C 3 HOH 55  455 168 HOH HOH A . 
C 3 HOH 56  456 26  HOH HOH A . 
C 3 HOH 57  457 41  HOH HOH A . 
C 3 HOH 58  458 5   HOH HOH A . 
C 3 HOH 59  459 4   HOH HOH A . 
C 3 HOH 60  460 68  HOH HOH A . 
C 3 HOH 61  461 228 HOH HOH A . 
C 3 HOH 62  462 47  HOH HOH A . 
C 3 HOH 63  463 151 HOH HOH A . 
C 3 HOH 64  464 6   HOH HOH A . 
C 3 HOH 65  465 176 HOH HOH A . 
C 3 HOH 66  466 199 HOH HOH A . 
C 3 HOH 67  467 50  HOH HOH A . 
C 3 HOH 68  468 159 HOH HOH A . 
C 3 HOH 69  469 15  HOH HOH A . 
C 3 HOH 70  470 191 HOH HOH A . 
C 3 HOH 71  471 1   HOH HOH A . 
C 3 HOH 72  472 195 HOH HOH A . 
C 3 HOH 73  473 11  HOH HOH A . 
C 3 HOH 74  474 104 HOH HOH A . 
C 3 HOH 75  475 16  HOH HOH A . 
C 3 HOH 76  476 42  HOH HOH A . 
C 3 HOH 77  477 96  HOH HOH A . 
C 3 HOH 78  478 9   HOH HOH A . 
C 3 HOH 79  479 3   HOH HOH A . 
C 3 HOH 80  480 229 HOH HOH A . 
C 3 HOH 81  481 175 HOH HOH A . 
C 3 HOH 82  482 13  HOH HOH A . 
C 3 HOH 83  483 181 HOH HOH A . 
C 3 HOH 84  484 51  HOH HOH A . 
C 3 HOH 85  485 35  HOH HOH A . 
C 3 HOH 86  486 86  HOH HOH A . 
C 3 HOH 87  487 24  HOH HOH A . 
C 3 HOH 88  488 64  HOH HOH A . 
C 3 HOH 89  489 25  HOH HOH A . 
C 3 HOH 90  490 66  HOH HOH A . 
C 3 HOH 91  491 124 HOH HOH A . 
C 3 HOH 92  492 236 HOH HOH A . 
C 3 HOH 93  493 38  HOH HOH A . 
C 3 HOH 94  494 36  HOH HOH A . 
C 3 HOH 95  495 34  HOH HOH A . 
C 3 HOH 96  496 33  HOH HOH A . 
C 3 HOH 97  497 163 HOH HOH A . 
C 3 HOH 98  498 60  HOH HOH A . 
C 3 HOH 99  499 87  HOH HOH A . 
C 3 HOH 100 500 37  HOH HOH A . 
C 3 HOH 101 501 39  HOH HOH A . 
C 3 HOH 102 502 58  HOH HOH A . 
C 3 HOH 103 503 54  HOH HOH A . 
C 3 HOH 104 504 56  HOH HOH A . 
C 3 HOH 105 505 213 HOH HOH A . 
C 3 HOH 106 506 20  HOH HOH A . 
C 3 HOH 107 507 161 HOH HOH A . 
C 3 HOH 108 508 188 HOH HOH A . 
C 3 HOH 109 509 62  HOH HOH A . 
C 3 HOH 110 510 206 HOH HOH A . 
C 3 HOH 111 511 237 HOH HOH A . 
C 3 HOH 112 512 142 HOH HOH A . 
C 3 HOH 113 513 28  HOH HOH A . 
C 3 HOH 114 514 7   HOH HOH A . 
C 3 HOH 115 515 222 HOH HOH A . 
C 3 HOH 116 516 178 HOH HOH A . 
C 3 HOH 117 517 81  HOH HOH A . 
C 3 HOH 118 518 184 HOH HOH A . 
C 3 HOH 119 519 179 HOH HOH A . 
C 3 HOH 120 520 204 HOH HOH A . 
C 3 HOH 121 521 2   HOH HOH A . 
C 3 HOH 122 522 43  HOH HOH A . 
C 3 HOH 123 523 217 HOH HOH A . 
C 3 HOH 124 524 83  HOH HOH A . 
C 3 HOH 125 525 172 HOH HOH A . 
C 3 HOH 126 526 138 HOH HOH A . 
C 3 HOH 127 527 85  HOH HOH A . 
C 3 HOH 128 528 90  HOH HOH A . 
C 3 HOH 129 529 72  HOH HOH A . 
C 3 HOH 130 530 29  HOH HOH A . 
C 3 HOH 131 531 82  HOH HOH A . 
C 3 HOH 132 532 154 HOH HOH A . 
C 3 HOH 133 533 117 HOH HOH A . 
C 3 HOH 134 534 121 HOH HOH A . 
C 3 HOH 135 535 84  HOH HOH A . 
C 3 HOH 136 536 224 HOH HOH A . 
C 3 HOH 137 537 99  HOH HOH A . 
C 3 HOH 138 538 80  HOH HOH A . 
C 3 HOH 139 539 238 HOH HOH A . 
C 3 HOH 140 540 192 HOH HOH A . 
C 3 HOH 141 541 116 HOH HOH A . 
C 3 HOH 142 542 135 HOH HOH A . 
C 3 HOH 143 543 208 HOH HOH A . 
C 3 HOH 144 544 143 HOH HOH A . 
C 3 HOH 145 545 186 HOH HOH A . 
C 3 HOH 146 546 94  HOH HOH A . 
C 3 HOH 147 547 107 HOH HOH A . 
C 3 HOH 148 548 200 HOH HOH A . 
C 3 HOH 149 549 177 HOH HOH A . 
C 3 HOH 150 550 19  HOH HOH A . 
C 3 HOH 151 551 187 HOH HOH A . 
C 3 HOH 152 552 136 HOH HOH A . 
C 3 HOH 153 553 173 HOH HOH A . 
C 3 HOH 154 554 129 HOH HOH A . 
C 3 HOH 155 555 144 HOH HOH A . 
C 3 HOH 156 556 21  HOH HOH A . 
C 3 HOH 157 557 137 HOH HOH A . 
C 3 HOH 158 558 65  HOH HOH A . 
C 3 HOH 159 559 55  HOH HOH A . 
C 3 HOH 160 560 71  HOH HOH A . 
C 3 HOH 161 561 110 HOH HOH A . 
C 3 HOH 162 562 73  HOH HOH A . 
C 3 HOH 163 563 49  HOH HOH A . 
C 3 HOH 164 564 75  HOH HOH A . 
C 3 HOH 165 565 153 HOH HOH A . 
C 3 HOH 166 566 102 HOH HOH A . 
C 3 HOH 167 567 211 HOH HOH A . 
C 3 HOH 168 568 145 HOH HOH A . 
# 
loop_
_software.pdbx_ordinal 
_software.name 
_software.version 
_software.date 
_software.type 
_software.contact_author 
_software.contact_author_email 
_software.classification 
_software.location 
_software.language 
_software.citation_id 
1 REFMAC      5.8.0238 ?               program 'Garib N. Murshudov' garib@ysbl.york.ac.uk    refinement        
http://www.ccp4.ac.uk/dist/html/refmac5.html        Fortran_77 ? 
2 Aimless     0.7.3    15/08/18        program 'Phil Evans'         ?                        'data scaling'    
http://www.mrc-lmb.cam.ac.uk/harry/pre/aimless.html ?          ? 
3 PDB_EXTRACT 3.23     'SEP. 23, 2016' package PDB                  deposit@deposit.rcsb.org 'data extraction' 
http://sw-tools.pdb.org/apps/PDB_EXTRACT/           C++        ? 
4 XDS         .        ?               program ?                    ?                        'data reduction'  ? ?          ? 
5 REFMAC      .        ?               program ?                    ?                        phasing           ? ?          ? 
# 
_cell.entry_id           5QSK 
_cell.length_a           99.444 
_cell.length_b           99.444 
_cell.length_c           99.542 
_cell.angle_alpha        90.000 
_cell.angle_beta         90.000 
_cell.angle_gamma        120.000 
_cell.Z_PDB              18 
_cell.pdbx_unique_axis   ? 
# 
_symmetry.entry_id                         5QSK 
_symmetry.Int_Tables_number                155 
_symmetry.space_group_name_H-M             'H 3 2' 
_symmetry.pdbx_full_space_group_name_H-M   ? 
_symmetry.cell_setting                     ? 
# 
_exptl.crystals_number   1 
_exptl.entry_id          5QSK 
_exptl.method            'X-RAY DIFFRACTION' 
# 
_exptl_crystal.id                    1 
_exptl_crystal.pdbx_mosaicity        0.000 
_exptl_crystal.pdbx_mosaicity_esd    ? 
_exptl_crystal.density_Matthews      2.41 
_exptl_crystal.density_diffrn        ? 
_exptl_crystal.density_meas          ? 
_exptl_crystal.density_meas_temp     ? 
_exptl_crystal.density_percent_sol   48.95 
_exptl_crystal.size_max              ? 
_exptl_crystal.size_mid              ? 
_exptl_crystal.size_min              ? 
_exptl_crystal.size_rad              ? 
_exptl_crystal.description           ? 
# 
_exptl_crystal_grow.crystal_id      1 
_exptl_crystal_grow.method          'VAPOR DIFFUSION, SITTING DROP' 
_exptl_crystal_grow.pH              7 
_exptl_crystal_grow.temp            298 
_exptl_crystal_grow.pdbx_details    '0.1 M SPG pH 7.0, 30 % PEG 1000' 
_exptl_crystal_grow.temp_details    ? 
_exptl_crystal_grow.pdbx_pH_range   ? 
# 
_diffrn.id                               1 
_diffrn.ambient_temp                     100 
_diffrn.crystal_id                       1 
_diffrn.ambient_temp_details             ? 
_diffrn.pdbx_serial_crystal_experiment   ? 
# 
_diffrn_detector.detector               PIXEL 
_diffrn_detector.type                   'DECTRIS PILATUS 6M' 
_diffrn_detector.pdbx_collection_date   2018-12-09 
_diffrn_detector.diffrn_id              1 
_diffrn_detector.details                ? 
# 
_diffrn_radiation.diffrn_id                        1 
_diffrn_radiation.wavelength_id                    1 
_diffrn_radiation.pdbx_diffrn_protocol             'SINGLE WAVELENGTH' 
_diffrn_radiation.pdbx_monochromatic_or_laue_m_l   M 
_diffrn_radiation.monochromator                    ? 
_diffrn_radiation.pdbx_scattering_type             x-ray 
# 
_diffrn_radiation_wavelength.id           1 
_diffrn_radiation_wavelength.wavelength   0.91587 
_diffrn_radiation_wavelength.wt           1.0 
# 
_diffrn_source.diffrn_id                   1 
_diffrn_source.source                      SYNCHROTRON 
_diffrn_source.type                        'DIAMOND BEAMLINE I04-1' 
_diffrn_source.pdbx_wavelength_list        0.91587 
_diffrn_source.pdbx_synchrotron_site       Diamond 
_diffrn_source.pdbx_synchrotron_beamline   I04-1 
_diffrn_source.pdbx_wavelength             ? 
# 
_reflns.entry_id                     5QSK 
_reflns.pdbx_diffrn_id               1 
_reflns.pdbx_ordinal                 1 
_reflns.observed_criterion_sigma_I   ? 
_reflns.observed_criterion_sigma_F   ? 
_reflns.d_resolution_low             65.120 
_reflns.d_resolution_high            1.550 
_reflns.number_obs                   27580 
_reflns.number_all                   ? 
_reflns.percent_possible_obs         100.000 
_reflns.pdbx_Rmerge_I_obs            0.042 
_reflns.pdbx_Rsym_value              ? 
_reflns.pdbx_netI_over_sigmaI        20.600 
_reflns.B_iso_Wilson_estimate        ? 
_reflns.pdbx_redundancy              8.900 
_reflns.pdbx_Rrim_I_all              0.045 
_reflns.pdbx_Rpim_I_all              0.015 
_reflns.pdbx_CC_half                 0.999 
_reflns.pdbx_netI_over_av_sigmaI     ? 
_reflns.pdbx_number_measured_all     246181 
_reflns.pdbx_scaling_rejects         361 
_reflns.pdbx_chi_squared             ? 
_reflns.Rmerge_F_all                 ? 
_reflns.Rmerge_F_obs                 ? 
_reflns.observed_criterion_F_max     ? 
_reflns.observed_criterion_F_min     ? 
_reflns.observed_criterion_I_max     ? 
_reflns.observed_criterion_I_min     ? 
_reflns.pdbx_d_res_high_opt          ? 
_reflns.pdbx_d_res_low_opt           ? 
_reflns.details                      ? 
# 
loop_
_reflns_shell.pdbx_diffrn_id 
_reflns_shell.pdbx_ordinal 
_reflns_shell.d_res_high 
_reflns_shell.d_res_low 
_reflns_shell.number_measured_obs 
_reflns_shell.number_measured_all 
_reflns_shell.number_unique_obs 
_reflns_shell.pdbx_rejects 
_reflns_shell.Rmerge_I_obs 
_reflns_shell.meanI_over_sigI_obs 
_reflns_shell.pdbx_Rsym_value 
_reflns_shell.pdbx_chi_squared 
_reflns_shell.pdbx_redundancy 
_reflns_shell.percent_possible_obs 
_reflns_shell.pdbx_netI_over_sigmaI_obs 
_reflns_shell.number_possible 
_reflns_shell.number_unique_all 
_reflns_shell.Rmerge_F_all 
_reflns_shell.Rmerge_F_obs 
_reflns_shell.Rmerge_I_all 
_reflns_shell.meanI_over_sigI_all 
_reflns_shell.percent_possible_all 
_reflns_shell.pdbx_Rrim_I_all 
_reflns_shell.pdbx_Rpim_I_all 
_reflns_shell.pdbx_CC_half 
1 1 1.550 1.590  ? 12494 ? ? 1.444 ? ? ? 6.200 ? 1.000  ? 2007 ? ? ? ? 100.000 1.577 0.626 0.612 
1 2 6.930 65.120 ? 3085  ? ? 0.020 ? ? ? 8.700 ? 83.000 ? 354  ? ? ? ? 99.900  0.022 0.008 0.993 
# 
_refine.entry_id                                 5QSK 
_refine.pdbx_refine_id                           'X-RAY DIFFRACTION' 
_refine.ls_d_res_high                            1.5500 
_refine.ls_d_res_low                             65.1300 
_refine.pdbx_ls_sigma_F                          0.000 
_refine.pdbx_data_cutoff_high_absF               ? 
_refine.pdbx_data_cutoff_low_absF                ? 
_refine.ls_percent_reflns_obs                    99.8300 
_refine.ls_number_reflns_obs                     26162 
_refine.ls_number_reflns_all                     ? 
_refine.pdbx_ls_cross_valid_method               THROUGHOUT 
_refine.ls_matrix_type                           ? 
_refine.pdbx_R_Free_selection_details            RANDOM 
_refine.details                                  
'HYDROGENS HAVE BEEN ADDED IN THE RIDING POSITIONS U VALUES      : REFINED INDIVIDUALLY' 
_refine.ls_R_factor_all                          ? 
_refine.ls_R_factor_obs                          0.1951 
_refine.ls_R_factor_R_work                       0.1941 
_refine.ls_wR_factor_R_work                      ? 
_refine.ls_R_factor_R_free                       0.2135 
_refine.ls_wR_factor_R_free                      ? 
_refine.ls_percent_reflns_R_free                 5.0000 
_refine.ls_number_reflns_R_free                  1387 
_refine.ls_number_reflns_R_work                  ? 
_refine.ls_R_factor_R_free_error                 ? 
_refine.B_iso_mean                               29.5660 
_refine.solvent_model_param_bsol                 ? 
_refine.solvent_model_param_ksol                 ? 
_refine.pdbx_isotropic_thermal_model             ? 
_refine.aniso_B[1][1]                            -0.8700 
_refine.aniso_B[2][2]                            -0.8700 
_refine.aniso_B[3][3]                            2.8100 
_refine.aniso_B[1][2]                            -0.4300 
_refine.aniso_B[1][3]                            -0.0000 
_refine.aniso_B[2][3]                            -0.0000 
_refine.correlation_coeff_Fo_to_Fc               0.9700 
_refine.correlation_coeff_Fo_to_Fc_free          0.9680 
_refine.overall_SU_R_Cruickshank_DPI             ? 
_refine.pdbx_overall_SU_R_free_Cruickshank_DPI   ? 
_refine.pdbx_overall_SU_R_Blow_DPI               ? 
_refine.pdbx_overall_SU_R_free_Blow_DPI          ? 
_refine.overall_SU_R_free                        ? 
_refine.pdbx_overall_ESU_R                       0.0950 
_refine.pdbx_overall_ESU_R_Free                  0.0890 
_refine.overall_SU_ML                            0.0850 
_refine.overall_SU_B                             2.5390 
_refine.solvent_model_details                    MASK 
_refine.pdbx_solvent_vdw_probe_radii             1.2000 
_refine.pdbx_solvent_ion_probe_radii             0.8000 
_refine.pdbx_solvent_shrinkage_radii             0.8000 
_refine.ls_number_parameters                     ? 
_refine.ls_number_restraints                     ? 
_refine.pdbx_starting_model                      6f58 
_refine.pdbx_method_to_determine_struct          'FOURIER SYNTHESIS' 
_refine.pdbx_stereochemistry_target_values       'MAXIMUM LIKELIHOOD' 
_refine.pdbx_stereochem_target_val_spec_case     ? 
_refine.overall_FOM_work_R_set                   ? 
_refine.B_iso_max                                96.650 
_refine.B_iso_min                                14.620 
_refine.pdbx_overall_phase_error                 ? 
_refine.occupancy_max                            ? 
_refine.occupancy_min                            ? 
_refine.pdbx_diffrn_id                           1 
_refine.pdbx_TLS_residual_ADP_flag               ? 
_refine.pdbx_ls_sigma_I                          ? 
_refine.pdbx_data_cutoff_high_rms_absF           ? 
_refine.ls_R_factor_R_free_error_details         ? 
# 
_refine_hist.cycle_id                         final 
_refine_hist.pdbx_refine_id                   'X-RAY DIFFRACTION' 
_refine_hist.d_res_high                       1.5500 
_refine_hist.d_res_low                        65.1300 
_refine_hist.pdbx_number_atoms_ligand         12 
_refine_hist.number_atoms_solvent             168 
_refine_hist.number_atoms_total               1560 
_refine_hist.pdbx_number_residues_total       171 
_refine_hist.pdbx_B_iso_mean_ligand           29.48 
_refine_hist.pdbx_B_iso_mean_solvent          41.31 
_refine_hist.pdbx_number_atoms_protein        1380 
_refine_hist.pdbx_number_atoms_nucleic_acid   0 
# 
loop_
_refine_ls_restr.pdbx_refine_id 
_refine_ls_restr.type 
_refine_ls_restr.number 
_refine_ls_restr.dev_ideal 
_refine_ls_restr.dev_ideal_target 
_refine_ls_restr.weight 
_refine_ls_restr.pdbx_restraint_function 
'X-RAY DIFFRACTION' r_bond_refined_d       1798 0.011  0.013  ? ? 
'X-RAY DIFFRACTION' r_bond_other_d         1537 0.001  0.017  ? ? 
'X-RAY DIFFRACTION' r_angle_refined_deg    2265 1.621  1.662  ? ? 
'X-RAY DIFFRACTION' r_angle_other_deg      3584 1.365  1.590  ? ? 
'X-RAY DIFFRACTION' r_dihedral_angle_1_deg 206  7.225  5.000  ? ? 
'X-RAY DIFFRACTION' r_dihedral_angle_2_deg 83   26.648 21.446 ? ? 
'X-RAY DIFFRACTION' r_dihedral_angle_3_deg 294  15.948 15.000 ? ? 
'X-RAY DIFFRACTION' r_dihedral_angle_4_deg 11   15.513 15.000 ? ? 
'X-RAY DIFFRACTION' r_chiral_restr         209  0.079  0.200  ? ? 
'X-RAY DIFFRACTION' r_gen_planes_refined   1956 0.009  0.020  ? ? 
'X-RAY DIFFRACTION' r_gen_planes_other     365  0.001  0.020  ? ? 
'X-RAY DIFFRACTION' r_mcbond_it            863  2.480  2.801  ? ? 
'X-RAY DIFFRACTION' r_mcbond_other         855  2.469  2.790  ? ? 
'X-RAY DIFFRACTION' r_mcangle_it           1014 3.817  4.228  ? ? 
# 
_refine_ls_shell.d_res_high                       1.5500 
_refine_ls_shell.d_res_low                        1.5900 
_refine_ls_shell.pdbx_total_number_of_bins_used   20 
_refine_ls_shell.percent_reflns_obs               99.3000 
_refine_ls_shell.number_reflns_R_work             1892 
_refine_ls_shell.R_factor_all                     ? 
_refine_ls_shell.R_factor_R_work                  0.3440 
_refine_ls_shell.R_factor_R_free                  0.3420 
_refine_ls_shell.percent_reflns_R_free            ? 
_refine_ls_shell.number_reflns_R_free             107 
_refine_ls_shell.R_factor_R_free_error            ? 
_refine_ls_shell.number_reflns_all                1999 
_refine_ls_shell.number_reflns_obs                ? 
_refine_ls_shell.pdbx_refine_id                   'X-RAY DIFFRACTION' 
# 
_struct.entry_id                  5QSK 
_struct.title                     
'PanDDA analysis group deposition -- Crystal Structure of human Brachyury G177D variant in complex with Z2856434906' 
_struct.pdbx_model_details        ? 
_struct.pdbx_CASP_flag            ? 
_struct.pdbx_model_type_details   ? 
# 
_struct_keywords.entry_id        5QSK 
_struct_keywords.text            'SGC - Diamond I04-1 fragment screening, PanDDA, XChemExplorer, TRANSCRIPTION' 
_struct_keywords.pdbx_keywords   TRANSCRIPTION 
# 
loop_
_struct_asym.id 
_struct_asym.pdbx_blank_PDB_chainid_flag 
_struct_asym.pdbx_modified 
_struct_asym.entity_id 
_struct_asym.details 
A N N 1 ? 
B N N 2 ? 
C N N 3 ? 
# 
_struct_ref.id                         1 
_struct_ref.db_name                    UNP 
_struct_ref.db_code                    TBXT_HUMAN 
_struct_ref.pdbx_db_accession          O15178 
_struct_ref.pdbx_db_isoform            ? 
_struct_ref.entity_id                  1 
_struct_ref.pdbx_seq_one_letter_code   
;ELRVGLEESELWLRFKELTNEMIVTKNGRRMFPVLKVNVSGLDPNAMYSFLLDFVAADNHRWKYVNGEWVPGGKPEPQAP
SCVYIHPDSPNFGAHWMKAPVSFSKVKLTNKLNGGGQIMLNSLHKYEPRIHIVRVGGPQRMITSHCFPETQFIAVTAYQN
EEITALKIKYN
;
_struct_ref.pdbx_align_begin           41 
# 
_struct_ref_seq.align_id                      1 
_struct_ref_seq.ref_id                        1 
_struct_ref_seq.pdbx_PDB_id_code              5QSK 
_struct_ref_seq.pdbx_strand_id                A 
_struct_ref_seq.seq_align_beg                 2 
_struct_ref_seq.pdbx_seq_align_beg_ins_code   ? 
_struct_ref_seq.seq_align_end                 172 
_struct_ref_seq.pdbx_seq_align_end_ins_code   ? 
_struct_ref_seq.pdbx_db_accession             O15178 
_struct_ref_seq.db_align_beg                  41 
_struct_ref_seq.pdbx_db_align_beg_ins_code    ? 
_struct_ref_seq.db_align_end                  211 
_struct_ref_seq.pdbx_db_align_end_ins_code    ? 
_struct_ref_seq.pdbx_auth_seq_align_beg       41 
_struct_ref_seq.pdbx_auth_seq_align_end       211 
# 
loop_
_struct_ref_seq_dif.align_id 
_struct_ref_seq_dif.pdbx_pdb_id_code 
_struct_ref_seq_dif.mon_id 
_struct_ref_seq_dif.pdbx_pdb_strand_id 
_struct_ref_seq_dif.seq_num 
_struct_ref_seq_dif.pdbx_pdb_ins_code 
_struct_ref_seq_dif.pdbx_seq_db_name 
_struct_ref_seq_dif.pdbx_seq_db_accession_code 
_struct_ref_seq_dif.db_mon_id 
_struct_ref_seq_dif.pdbx_seq_db_seq_num 
_struct_ref_seq_dif.details 
_struct_ref_seq_dif.pdbx_auth_seq_num 
_struct_ref_seq_dif.pdbx_ordinal 
1 5QSK GLY A 1   ? UNP O15178 ?   ?   'expression tag'      40  1 
1 5QSK ASP A 138 ? UNP O15178 GLY 177 'engineered mutation' 177 2 
# 
_pdbx_struct_assembly.id                   1 
_pdbx_struct_assembly.details              author_and_software_defined_assembly 
_pdbx_struct_assembly.method_details       PISA 
_pdbx_struct_assembly.oligomeric_details   monomeric 
_pdbx_struct_assembly.oligomeric_count     1 
# 
_pdbx_struct_assembly_gen.assembly_id       1 
_pdbx_struct_assembly_gen.oper_expression   1 
_pdbx_struct_assembly_gen.asym_id_list      A,B,C 
# 
_pdbx_struct_oper_list.id                   1 
_pdbx_struct_oper_list.type                 'identity operation' 
_pdbx_struct_oper_list.name                 1_555 
_pdbx_struct_oper_list.symmetry_operation   x,y,z 
_pdbx_struct_oper_list.matrix[1][1]         1.0000000000 
_pdbx_struct_oper_list.matrix[1][2]         0.0000000000 
_pdbx_struct_oper_list.matrix[1][3]         0.0000000000 
_pdbx_struct_oper_list.vector[1]            0.0000000000 
_pdbx_struct_oper_list.matrix[2][1]         0.0000000000 
_pdbx_struct_oper_list.matrix[2][2]         1.0000000000 
_pdbx_struct_oper_list.matrix[2][3]         0.0000000000 
_pdbx_struct_oper_list.vector[2]            0.0000000000 
_pdbx_struct_oper_list.matrix[3][1]         0.0000000000 
_pdbx_struct_oper_list.matrix[3][2]         0.0000000000 
_pdbx_struct_oper_list.matrix[3][3]         1.0000000000 
_pdbx_struct_oper_list.vector[3]            0.0000000000 
# 
loop_
_struct_conf.conf_type_id 
_struct_conf.id 
_struct_conf.pdbx_PDB_helix_id 
_struct_conf.beg_label_comp_id 
_struct_conf.beg_label_asym_id 
_struct_conf.beg_label_seq_id 
_struct_conf.pdbx_beg_PDB_ins_code 
_struct_conf.end_label_comp_id 
_struct_conf.end_label_asym_id 
_struct_conf.end_label_seq_id 
_struct_conf.pdbx_end_PDB_ins_code 
_struct_conf.beg_auth_comp_id 
_struct_conf.beg_auth_asym_id 
_struct_conf.beg_auth_seq_id 
_struct_conf.end_auth_comp_id 
_struct_conf.end_auth_asym_id 
_struct_conf.end_auth_seq_id 
_struct_conf.pdbx_PDB_helix_class 
_struct_conf.details 
_struct_conf.pdbx_PDB_helix_length 
HELX_P HELX_P1 AA1 GLU A 9   ? THR A 20  ? GLU A 48  THR A 59  1 ? 12 
HELX_P HELX_P2 AA2 GLY A 94  ? ALA A 100 ? GLY A 133 ALA A 139 1 ? 7  
HELX_P HELX_P3 AA3 PRO A 149 ? GLN A 152 ? PRO A 188 GLN A 191 5 ? 4  
HELX_P HELX_P4 AA4 ASN A 161 ? ASN A 172 ? ASN A 200 ASN A 211 1 ? 12 
# 
_struct_conf_type.id          HELX_P 
_struct_conf_type.criteria    ? 
_struct_conf_type.reference   ? 
# 
loop_
_struct_mon_prot_cis.pdbx_id 
_struct_mon_prot_cis.label_comp_id 
_struct_mon_prot_cis.label_seq_id 
_struct_mon_prot_cis.label_asym_id 
_struct_mon_prot_cis.label_alt_id 
_struct_mon_prot_cis.pdbx_PDB_ins_code 
_struct_mon_prot_cis.auth_comp_id 
_struct_mon_prot_cis.auth_seq_id 
_struct_mon_prot_cis.auth_asym_id 
_struct_mon_prot_cis.pdbx_label_comp_id_2 
_struct_mon_prot_cis.pdbx_label_seq_id_2 
_struct_mon_prot_cis.pdbx_label_asym_id_2 
_struct_mon_prot_cis.pdbx_PDB_ins_code_2 
_struct_mon_prot_cis.pdbx_auth_comp_id_2 
_struct_mon_prot_cis.pdbx_auth_seq_id_2 
_struct_mon_prot_cis.pdbx_auth_asym_id_2 
_struct_mon_prot_cis.pdbx_PDB_model_num 
_struct_mon_prot_cis.pdbx_omega_angle 
1 PHE 33 A . ? PHE 72  A PRO 34 A ? PRO 73  A 1 -7.84  
2 SER 90 A . ? SER 129 A PRO 91 A ? PRO 130 A 1 -15.85 
# 
loop_
_struct_sheet.id 
_struct_sheet.type 
_struct_sheet.number_strands 
_struct_sheet.details 
AA1 ? 3 ? 
AA2 ? 5 ? 
AA3 ? 4 ? 
AA4 ? 3 ? 
AA5 ? 2 ? 
# 
loop_
_struct_sheet_order.sheet_id 
_struct_sheet_order.range_id_1 
_struct_sheet_order.range_id_2 
_struct_sheet_order.offset 
_struct_sheet_order.sense 
AA1 1 2 ? anti-parallel 
AA1 2 3 ? anti-parallel 
AA2 1 2 ? parallel      
AA2 2 3 ? anti-parallel 
AA2 3 4 ? anti-parallel 
AA2 4 5 ? anti-parallel 
AA3 1 2 ? anti-parallel 
AA3 2 3 ? anti-parallel 
AA3 3 4 ? anti-parallel 
AA4 1 2 ? anti-parallel 
AA4 2 3 ? parallel      
AA5 1 2 ? anti-parallel 
# 
loop_
_struct_sheet_range.sheet_id 
_struct_sheet_range.id 
_struct_sheet_range.beg_label_comp_id 
_struct_sheet_range.beg_label_asym_id 
_struct_sheet_range.beg_label_seq_id 
_struct_sheet_range.pdbx_beg_PDB_ins_code 
_struct_sheet_range.end_label_comp_id 
_struct_sheet_range.end_label_asym_id 
_struct_sheet_range.end_label_seq_id 
_struct_sheet_range.pdbx_end_PDB_ins_code 
_struct_sheet_range.beg_auth_comp_id 
_struct_sheet_range.beg_auth_asym_id 
_struct_sheet_range.beg_auth_seq_id 
_struct_sheet_range.end_auth_comp_id 
_struct_sheet_range.end_auth_asym_id 
_struct_sheet_range.end_auth_seq_id 
AA1 1 ARG A 4   ? LEU A 7   ? ARG A 43  LEU A 46  
AA1 2 LYS A 37  ? SER A 41  ? LYS A 76  SER A 80  
AA1 3 VAL A 102 ? SER A 103 ? VAL A 141 SER A 142 
AA2 1 GLU A 22  ? ILE A 24  ? GLU A 61  ILE A 63  
AA2 2 PHE A 153 ? VAL A 156 ? PHE A 192 VAL A 195 
AA2 3 LYS A 126 ? ARG A 135 ? LYS A 165 ARG A 174 
AA2 4 MET A 48  ? ALA A 57  ? MET A 87  ALA A 96  
AA2 5 ASN A 92  ? PHE A 93  ? ASN A 131 PHE A 132 
AA3 1 TYR A 85  ? ILE A 86  ? TYR A 124 ILE A 125 
AA3 2 MET A 48  ? ALA A 57  ? MET A 87  ALA A 96  
AA3 3 LYS A 126 ? ARG A 135 ? LYS A 165 ARG A 174 
AA3 4 ILE A 143 ? CYS A 147 ? ILE A 182 CYS A 186 
AA4 1 ARG A 30  ? ARG A 31  ? ARG A 69  ARG A 70  
AA4 2 LYS A 108 ? THR A 110 ? LYS A 147 THR A 149 
AA4 3 ILE A 119 ? MET A 120 ? ILE A 158 MET A 159 
AA5 1 ARG A 62  ? VAL A 66  ? ARG A 101 VAL A 105 
AA5 2 GLU A 69  ? GLY A 74  ? GLU A 108 GLY A 113 
# 
loop_
_pdbx_struct_sheet_hbond.sheet_id 
_pdbx_struct_sheet_hbond.range_id_1 
_pdbx_struct_sheet_hbond.range_id_2 
_pdbx_struct_sheet_hbond.range_1_label_atom_id 
_pdbx_struct_sheet_hbond.range_1_label_comp_id 
_pdbx_struct_sheet_hbond.range_1_label_asym_id 
_pdbx_struct_sheet_hbond.range_1_label_seq_id 
_pdbx_struct_sheet_hbond.range_1_PDB_ins_code 
_pdbx_struct_sheet_hbond.range_1_auth_atom_id 
_pdbx_struct_sheet_hbond.range_1_auth_comp_id 
_pdbx_struct_sheet_hbond.range_1_auth_asym_id 
_pdbx_struct_sheet_hbond.range_1_auth_seq_id 
_pdbx_struct_sheet_hbond.range_2_label_atom_id 
_pdbx_struct_sheet_hbond.range_2_label_comp_id 
_pdbx_struct_sheet_hbond.range_2_label_asym_id 
_pdbx_struct_sheet_hbond.range_2_label_seq_id 
_pdbx_struct_sheet_hbond.range_2_PDB_ins_code 
_pdbx_struct_sheet_hbond.range_2_auth_atom_id 
_pdbx_struct_sheet_hbond.range_2_auth_comp_id 
_pdbx_struct_sheet_hbond.range_2_auth_asym_id 
_pdbx_struct_sheet_hbond.range_2_auth_seq_id 
AA1 1 2 N ARG A 4   ? N ARG A 43  O SER A 41  ? O SER A 80  
AA1 2 3 N VAL A 38  ? N VAL A 77  O VAL A 102 ? O VAL A 141 
AA2 1 2 N MET A 23  ? N MET A 62  O VAL A 156 ? O VAL A 195 
AA2 2 3 O PHE A 153 ? O PHE A 192 N TYR A 127 ? N TYR A 166 
AA2 3 4 O VAL A 134 ? O VAL A 173 N SER A 50  ? N SER A 89  
AA2 4 5 N TYR A 49  ? N TYR A 88  O ASN A 92  ? O ASN A 131 
AA3 1 2 O TYR A 85  ? O TYR A 124 N LEU A 53  ? N LEU A 92  
AA3 2 3 N SER A 50  ? N SER A 89  O VAL A 134 ? O VAL A 173 
AA3 3 4 N ILE A 131 ? N ILE A 170 O HIS A 146 ? O HIS A 185 
AA4 1 2 N ARG A 30  ? N ARG A 69  O LEU A 109 ? O LEU A 148 
AA4 2 3 N LYS A 108 ? N LYS A 147 O ILE A 119 ? O ILE A 158 
AA5 1 2 N VAL A 66  ? N VAL A 105 O GLU A 69  ? O GLU A 108 
# 
_struct_site.id                   AC1 
_struct_site.pdbx_evidence_code   Software 
_struct_site.pdbx_auth_asym_id    A 
_struct_site.pdbx_auth_comp_id    O1J 
_struct_site.pdbx_auth_seq_id     301 
_struct_site.pdbx_auth_ins_code   ? 
_struct_site.pdbx_num_residues    8 
_struct_site.details              'binding site for residue O1J A 301' 
# 
loop_
_struct_site_gen.id 
_struct_site_gen.site_id 
_struct_site_gen.pdbx_num_res 
_struct_site_gen.label_comp_id 
_struct_site_gen.label_asym_id 
_struct_site_gen.label_seq_id 
_struct_site_gen.pdbx_auth_ins_code 
_struct_site_gen.auth_comp_id 
_struct_site_gen.auth_asym_id 
_struct_site_gen.auth_seq_id 
_struct_site_gen.label_atom_id 
_struct_site_gen.label_alt_id 
_struct_site_gen.symmetry 
_struct_site_gen.details 
1 AC1 8 GLU A 2   ? GLU A 41  . ? 6_555 ? 
2 AC1 8 LEU A 3   ? LEU A 42  . ? 6_555 ? 
3 AC1 8 LEU A 43  ? LEU A 82  . ? 1_555 ? 
4 AC1 8 TYR A 49  ? TYR A 88  . ? 1_555 ? 
5 AC1 8 ILE A 133 ? ILE A 172 . ? 1_555 ? 
6 AC1 8 ARG A 135 ? ARG A 174 . ? 1_555 ? 
7 AC1 8 MET A 142 ? MET A 181 . ? 1_555 ? 
8 AC1 8 THR A 144 ? THR A 183 . ? 1_555 ? 
# 
loop_
_pdbx_validate_close_contact.id 
_pdbx_validate_close_contact.PDB_model_num 
_pdbx_validate_close_contact.auth_atom_id_1 
_pdbx_validate_close_contact.auth_asym_id_1 
_pdbx_validate_close_contact.auth_comp_id_1 
_pdbx_validate_close_contact.auth_seq_id_1 
_pdbx_validate_close_contact.PDB_ins_code_1 
_pdbx_validate_close_contact.label_alt_id_1 
_pdbx_validate_close_contact.auth_atom_id_2 
_pdbx_validate_close_contact.auth_asym_id_2 
_pdbx_validate_close_contact.auth_comp_id_2 
_pdbx_validate_close_contact.auth_seq_id_2 
_pdbx_validate_close_contact.PDB_ins_code_2 
_pdbx_validate_close_contact.label_alt_id_2 
_pdbx_validate_close_contact.dist 
1 1 NH2 A ARG 43  ? ? O A HOH 401 ? ? 2.13 
2 1 NH1 A ARG 43  ? ? O A HOH 402 ? ? 2.15 
3 1 NH2 A ARG 101 ? ? O A HOH 403 ? ? 2.16 
# 
_pdbx_validate_symm_contact.id                1 
_pdbx_validate_symm_contact.PDB_model_num     1 
_pdbx_validate_symm_contact.auth_atom_id_1    O 
_pdbx_validate_symm_contact.auth_asym_id_1    A 
_pdbx_validate_symm_contact.auth_comp_id_1    HOH 
_pdbx_validate_symm_contact.auth_seq_id_1     540 
_pdbx_validate_symm_contact.PDB_ins_code_1    ? 
_pdbx_validate_symm_contact.label_alt_id_1    ? 
_pdbx_validate_symm_contact.site_symmetry_1   1_555 
_pdbx_validate_symm_contact.auth_atom_id_2    O 
_pdbx_validate_symm_contact.auth_asym_id_2    A 
_pdbx_validate_symm_contact.auth_comp_id_2    HOH 
_pdbx_validate_symm_contact.auth_seq_id_2     549 
_pdbx_validate_symm_contact.PDB_ins_code_2    ? 
_pdbx_validate_symm_contact.label_alt_id_2    ? 
_pdbx_validate_symm_contact.site_symmetry_2   4_555 
_pdbx_validate_symm_contact.dist              1.98 
# 
loop_
_pdbx_validate_torsion.id 
_pdbx_validate_torsion.PDB_model_num 
_pdbx_validate_torsion.auth_comp_id 
_pdbx_validate_torsion.auth_asym_id 
_pdbx_validate_torsion.auth_seq_id 
_pdbx_validate_torsion.PDB_ins_code 
_pdbx_validate_torsion.label_alt_id 
_pdbx_validate_torsion.phi 
_pdbx_validate_torsion.psi 
1 1 THR A 59  ? ? 79.18   110.85 
2 1 ASN A 99  ? ? -97.66  32.39  
3 1 PHE A 143 ? ? -102.68 50.12  
4 1 PHE A 143 ? ? -97.43  50.12  
5 1 LEU A 152 ? ? -47.71  45.21  
# 
_phasing.method   MR 
# 
_pdbx_entry_details.entry_id                 5QSK 
_pdbx_entry_details.has_ligand_of_interest   Y 
_pdbx_entry_details.compound_details         ? 
_pdbx_entry_details.source_details           ? 
_pdbx_entry_details.nonpolymer_details       ? 
_pdbx_entry_details.sequence_details         ? 
# 
_pdbx_distant_solvent_atoms.id                                1 
_pdbx_distant_solvent_atoms.PDB_model_num                     1 
_pdbx_distant_solvent_atoms.auth_atom_id                      O 
_pdbx_distant_solvent_atoms.label_alt_id                      ? 
_pdbx_distant_solvent_atoms.auth_asym_id                      A 
_pdbx_distant_solvent_atoms.auth_comp_id                      HOH 
_pdbx_distant_solvent_atoms.auth_seq_id                       568 
_pdbx_distant_solvent_atoms.PDB_ins_code                      ? 
_pdbx_distant_solvent_atoms.neighbor_macromolecule_distance   6.63 
_pdbx_distant_solvent_atoms.neighbor_ligand_distance          . 
# 
_pdbx_unobs_or_zero_occ_residues.id               1 
_pdbx_unobs_or_zero_occ_residues.PDB_model_num    1 
_pdbx_unobs_or_zero_occ_residues.polymer_flag     Y 
_pdbx_unobs_or_zero_occ_residues.occupancy_flag   1 
_pdbx_unobs_or_zero_occ_residues.auth_asym_id     A 
_pdbx_unobs_or_zero_occ_residues.auth_comp_id     GLY 
_pdbx_unobs_or_zero_occ_residues.auth_seq_id      40 
_pdbx_unobs_or_zero_occ_residues.PDB_ins_code     ? 
_pdbx_unobs_or_zero_occ_residues.label_asym_id    A 
_pdbx_unobs_or_zero_occ_residues.label_comp_id    GLY 
_pdbx_unobs_or_zero_occ_residues.label_seq_id     1 
# 
loop_
_chem_comp_atom.comp_id 
_chem_comp_atom.atom_id 
_chem_comp_atom.type_symbol 
_chem_comp_atom.pdbx_aromatic_flag 
_chem_comp_atom.pdbx_stereo_config 
_chem_comp_atom.pdbx_ordinal 
ALA N    N N N 1   
ALA CA   C N S 2   
ALA C    C N N 3   
ALA O    O N N 4   
ALA CB   C N N 5   
ALA OXT  O N N 6   
ALA H    H N N 7   
ALA H2   H N N 8   
ALA HA   H N N 9   
ALA HB1  H N N 10  
ALA HB2  H N N 11  
ALA HB3  H N N 12  
ALA HXT  H N N 13  
ARG N    N N N 14  
ARG CA   C N S 15  
ARG C    C N N 16  
ARG O    O N N 17  
ARG CB   C N N 18  
ARG CG   C N N 19  
ARG CD   C N N 20  
ARG NE   N N N 21  
ARG CZ   C N N 22  
ARG NH1  N N N 23  
ARG NH2  N N N 24  
ARG OXT  O N N 25  
ARG H    H N N 26  
ARG H2   H N N 27  
ARG HA   H N N 28  
ARG HB2  H N N 29  
ARG HB3  H N N 30  
ARG HG2  H N N 31  
ARG HG3  H N N 32  
ARG HD2  H N N 33  
ARG HD3  H N N 34  
ARG HE   H N N 35  
ARG HH11 H N N 36  
ARG HH12 H N N 37  
ARG HH21 H N N 38  
ARG HH22 H N N 39  
ARG HXT  H N N 40  
ASN N    N N N 41  
ASN CA   C N S 42  
ASN C    C N N 43  
ASN O    O N N 44  
ASN CB   C N N 45  
ASN CG   C N N 46  
ASN OD1  O N N 47  
ASN ND2  N N N 48  
ASN OXT  O N N 49  
ASN H    H N N 50  
ASN H2   H N N 51  
ASN HA   H N N 52  
ASN HB2  H N N 53  
ASN HB3  H N N 54  
ASN HD21 H N N 55  
ASN HD22 H N N 56  
ASN HXT  H N N 57  
ASP N    N N N 58  
ASP CA   C N S 59  
ASP C    C N N 60  
ASP O    O N N 61  
ASP CB   C N N 62  
ASP CG   C N N 63  
ASP OD1  O N N 64  
ASP OD2  O N N 65  
ASP OXT  O N N 66  
ASP H    H N N 67  
ASP H2   H N N 68  
ASP HA   H N N 69  
ASP HB2  H N N 70  
ASP HB3  H N N 71  
ASP HD2  H N N 72  
ASP HXT  H N N 73  
CYS N    N N N 74  
CYS CA   C N R 75  
CYS C    C N N 76  
CYS O    O N N 77  
CYS CB   C N N 78  
CYS SG   S N N 79  
CYS OXT  O N N 80  
CYS H    H N N 81  
CYS H2   H N N 82  
CYS HA   H N N 83  
CYS HB2  H N N 84  
CYS HB3  H N N 85  
CYS HG   H N N 86  
CYS HXT  H N N 87  
GLN N    N N N 88  
GLN CA   C N S 89  
GLN C    C N N 90  
GLN O    O N N 91  
GLN CB   C N N 92  
GLN CG   C N N 93  
GLN CD   C N N 94  
GLN OE1  O N N 95  
GLN NE2  N N N 96  
GLN OXT  O N N 97  
GLN H    H N N 98  
GLN H2   H N N 99  
GLN HA   H N N 100 
GLN HB2  H N N 101 
GLN HB3  H N N 102 
GLN HG2  H N N 103 
GLN HG3  H N N 104 
GLN HE21 H N N 105 
GLN HE22 H N N 106 
GLN HXT  H N N 107 
GLU N    N N N 108 
GLU CA   C N S 109 
GLU C    C N N 110 
GLU O    O N N 111 
GLU CB   C N N 112 
GLU CG   C N N 113 
GLU CD   C N N 114 
GLU OE1  O N N 115 
GLU OE2  O N N 116 
GLU OXT  O N N 117 
GLU H    H N N 118 
GLU H2   H N N 119 
GLU HA   H N N 120 
GLU HB2  H N N 121 
GLU HB3  H N N 122 
GLU HG2  H N N 123 
GLU HG3  H N N 124 
GLU HE2  H N N 125 
GLU HXT  H N N 126 
GLY N    N N N 127 
GLY CA   C N N 128 
GLY C    C N N 129 
GLY O    O N N 130 
GLY OXT  O N N 131 
GLY H    H N N 132 
GLY H2   H N N 133 
GLY HA2  H N N 134 
GLY HA3  H N N 135 
GLY HXT  H N N 136 
HIS N    N N N 137 
HIS CA   C N S 138 
HIS C    C N N 139 
HIS O    O N N 140 
HIS CB   C N N 141 
HIS CG   C Y N 142 
HIS ND1  N Y N 143 
HIS CD2  C Y N 144 
HIS CE1  C Y N 145 
HIS NE2  N Y N 146 
HIS OXT  O N N 147 
HIS H    H N N 148 
HIS H2   H N N 149 
HIS HA   H N N 150 
HIS HB2  H N N 151 
HIS HB3  H N N 152 
HIS HD1  H N N 153 
HIS HD2  H N N 154 
HIS HE1  H N N 155 
HIS HE2  H N N 156 
HIS HXT  H N N 157 
HOH O    O N N 158 
HOH H1   H N N 159 
HOH H2   H N N 160 
ILE N    N N N 161 
ILE CA   C N S 162 
ILE C    C N N 163 
ILE O    O N N 164 
ILE CB   C N S 165 
ILE CG1  C N N 166 
ILE CG2  C N N 167 
ILE CD1  C N N 168 
ILE OXT  O N N 169 
ILE H    H N N 170 
ILE H2   H N N 171 
ILE HA   H N N 172 
ILE HB   H N N 173 
ILE HG12 H N N 174 
ILE HG13 H N N 175 
ILE HG21 H N N 176 
ILE HG22 H N N 177 
ILE HG23 H N N 178 
ILE HD11 H N N 179 
ILE HD12 H N N 180 
ILE HD13 H N N 181 
ILE HXT  H N N 182 
LEU N    N N N 183 
LEU CA   C N S 184 
LEU C    C N N 185 
LEU O    O N N 186 
LEU CB   C N N 187 
LEU CG   C N N 188 
LEU CD1  C N N 189 
LEU CD2  C N N 190 
LEU OXT  O N N 191 
LEU H    H N N 192 
LEU H2   H N N 193 
LEU HA   H N N 194 
LEU HB2  H N N 195 
LEU HB3  H N N 196 
LEU HG   H N N 197 
LEU HD11 H N N 198 
LEU HD12 H N N 199 
LEU HD13 H N N 200 
LEU HD21 H N N 201 
LEU HD22 H N N 202 
LEU HD23 H N N 203 
LEU HXT  H N N 204 
LYS N    N N N 205 
LYS CA   C N S 206 
LYS C    C N N 207 
LYS O    O N N 208 
LYS CB   C N N 209 
LYS CG   C N N 210 
LYS CD   C N N 211 
LYS CE   C N N 212 
LYS NZ   N N N 213 
LYS OXT  O N N 214 
LYS H    H N N 215 
LYS H2   H N N 216 
LYS HA   H N N 217 
LYS HB2  H N N 218 
LYS HB3  H N N 219 
LYS HG2  H N N 220 
LYS HG3  H N N 221 
LYS HD2  H N N 222 
LYS HD3  H N N 223 
LYS HE2  H N N 224 
LYS HE3  H N N 225 
LYS HZ1  H N N 226 
LYS HZ2  H N N 227 
LYS HZ3  H N N 228 
LYS HXT  H N N 229 
MET N    N N N 230 
MET CA   C N S 231 
MET C    C N N 232 
MET O    O N N 233 
MET CB   C N N 234 
MET CG   C N N 235 
MET SD   S N N 236 
MET CE   C N N 237 
MET OXT  O N N 238 
MET H    H N N 239 
MET H2   H N N 240 
MET HA   H N N 241 
MET HB2  H N N 242 
MET HB3  H N N 243 
MET HG2  H N N 244 
MET HG3  H N N 245 
MET HE1  H N N 246 
MET HE2  H N N 247 
MET HE3  H N N 248 
MET HXT  H N N 249 
O1J C4   C Y N 250 
O1J C5   C Y N 251 
O1J C6   C Y N 252 
O1J C7   C Y N 253 
O1J C8   C Y N 254 
O1J C    C N N 255 
O1J O    O N N 256 
O1J C1   C N N 257 
O1J C2   C N N 258 
O1J C3   C Y N 259 
O1J O1   O N N 260 
O1J O2   O N N 261 
O1J H1   H N N 262 
O1J H2   H N N 263 
O1J H3   H N N 264 
O1J H4   H N N 265 
O1J H5   H N N 266 
O1J H6   H N N 267 
O1J H7   H N N 268 
O1J H8   H N N 269 
O1J H9   H N N 270 
O1J H10  H N N 271 
PHE N    N N N 272 
PHE CA   C N S 273 
PHE C    C N N 274 
PHE O    O N N 275 
PHE CB   C N N 276 
PHE CG   C Y N 277 
PHE CD1  C Y N 278 
PHE CD2  C Y N 279 
PHE CE1  C Y N 280 
PHE CE2  C Y N 281 
PHE CZ   C Y N 282 
PHE OXT  O N N 283 
PHE H    H N N 284 
PHE H2   H N N 285 
PHE HA   H N N 286 
PHE HB2  H N N 287 
PHE HB3  H N N 288 
PHE HD1  H N N 289 
PHE HD2  H N N 290 
PHE HE1  H N N 291 
PHE HE2  H N N 292 
PHE HZ   H N N 293 
PHE HXT  H N N 294 
PRO N    N N N 295 
PRO CA   C N S 296 
PRO C    C N N 297 
PRO O    O N N 298 
PRO CB   C N N 299 
PRO CG   C N N 300 
PRO CD   C N N 301 
PRO OXT  O N N 302 
PRO H    H N N 303 
PRO HA   H N N 304 
PRO HB2  H N N 305 
PRO HB3  H N N 306 
PRO HG2  H N N 307 
PRO HG3  H N N 308 
PRO HD2  H N N 309 
PRO HD3  H N N 310 
PRO HXT  H N N 311 
SER N    N N N 312 
SER CA   C N S 313 
SER C    C N N 314 
SER O    O N N 315 
SER CB   C N N 316 
SER OG   O N N 317 
SER OXT  O N N 318 
SER H    H N N 319 
SER H2   H N N 320 
SER HA   H N N 321 
SER HB2  H N N 322 
SER HB3  H N N 323 
SER HG   H N N 324 
SER HXT  H N N 325 
THR N    N N N 326 
THR CA   C N S 327 
THR C    C N N 328 
THR O    O N N 329 
THR CB   C N R 330 
THR OG1  O N N 331 
THR CG2  C N N 332 
THR OXT  O N N 333 
THR H    H N N 334 
THR H2   H N N 335 
THR HA   H N N 336 
THR HB   H N N 337 
THR HG1  H N N 338 
THR HG21 H N N 339 
THR HG22 H N N 340 
THR HG23 H N N 341 
THR HXT  H N N 342 
TRP N    N N N 343 
TRP CA   C N S 344 
TRP C    C N N 345 
TRP O    O N N 346 
TRP CB   C N N 347 
TRP CG   C Y N 348 
TRP CD1  C Y N 349 
TRP CD2  C Y N 350 
TRP NE1  N Y N 351 
TRP CE2  C Y N 352 
TRP CE3  C Y N 353 
TRP CZ2  C Y N 354 
TRP CZ3  C Y N 355 
TRP CH2  C Y N 356 
TRP OXT  O N N 357 
TRP H    H N N 358 
TRP H2   H N N 359 
TRP HA   H N N 360 
TRP HB2  H N N 361 
TRP HB3  H N N 362 
TRP HD1  H N N 363 
TRP HE1  H N N 364 
TRP HE3  H N N 365 
TRP HZ2  H N N 366 
TRP HZ3  H N N 367 
TRP HH2  H N N 368 
TRP HXT  H N N 369 
TYR N    N N N 370 
TYR CA   C N S 371 
TYR C    C N N 372 
TYR O    O N N 373 
TYR CB   C N N 374 
TYR CG   C Y N 375 
TYR CD1  C Y N 376 
TYR CD2  C Y N 377 
TYR CE1  C Y N 378 
TYR CE2  C Y N 379 
TYR CZ   C Y N 380 
TYR OH   O N N 381 
TYR OXT  O N N 382 
TYR H    H N N 383 
TYR H2   H N N 384 
TYR HA   H N N 385 
TYR HB2  H N N 386 
TYR HB3  H N N 387 
TYR HD1  H N N 388 
TYR HD2  H N N 389 
TYR HE1  H N N 390 
TYR HE2  H N N 391 
TYR HH   H N N 392 
TYR HXT  H N N 393 
VAL N    N N N 394 
VAL CA   C N S 395 
VAL C    C N N 396 
VAL O    O N N 397 
VAL CB   C N N 398 
VAL CG1  C N N 399 
VAL CG2  C N N 400 
VAL OXT  O N N 401 
VAL H    H N N 402 
VAL H2   H N N 403 
VAL HA   H N N 404 
VAL HB   H N N 405 
VAL HG11 H N N 406 
VAL HG12 H N N 407 
VAL HG13 H N N 408 
VAL HG21 H N N 409 
VAL HG22 H N N 410 
VAL HG23 H N N 411 
VAL HXT  H N N 412 
# 
loop_
_chem_comp_bond.comp_id 
_chem_comp_bond.atom_id_1 
_chem_comp_bond.atom_id_2 
_chem_comp_bond.value_order 
_chem_comp_bond.pdbx_aromatic_flag 
_chem_comp_bond.pdbx_stereo_config 
_chem_comp_bond.pdbx_ordinal 
ALA N   CA   sing N N 1   
ALA N   H    sing N N 2   
ALA N   H2   sing N N 3   
ALA CA  C    sing N N 4   
ALA CA  CB   sing N N 5   
ALA CA  HA   sing N N 6   
ALA C   O    doub N N 7   
ALA C   OXT  sing N N 8   
ALA CB  HB1  sing N N 9   
ALA CB  HB2  sing N N 10  
ALA CB  HB3  sing N N 11  
ALA OXT HXT  sing N N 12  
ARG N   CA   sing N N 13  
ARG N   H    sing N N 14  
ARG N   H2   sing N N 15  
ARG CA  C    sing N N 16  
ARG CA  CB   sing N N 17  
ARG CA  HA   sing N N 18  
ARG C   O    doub N N 19  
ARG C   OXT  sing N N 20  
ARG CB  CG   sing N N 21  
ARG CB  HB2  sing N N 22  
ARG CB  HB3  sing N N 23  
ARG CG  CD   sing N N 24  
ARG CG  HG2  sing N N 25  
ARG CG  HG3  sing N N 26  
ARG CD  NE   sing N N 27  
ARG CD  HD2  sing N N 28  
ARG CD  HD3  sing N N 29  
ARG NE  CZ   sing N N 30  
ARG NE  HE   sing N N 31  
ARG CZ  NH1  sing N N 32  
ARG CZ  NH2  doub N N 33  
ARG NH1 HH11 sing N N 34  
ARG NH1 HH12 sing N N 35  
ARG NH2 HH21 sing N N 36  
ARG NH2 HH22 sing N N 37  
ARG OXT HXT  sing N N 38  
ASN N   CA   sing N N 39  
ASN N   H    sing N N 40  
ASN N   H2   sing N N 41  
ASN CA  C    sing N N 42  
ASN CA  CB   sing N N 43  
ASN CA  HA   sing N N 44  
ASN C   O    doub N N 45  
ASN C   OXT  sing N N 46  
ASN CB  CG   sing N N 47  
ASN CB  HB2  sing N N 48  
ASN CB  HB3  sing N N 49  
ASN CG  OD1  doub N N 50  
ASN CG  ND2  sing N N 51  
ASN ND2 HD21 sing N N 52  
ASN ND2 HD22 sing N N 53  
ASN OXT HXT  sing N N 54  
ASP N   CA   sing N N 55  
ASP N   H    sing N N 56  
ASP N   H2   sing N N 57  
ASP CA  C    sing N N 58  
ASP CA  CB   sing N N 59  
ASP CA  HA   sing N N 60  
ASP C   O    doub N N 61  
ASP C   OXT  sing N N 62  
ASP CB  CG   sing N N 63  
ASP CB  HB2  sing N N 64  
ASP CB  HB3  sing N N 65  
ASP CG  OD1  doub N N 66  
ASP CG  OD2  sing N N 67  
ASP OD2 HD2  sing N N 68  
ASP OXT HXT  sing N N 69  
CYS N   CA   sing N N 70  
CYS N   H    sing N N 71  
CYS N   H2   sing N N 72  
CYS CA  C    sing N N 73  
CYS CA  CB   sing N N 74  
CYS CA  HA   sing N N 75  
CYS C   O    doub N N 76  
CYS C   OXT  sing N N 77  
CYS CB  SG   sing N N 78  
CYS CB  HB2  sing N N 79  
CYS CB  HB3  sing N N 80  
CYS SG  HG   sing N N 81  
CYS OXT HXT  sing N N 82  
GLN N   CA   sing N N 83  
GLN N   H    sing N N 84  
GLN N   H2   sing N N 85  
GLN CA  C    sing N N 86  
GLN CA  CB   sing N N 87  
GLN CA  HA   sing N N 88  
GLN C   O    doub N N 89  
GLN C   OXT  sing N N 90  
GLN CB  CG   sing N N 91  
GLN CB  HB2  sing N N 92  
GLN CB  HB3  sing N N 93  
GLN CG  CD   sing N N 94  
GLN CG  HG2  sing N N 95  
GLN CG  HG3  sing N N 96  
GLN CD  OE1  doub N N 97  
GLN CD  NE2  sing N N 98  
GLN NE2 HE21 sing N N 99  
GLN NE2 HE22 sing N N 100 
GLN OXT HXT  sing N N 101 
GLU N   CA   sing N N 102 
GLU N   H    sing N N 103 
GLU N   H2   sing N N 104 
GLU CA  C    sing N N 105 
GLU CA  CB   sing N N 106 
GLU CA  HA   sing N N 107 
GLU C   O    doub N N 108 
GLU C   OXT  sing N N 109 
GLU CB  CG   sing N N 110 
GLU CB  HB2  sing N N 111 
GLU CB  HB3  sing N N 112 
GLU CG  CD   sing N N 113 
GLU CG  HG2  sing N N 114 
GLU CG  HG3  sing N N 115 
GLU CD  OE1  doub N N 116 
GLU CD  OE2  sing N N 117 
GLU OE2 HE2  sing N N 118 
GLU OXT HXT  sing N N 119 
GLY N   CA   sing N N 120 
GLY N   H    sing N N 121 
GLY N   H2   sing N N 122 
GLY CA  C    sing N N 123 
GLY CA  HA2  sing N N 124 
GLY CA  HA3  sing N N 125 
GLY C   O    doub N N 126 
GLY C   OXT  sing N N 127 
GLY OXT HXT  sing N N 128 
HIS N   CA   sing N N 129 
HIS N   H    sing N N 130 
HIS N   H2   sing N N 131 
HIS CA  C    sing N N 132 
HIS CA  CB   sing N N 133 
HIS CA  HA   sing N N 134 
HIS C   O    doub N N 135 
HIS C   OXT  sing N N 136 
HIS CB  CG   sing N N 137 
HIS CB  HB2  sing N N 138 
HIS CB  HB3  sing N N 139 
HIS CG  ND1  sing Y N 140 
HIS CG  CD2  doub Y N 141 
HIS ND1 CE1  doub Y N 142 
HIS ND1 HD1  sing N N 143 
HIS CD2 NE2  sing Y N 144 
HIS CD2 HD2  sing N N 145 
HIS CE1 NE2  sing Y N 146 
HIS CE1 HE1  sing N N 147 
HIS NE2 HE2  sing N N 148 
HIS OXT HXT  sing N N 149 
HOH O   H1   sing N N 150 
HOH O   H2   sing N N 151 
ILE N   CA   sing N N 152 
ILE N   H    sing N N 153 
ILE N   H2   sing N N 154 
ILE CA  C    sing N N 155 
ILE CA  CB   sing N N 156 
ILE CA  HA   sing N N 157 
ILE C   O    doub N N 158 
ILE C   OXT  sing N N 159 
ILE CB  CG1  sing N N 160 
ILE CB  CG2  sing N N 161 
ILE CB  HB   sing N N 162 
ILE CG1 CD1  sing N N 163 
ILE CG1 HG12 sing N N 164 
ILE CG1 HG13 sing N N 165 
ILE CG2 HG21 sing N N 166 
ILE CG2 HG22 sing N N 167 
ILE CG2 HG23 sing N N 168 
ILE CD1 HD11 sing N N 169 
ILE CD1 HD12 sing N N 170 
ILE CD1 HD13 sing N N 171 
ILE OXT HXT  sing N N 172 
LEU N   CA   sing N N 173 
LEU N   H    sing N N 174 
LEU N   H2   sing N N 175 
LEU CA  C    sing N N 176 
LEU CA  CB   sing N N 177 
LEU CA  HA   sing N N 178 
LEU C   O    doub N N 179 
LEU C   OXT  sing N N 180 
LEU CB  CG   sing N N 181 
LEU CB  HB2  sing N N 182 
LEU CB  HB3  sing N N 183 
LEU CG  CD1  sing N N 184 
LEU CG  CD2  sing N N 185 
LEU CG  HG   sing N N 186 
LEU CD1 HD11 sing N N 187 
LEU CD1 HD12 sing N N 188 
LEU CD1 HD13 sing N N 189 
LEU CD2 HD21 sing N N 190 
LEU CD2 HD22 sing N N 191 
LEU CD2 HD23 sing N N 192 
LEU OXT HXT  sing N N 193 
LYS N   CA   sing N N 194 
LYS N   H    sing N N 195 
LYS N   H2   sing N N 196 
LYS CA  C    sing N N 197 
LYS CA  CB   sing N N 198 
LYS CA  HA   sing N N 199 
LYS C   O    doub N N 200 
LYS C   OXT  sing N N 201 
LYS CB  CG   sing N N 202 
LYS CB  HB2  sing N N 203 
LYS CB  HB3  sing N N 204 
LYS CG  CD   sing N N 205 
LYS CG  HG2  sing N N 206 
LYS CG  HG3  sing N N 207 
LYS CD  CE   sing N N 208 
LYS CD  HD2  sing N N 209 
LYS CD  HD3  sing N N 210 
LYS CE  NZ   sing N N 211 
LYS CE  HE2  sing N N 212 
LYS CE  HE3  sing N N 213 
LYS NZ  HZ1  sing N N 214 
LYS NZ  HZ2  sing N N 215 
LYS NZ  HZ3  sing N N 216 
LYS OXT HXT  sing N N 217 
MET N   CA   sing N N 218 
MET N   H    sing N N 219 
MET N   H2   sing N N 220 
MET CA  C    sing N N 221 
MET CA  CB   sing N N 222 
MET CA  HA   sing N N 223 
MET C   O    doub N N 224 
MET C   OXT  sing N N 225 
MET CB  CG   sing N N 226 
MET CB  HB2  sing N N 227 
MET CB  HB3  sing N N 228 
MET CG  SD   sing N N 229 
MET CG  HG2  sing N N 230 
MET CG  HG3  sing N N 231 
MET SD  CE   sing N N 232 
MET CE  HE1  sing N N 233 
MET CE  HE2  sing N N 234 
MET CE  HE3  sing N N 235 
MET OXT HXT  sing N N 236 
O1J C7  C6   doub Y N 237 
O1J C7  C8   sing Y N 238 
O1J C6  C5   sing Y N 239 
O1J C8  C3   doub Y N 240 
O1J C5  C4   doub Y N 241 
O1J C3  C4   sing Y N 242 
O1J C3  C2   sing N N 243 
O1J C2  O2   sing N N 244 
O1J O2  C1   sing N N 245 
O1J C1  C    sing N N 246 
O1J C   O1   doub N N 247 
O1J C   O    sing N N 248 
O1J C4  H1   sing N N 249 
O1J C5  H2   sing N N 250 
O1J C6  H3   sing N N 251 
O1J C7  H4   sing N N 252 
O1J C8  H5   sing N N 253 
O1J O   H6   sing N N 254 
O1J C1  H7   sing N N 255 
O1J C1  H8   sing N N 256 
O1J C2  H9   sing N N 257 
O1J C2  H10  sing N N 258 
PHE N   CA   sing N N 259 
PHE N   H    sing N N 260 
PHE N   H2   sing N N 261 
PHE CA  C    sing N N 262 
PHE CA  CB   sing N N 263 
PHE CA  HA   sing N N 264 
PHE C   O    doub N N 265 
PHE C   OXT  sing N N 266 
PHE CB  CG   sing N N 267 
PHE CB  HB2  sing N N 268 
PHE CB  HB3  sing N N 269 
PHE CG  CD1  doub Y N 270 
PHE CG  CD2  sing Y N 271 
PHE CD1 CE1  sing Y N 272 
PHE CD1 HD1  sing N N 273 
PHE CD2 CE2  doub Y N 274 
PHE CD2 HD2  sing N N 275 
PHE CE1 CZ   doub Y N 276 
PHE CE1 HE1  sing N N 277 
PHE CE2 CZ   sing Y N 278 
PHE CE2 HE2  sing N N 279 
PHE CZ  HZ   sing N N 280 
PHE OXT HXT  sing N N 281 
PRO N   CA   sing N N 282 
PRO N   CD   sing N N 283 
PRO N   H    sing N N 284 
PRO CA  C    sing N N 285 
PRO CA  CB   sing N N 286 
PRO CA  HA   sing N N 287 
PRO C   O    doub N N 288 
PRO C   OXT  sing N N 289 
PRO CB  CG   sing N N 290 
PRO CB  HB2  sing N N 291 
PRO CB  HB3  sing N N 292 
PRO CG  CD   sing N N 293 
PRO CG  HG2  sing N N 294 
PRO CG  HG3  sing N N 295 
PRO CD  HD2  sing N N 296 
PRO CD  HD3  sing N N 297 
PRO OXT HXT  sing N N 298 
SER N   CA   sing N N 299 
SER N   H    sing N N 300 
SER N   H2   sing N N 301 
SER CA  C    sing N N 302 
SER CA  CB   sing N N 303 
SER CA  HA   sing N N 304 
SER C   O    doub N N 305 
SER C   OXT  sing N N 306 
SER CB  OG   sing N N 307 
SER CB  HB2  sing N N 308 
SER CB  HB3  sing N N 309 
SER OG  HG   sing N N 310 
SER OXT HXT  sing N N 311 
THR N   CA   sing N N 312 
THR N   H    sing N N 313 
THR N   H2   sing N N 314 
THR CA  C    sing N N 315 
THR CA  CB   sing N N 316 
THR CA  HA   sing N N 317 
THR C   O    doub N N 318 
THR C   OXT  sing N N 319 
THR CB  OG1  sing N N 320 
THR CB  CG2  sing N N 321 
THR CB  HB   sing N N 322 
THR OG1 HG1  sing N N 323 
THR CG2 HG21 sing N N 324 
THR CG2 HG22 sing N N 325 
THR CG2 HG23 sing N N 326 
THR OXT HXT  sing N N 327 
TRP N   CA   sing N N 328 
TRP N   H    sing N N 329 
TRP N   H2   sing N N 330 
TRP CA  C    sing N N 331 
TRP CA  CB   sing N N 332 
TRP CA  HA   sing N N 333 
TRP C   O    doub N N 334 
TRP C   OXT  sing N N 335 
TRP CB  CG   sing N N 336 
TRP CB  HB2  sing N N 337 
TRP CB  HB3  sing N N 338 
TRP CG  CD1  doub Y N 339 
TRP CG  CD2  sing Y N 340 
TRP CD1 NE1  sing Y N 341 
TRP CD1 HD1  sing N N 342 
TRP CD2 CE2  doub Y N 343 
TRP CD2 CE3  sing Y N 344 
TRP NE1 CE2  sing Y N 345 
TRP NE1 HE1  sing N N 346 
TRP CE2 CZ2  sing Y N 347 
TRP CE3 CZ3  doub Y N 348 
TRP CE3 HE3  sing N N 349 
TRP CZ2 CH2  doub Y N 350 
TRP CZ2 HZ2  sing N N 351 
TRP CZ3 CH2  sing Y N 352 
TRP CZ3 HZ3  sing N N 353 
TRP CH2 HH2  sing N N 354 
TRP OXT HXT  sing N N 355 
TYR N   CA   sing N N 356 
TYR N   H    sing N N 357 
TYR N   H2   sing N N 358 
TYR CA  C    sing N N 359 
TYR CA  CB   sing N N 360 
TYR CA  HA   sing N N 361 
TYR C   O    doub N N 362 
TYR C   OXT  sing N N 363 
TYR CB  CG   sing N N 364 
TYR CB  HB2  sing N N 365 
TYR CB  HB3  sing N N 366 
TYR CG  CD1  doub Y N 367 
TYR CG  CD2  sing Y N 368 
TYR CD1 CE1  sing Y N 369 
TYR CD1 HD1  sing N N 370 
TYR CD2 CE2  doub Y N 371 
TYR CD2 HD2  sing N N 372 
TYR CE1 CZ   doub Y N 373 
TYR CE1 HE1  sing N N 374 
TYR CE2 CZ   sing Y N 375 
TYR CE2 HE2  sing N N 376 
TYR CZ  OH   sing N N 377 
TYR OH  HH   sing N N 378 
TYR OXT HXT  sing N N 379 
VAL N   CA   sing N N 380 
VAL N   H    sing N N 381 
VAL N   H2   sing N N 382 
VAL CA  C    sing N N 383 
VAL CA  CB   sing N N 384 
VAL CA  HA   sing N N 385 
VAL C   O    doub N N 386 
VAL C   OXT  sing N N 387 
VAL CB  CG1  sing N N 388 
VAL CB  CG2  sing N N 389 
VAL CB  HB   sing N N 390 
VAL CG1 HG11 sing N N 391 
VAL CG1 HG12 sing N N 392 
VAL CG1 HG13 sing N N 393 
VAL CG2 HG21 sing N N 394 
VAL CG2 HG22 sing N N 395 
VAL CG2 HG23 sing N N 396 
VAL OXT HXT  sing N N 397 
# 
_pdbx_deposit_group.group_id            G_1002081 
_pdbx_deposit_group.group_description   
;Human Brachyury G177D variant screened against the DSI-poised Fragment Library by X-ray Crystallography at the XChem facility of Diamond Light Source beamline I04-1
;
_pdbx_deposit_group.group_title         'PanDDA analysis group deposition' 
_pdbx_deposit_group.group_type          'changed state' 
# 
_pdbx_entity_instance_feature.ordinal        1 
_pdbx_entity_instance_feature.comp_id        O1J 
_pdbx_entity_instance_feature.asym_id        ? 
_pdbx_entity_instance_feature.seq_num        ? 
_pdbx_entity_instance_feature.auth_comp_id   O1J 
_pdbx_entity_instance_feature.auth_asym_id   ? 
_pdbx_entity_instance_feature.auth_seq_num   ? 
_pdbx_entity_instance_feature.feature_type   'SUBJECT OF INVESTIGATION' 
_pdbx_entity_instance_feature.details        ? 
# 
_atom_sites.entry_id                    5QSK 
_atom_sites.fract_transf_matrix[1][1]   -0.00315424 
_atom_sites.fract_transf_matrix[1][2]   0.00765647 
_atom_sites.fract_transf_matrix[1][3]   0.00814015 
_atom_sites.fract_transf_matrix[2][1]   -0.01072465 
_atom_sites.fract_transf_matrix[2][2]   -0.00033274 
_atom_sites.fract_transf_matrix[2][3]   0.00443957 
_atom_sites.fract_transf_matrix[3][1]   0.00315738 
_atom_sites.fract_transf_matrix[3][2]   -0.00630588 
_atom_sites.fract_transf_matrix[3][3]   0.00715464 
_atom_sites.fract_transf_vector[1]      -0.181386 
_atom_sites.fract_transf_vector[2]      -0.366407 
_atom_sites.fract_transf_vector[3]      -0.017441 
# 
loop_
_atom_type.symbol 
C 
N 
O 
S 
# 
loop_
_atom_site.group_PDB 
_atom_site.id 
_atom_site.type_symbol 
_atom_site.label_atom_id 
_atom_site.label_alt_id 
_atom_site.label_comp_id 
_atom_site.label_asym_id 
_atom_site.label_entity_id 
_atom_site.label_seq_id 
_atom_site.pdbx_PDB_ins_code 
_atom_site.Cartn_x 
_atom_site.Cartn_y 
_atom_site.Cartn_z 
_atom_site.occupancy 
_atom_site.B_iso_or_equiv 
_atom_site.pdbx_formal_charge 
_atom_site.auth_seq_id 
_atom_site.auth_comp_id 
_atom_site.auth_asym_id 
_atom_site.auth_atom_id 
_atom_site.pdbx_PDB_model_num 
ATOM   1    N N   . GLU A 1 2   ? -21.844 -2.391  11.489  1.00 44.83 ?  41  GLU A N   1 
ATOM   2    C CA  . GLU A 1 2   ? -20.435 -2.275  11.898  1.00 41.36 ?  41  GLU A CA  1 
ATOM   3    C C   . GLU A 1 2   ? -19.597 -1.987  10.643  1.00 33.19 ?  41  GLU A C   1 
ATOM   4    O O   . GLU A 1 2   ? -19.736 -2.768  9.674   1.00 31.22 ?  41  GLU A O   1 
ATOM   5    C CB  . GLU A 1 2   ? -19.983 -3.591  12.540  1.00 53.57 ?  41  GLU A CB  1 
ATOM   6    C CG  . GLU A 1 2   ? -18.661 -3.510  13.292  1.00 61.30 ?  41  GLU A CG  1 
ATOM   7    C CD  . GLU A 1 2   ? -18.773 -3.238  14.791  1.00 70.21 ?  41  GLU A CD  1 
ATOM   8    O OE1 . GLU A 1 2   ? -17.896 -2.492  15.347  1.00 53.46 ?  41  GLU A OE1 1 
ATOM   9    O OE2 . GLU A 1 2   ? -19.730 -3.782  15.415  1.00 73.96 ?  41  GLU A OE2 1 
ATOM   10   N N   . LEU A 1 3   ? -18.703 -0.985  10.678  1.00 28.03 ?  42  LEU A N   1 
ATOM   11   C CA  . LEU A 1 3   ? -17.744 -0.772  9.563   1.00 24.81 ?  42  LEU A CA  1 
ATOM   12   C C   . LEU A 1 3   ? -16.796 -1.961  9.488   1.00 26.25 ?  42  LEU A C   1 
ATOM   13   O O   . LEU A 1 3   ? -16.163 -2.290  10.483  1.00 28.24 ?  42  LEU A O   1 
ATOM   14   C CB  . LEU A 1 3   ? -16.949 0.530   9.717   1.00 23.67 ?  42  LEU A CB  1 
ATOM   15   C CG  . LEU A 1 3   ? -15.853 0.751   8.676   1.00 26.20 ?  42  LEU A CG  1 
ATOM   16   C CD1 . LEU A 1 3   ? -16.402 0.863   7.272   1.00 28.21 ?  42  LEU A CD1 1 
ATOM   17   C CD2 . LEU A 1 3   ? -15.019 1.973   9.003   1.00 27.83 ?  42  LEU A CD2 1 
ATOM   18   N N   . ARG A 1 4   ? -16.689 -2.571  8.324   1.00 25.82 ?  43  ARG A N   1 
ATOM   19   C CA  . ARG A 1 4   ? -15.789 -3.713  8.065   1.00 26.76 ?  43  ARG A CA  1 
ATOM   20   C C   . ARG A 1 4   ? -15.055 -3.445  6.763   1.00 25.34 ?  43  ARG A C   1 
ATOM   21   O O   . ARG A 1 4   ? -15.717 -3.207  5.775   1.00 24.10 ?  43  ARG A O   1 
ATOM   22   C CB  . ARG A 1 4   ? -16.570 -5.023  7.965   1.00 32.72 ?  43  ARG A CB  1 
ATOM   23   C CG  . ARG A 1 4   ? -17.094 -5.551  9.294   1.00 39.26 ?  43  ARG A CG  1 
ATOM   24   C CD  . ARG A 1 4   ? -18.154 -6.617  9.078   1.00 47.55 ?  43  ARG A CD  1 
ATOM   25   N NE  . ARG A 1 4   ? -17.640 -7.732  8.297   1.00 49.12 ?  43  ARG A NE  1 
ATOM   26   C CZ  . ARG A 1 4   ? -17.249 -8.898  8.793   1.00 54.78 ?  43  ARG A CZ  1 
ATOM   27   N NH1 . ARG A 1 4   ? -16.820 -9.854  7.987   1.00 54.60 ?  43  ARG A NH1 1 
ATOM   28   N NH2 . ARG A 1 4   ? -17.299 -9.113  10.098  1.00 60.60 ?  43  ARG A NH2 1 
ATOM   29   N N   . VAL A 1 5   ? -13.729 -3.512  6.782   1.00 24.39 ?  44  VAL A N   1 
ATOM   30   C CA  . VAL A 1 5   ? -12.870 -3.352  5.586   1.00 22.68 ?  44  VAL A CA  1 
ATOM   31   C C   . VAL A 1 5   ? -12.096 -4.652  5.448   1.00 26.28 ?  44  VAL A C   1 
ATOM   32   O O   . VAL A 1 5   ? -11.354 -4.976  6.361   1.00 32.87 ?  44  VAL A O   1 
ATOM   33   C CB  . VAL A 1 5   ? -11.947 -2.133  5.716   1.00 22.24 ?  44  VAL A CB  1 
ATOM   34   C CG1 . VAL A 1 5   ? -11.083 -1.925  4.485   1.00 23.21 ?  44  VAL A CG1 1 
ATOM   35   C CG2 . VAL A 1 5   ? -12.754 -0.872  5.987   1.00 21.50 ?  44  VAL A CG2 1 
ATOM   36   N N   . GLY A 1 6   ? -12.325 -5.357  4.352   1.00 22.98 ?  45  GLY A N   1 
ATOM   37   C CA  . GLY A 1 6   ? -11.695 -6.673  4.135   1.00 23.68 ?  45  GLY A CA  1 
ATOM   38   C C   . GLY A 1 6   ? -10.721 -6.631  2.982   1.00 21.48 ?  45  GLY A C   1 
ATOM   39   O O   . GLY A 1 6   ? -10.977 -5.988  1.970   1.00 24.96 ?  45  GLY A O   1 
ATOM   40   N N   . LEU A 1 7   ? -9.574  -7.264  3.169   1.00 22.19 ?  46  LEU A N   1 
ATOM   41   C CA  . LEU A 1 7   ? -8.591  -7.347  2.091   1.00 21.87 ?  46  LEU A CA  1 
ATOM   42   C C   . LEU A 1 7   ? -9.056  -8.349  1.052   1.00 21.52 ?  46  LEU A C   1 
ATOM   43   O O   . LEU A 1 7   ? -9.433  -9.468  1.445   1.00 22.83 ?  46  LEU A O   1 
ATOM   44   C CB  . LEU A 1 7   ? -7.263  -7.814  2.660   1.00 22.92 ?  46  LEU A CB  1 
ATOM   45   C CG  . LEU A 1 7   ? -6.109  -7.930  1.663   1.00 22.81 ?  46  LEU A CG  1 
ATOM   46   C CD1 . LEU A 1 7   ? -5.765  -6.620  1.006   1.00 23.13 ?  46  LEU A CD1 1 
ATOM   47   C CD2 . LEU A 1 7   ? -4.894  -8.533  2.349   1.00 24.71 ?  46  LEU A CD2 1 
ATOM   48   N N   . GLU A 1 8   ? -9.054  -7.907  -0.191  1.00 21.89 ?  47  GLU A N   1 
ATOM   49   C CA  . GLU A 1 8   ? -9.347  -8.797  -1.330  1.00 22.52 ?  47  GLU A CA  1 
ATOM   50   C C   . GLU A 1 8   ? -8.071  -9.575  -1.666  1.00 21.94 ?  47  GLU A C   1 
ATOM   51   O O   . GLU A 1 8   ? -6.945  -9.059  -1.453  1.00 22.15 ?  47  GLU A O   1 
ATOM   52   C CB  . GLU A 1 8   ? -9.868  -7.990  -2.507  1.00 22.95 ?  47  GLU A CB  1 
ATOM   53   C CG  . GLU A 1 8   ? -11.210 -7.380  -2.215  1.00 23.55 ?  47  GLU A CG  1 
ATOM   54   C CD  . GLU A 1 8   ? -12.349 -8.270  -2.661  1.00 28.15 ?  47  GLU A CD  1 
ATOM   55   O OE1 . GLU A 1 8   ? -13.467 -8.161  -2.077  1.00 25.43 ?  47  GLU A OE1 1 
ATOM   56   O OE2 . GLU A 1 8   ? -12.138 -9.023  -3.661  1.00 31.14 ?  47  GLU A OE2 1 
ATOM   57   N N   . GLU A 1 9   ? -8.235  -10.784 -2.203  1.00 23.94 ?  48  GLU A N   1 
ATOM   58   C CA  . GLU A 1 9   ? -7.069  -11.546 -2.750  1.00 22.71 ?  48  GLU A CA  1 
ATOM   59   C C   . GLU A 1 9   ? -6.043  -11.739 -1.646  1.00 21.88 ?  48  GLU A C   1 
ATOM   60   O O   . GLU A 1 9   ? -4.815  -11.732 -1.949  1.00 22.34 ?  48  GLU A O   1 
ATOM   61   C CB  . GLU A 1 9   ? -6.534  -10.815 -3.969  1.00 26.14 ?  48  GLU A CB  1 
ATOM   62   C CG  . GLU A 1 9   ? -7.502  -10.805 -5.095  1.00 28.74 ?  48  GLU A CG  1 
ATOM   63   C CD  . GLU A 1 9   ? -7.118  -10.021 -6.329  1.00 43.83 ?  48  GLU A CD  1 
ATOM   64   O OE1 . GLU A 1 9   ? -5.893  -9.821  -6.540  1.00 45.69 ?  48  GLU A OE1 1 
ATOM   65   O OE2 . GLU A 1 9   ? -8.049  -9.597  -7.075  1.00 47.00 ?  48  GLU A OE2 1 
ATOM   66   N N   . SER A 1 10  ? -6.486  -11.974 -0.433  1.00 24.67 ?  49  SER A N   1 
ATOM   67   C CA  . SER A 1 10  ? -5.597  -12.182 0.732   1.00 24.17 ?  49  SER A CA  1 
ATOM   68   C C   . SER A 1 10  ? -4.686  -13.397 0.474   1.00 26.15 ?  49  SER A C   1 
ATOM   69   O O   . SER A 1 10  ? -3.495  -13.324 0.828   1.00 25.36 ?  49  SER A O   1 
ATOM   70   C CB  . SER A 1 10  ? -6.355  -12.257 1.996   1.00 26.39 ?  49  SER A CB  1 
ATOM   71   O OG  . SER A 1 10  ? -7.222  -13.363 1.956   1.00 29.37 ?  49  SER A OG  1 
ATOM   72   N N   . GLU A 1 11  ? -5.180  -14.427 -0.206  1.00 24.96 ?  50  GLU A N   1 
ATOM   73   C CA  . GLU A 1 11  ? -4.351  -15.631 -0.420  1.00 28.47 ?  50  GLU A CA  1 
ATOM   74   C C   . GLU A 1 11  ? -3.194  -15.248 -1.339  1.00 24.86 ?  50  GLU A C   1 
ATOM   75   O O   . GLU A 1 11  ? -2.052  -15.741 -1.121  1.00 27.82 ?  50  GLU A O   1 
ATOM   76   C CB  . GLU A 1 11  ? -5.254  -16.747 -0.961  1.00 33.01 ?  50  GLU A CB  1 
ATOM   77   C CG  . GLU A 1 11  ? -4.505  -18.002 -1.285  1.00 40.76 ?  50  GLU A CG  1 
ATOM   78   C CD  . GLU A 1 11  ? -5.391  -19.145 -1.752  1.00 50.00 ?  50  GLU A CD  1 
ATOM   79   O OE1 . GLU A 1 11  ? -6.600  -19.150 -1.405  1.00 41.63 ?  50  GLU A OE1 1 
ATOM   80   O OE2 . GLU A 1 11  ? -4.859  -20.014 -2.474  1.00 57.88 ?  50  GLU A OE2 1 
ATOM   81   N N   . LEU A 1 12  ? -3.467  -14.454 -2.361  1.00 23.76 ?  51  LEU A N   1 
ATOM   82   C CA  . LEU A 1 12  ? -2.404  -14.010 -3.324  1.00 23.96 ?  51  LEU A CA  1 
ATOM   83   C C   . LEU A 1 12  ? -1.351  -13.173 -2.571  1.00 25.03 ?  51  LEU A C   1 
ATOM   84   O O   . LEU A 1 12  ? -0.095  -13.394 -2.713  1.00 24.10 ?  51  LEU A O   1 
ATOM   85   C CB  . LEU A 1 12  ? -3.080  -13.200 -4.409  1.00 26.77 ?  51  LEU A CB  1 
ATOM   86   C CG  . LEU A 1 12  ? -2.121  -12.565 -5.400  1.00 27.09 ?  51  LEU A CG  1 
ATOM   87   C CD1 . LEU A 1 12  ? -1.243  -13.636 -6.043  1.00 30.81 ?  51  LEU A CD1 1 
ATOM   88   C CD2 . LEU A 1 12  ? -2.862  -11.752 -6.444  1.00 31.55 ?  51  LEU A CD2 1 
ATOM   89   N N   . TRP A 1 13  ? -1.800  -12.226 -1.752  1.00 25.19 ?  52  TRP A N   1 
ATOM   90   C CA  . TRP A 1 13  ? -0.847  -11.394 -0.984  1.00 22.76 ?  52  TRP A CA  1 
ATOM   91   C C   . TRP A 1 13  ? 0.014   -12.293 -0.093  1.00 22.77 ?  52  TRP A C   1 
ATOM   92   O O   . TRP A 1 13  ? 1.215   -12.015 0.084   1.00 23.33 ?  52  TRP A O   1 
ATOM   93   C CB  . TRP A 1 13  ? -1.589  -10.372 -0.125  1.00 22.18 ?  52  TRP A CB  1 
ATOM   94   C CG  . TRP A 1 13  ? -1.994  -9.169  -0.884  1.00 22.45 ?  52  TRP A CG  1 
ATOM   95   C CD1 . TRP A 1 13  ? -3.240  -8.843  -1.330  1.00 22.57 ?  52  TRP A CD1 1 
ATOM   96   C CD2 . TRP A 1 13  ? -1.152  -8.066  -1.218  1.00 22.32 ?  52  TRP A CD2 1 
ATOM   97   N NE1 . TRP A 1 13  ? -3.225  -7.647  -1.969  1.00 21.92 ?  52  TRP A NE1 1 
ATOM   98   C CE2 . TRP A 1 13  ? -1.947  -7.146  -1.919  1.00 22.55 ?  52  TRP A CE2 1 
ATOM   99   C CE3 . TRP A 1 13  ? 0.213   -7.820  -1.045  1.00 20.64 ?  52  TRP A CE3 1 
ATOM   100  C CZ2 . TRP A 1 13  ? -1.433  -5.946  -2.391  1.00 21.10 ?  52  TRP A CZ2 1 
ATOM   101  C CZ3 . TRP A 1 13  ? 0.703   -6.627  -1.492  1.00 22.08 ?  52  TRP A CZ3 1 
ATOM   102  C CH2 . TRP A 1 13  ? -0.083  -5.722  -2.202  1.00 22.17 ?  52  TRP A CH2 1 
ATOM   103  N N   . LEU A 1 14  ? -0.589  -13.291 0.520   1.00 26.06 ?  53  LEU A N   1 
ATOM   104  C CA  . LEU A 1 14  ? 0.114   -14.182 1.471   1.00 27.60 ?  53  LEU A CA  1 
ATOM   105  C C   . LEU A 1 14  ? 1.188   -14.996 0.702   1.00 24.39 ?  53  LEU A C   1 
ATOM   106  O O   . LEU A 1 14  ? 2.206   -15.309 1.325   1.00 27.65 ?  53  LEU A O   1 
ATOM   107  C CB  . LEU A 1 14  ? -0.911  -15.022 2.253   1.00 33.38 ?  53  LEU A CB  1 
ATOM   108  C CG  . LEU A 1 14  ? -1.561  -14.314 3.468   1.00 36.90 ?  53  LEU A CG  1 
ATOM   109  C CD1 . LEU A 1 14  ? -0.510  -13.730 4.423   1.00 39.42 ?  53  LEU A CD1 1 
ATOM   110  C CD2 . LEU A 1 14  ? -2.515  -13.193 3.057   1.00 42.78 ?  53  LEU A CD2 1 
ATOM   111  N N   . ARG A 1 15  ? 0.988   -15.333 -0.569  1.00 27.40 ?  54  ARG A N   1 
ATOM   112  C CA  . ARG A 1 15  ? 2.003   -16.072 -1.375  1.00 25.28 ?  54  ARG A CA  1 
ATOM   113  C C   . ARG A 1 15  ? 3.250   -15.201 -1.488  1.00 26.17 ?  54  ARG A C   1 
ATOM   114  O O   . ARG A 1 15  ? 4.393   -15.730 -1.351  1.00 27.33 ?  54  ARG A O   1 
ATOM   115  C CB  . ARG A 1 15  ? 1.513   -16.388 -2.778  1.00 30.02 ?  54  ARG A CB  1 
ATOM   116  C CG  . ARG A 1 15  ? 0.532   -17.549 -2.809  1.00 36.86 ?  54  ARG A CG  1 
ATOM   117  C CD  . ARG A 1 15  ? 0.085   -17.861 -4.232  1.00 46.25 ?  54  ARG A CD  1 
ATOM   118  N NE  . ARG A 1 15  ? -1.244  -18.468 -4.225  1.00 55.40 ?  54  ARG A NE  1 
ATOM   119  C CZ  . ARG A 1 15  ? -1.490  -19.719 -3.843  1.00 58.38 ?  54  ARG A CZ  1 
ATOM   120  N NH1 . ARG A 1 15  ? -0.496  -20.513 -3.487  1.00 61.82 ?  54  ARG A NH1 1 
ATOM   121  N NH2 . ARG A 1 15  ? -2.725  -20.185 -3.830  1.00 57.34 ?  54  ARG A NH2 1 
ATOM   122  N N   . PHE A 1 16  ? 3.047   -13.895 -1.676  1.00 23.60 ?  55  PHE A N   1 
ATOM   123  C CA  . PHE A 1 16  ? 4.170   -12.936 -1.774  1.00 22.33 ?  55  PHE A CA  1 
ATOM   124  C C   . PHE A 1 16  ? 4.776   -12.733 -0.396  1.00 23.84 ?  55  PHE A C   1 
ATOM   125  O O   . PHE A 1 16  ? 6.008   -12.761 -0.288  1.00 24.57 ?  55  PHE A O   1 
ATOM   126  C CB  . PHE A 1 16  ? 3.717   -11.625 -2.377  1.00 23.17 ?  55  PHE A CB  1 
ATOM   127  C CG  . PHE A 1 16  ? 3.529   -11.668 -3.854  1.00 23.84 ?  55  PHE A CG  1 
ATOM   128  C CD1 . PHE A 1 16  ? 4.575   -11.372 -4.720  1.00 27.68 ?  55  PHE A CD1 1 
ATOM   129  C CD2 . PHE A 1 16  ? 2.339   -12.106 -4.408  1.00 26.39 ?  55  PHE A CD2 1 
ATOM   130  C CE1 . PHE A 1 16  ? 4.373   -11.376 -6.087  1.00 27.67 ?  55  PHE A CE1 1 
ATOM   131  C CE2 . PHE A 1 16  ? 2.149   -12.130 -5.785  1.00 27.91 ?  55  PHE A CE2 1 
ATOM   132  C CZ  . PHE A 1 16  ? 3.181   -11.803 -6.633  1.00 29.05 ?  55  PHE A CZ  1 
ATOM   133  N N   . LYS A 1 17  ? 3.946   -12.567 0.619   1.00 21.69 ?  56  LYS A N   1 
ATOM   134  C CA  . LYS A 1 17  ? 4.438   -12.279 1.970   1.00 24.44 ?  56  LYS A CA  1 
ATOM   135  C C   . LYS A 1 17  ? 5.285   -13.458 2.451   1.00 25.61 ?  56  LYS A C   1 
ATOM   136  O O   . LYS A 1 17  ? 6.305   -13.217 3.125   1.00 26.81 ?  56  LYS A O   1 
ATOM   137  C CB  . LYS A 1 17  ? 3.312   -11.976 2.954   1.00 25.40 ?  56  LYS A CB  1 
ATOM   138  C CG  . LYS A 1 17  ? 3.845   -11.550 4.307   1.00 28.67 ?  56  LYS A CG  1 
ATOM   139  C CD  . LYS A 1 17  ? 2.857   -10.909 5.202   1.00 30.62 ?  56  LYS A CD  1 
ATOM   140  C CE  . LYS A 1 17  ? 3.472   -10.685 6.554   1.00 30.37 ?  56  LYS A CE  1 
ATOM   141  N NZ  . LYS A 1 17  ? 2.538   -9.981  7.448   1.00 35.10 ?  56  LYS A NZ  1 
ATOM   142  N N   . GLU A 1 18  ? 4.947   -14.698 2.097   1.00 27.03 ?  57  GLU A N   1 
ATOM   143  C CA  . GLU A 1 18  ? 5.776   -15.786 2.674   1.00 30.46 ?  57  GLU A CA  1 
ATOM   144  C C   . GLU A 1 18  ? 7.175   -15.755 2.040   1.00 29.54 ?  57  GLU A C   1 
ATOM   145  O O   . GLU A 1 18  ? 8.090   -16.231 2.708   1.00 32.11 ?  57  GLU A O   1 
ATOM   146  C CB  . GLU A 1 18  ? 5.104   -17.153 2.643   1.00 38.55 ?  57  GLU A CB  1 
ATOM   147  C CG  . GLU A 1 18  ? 4.884   -17.694 1.276   1.00 42.55 ?  57  GLU A CG  1 
ATOM   148  C CD  . GLU A 1 18  ? 4.232   -19.066 1.369   1.00 55.31 ?  57  GLU A CD  1 
ATOM   149  O OE1 . GLU A 1 18  ? 4.817   -19.944 2.056   1.00 63.36 ?  57  GLU A OE1 1 
ATOM   150  O OE2 . GLU A 1 18  ? 3.114   -19.243 0.807   1.00 60.38 ?  57  GLU A OE2 1 
ATOM   151  N N   . LEU A 1 19  ? 7.368   -15.168 0.865   1.00 25.45 ?  58  LEU A N   1 
ATOM   152  C CA  . LEU A 1 19  ? 8.721   -15.051 0.257   1.00 25.77 ?  58  LEU A CA  1 
ATOM   153  C C   . LEU A 1 19  ? 9.430   -13.788 0.764   1.00 25.28 ?  58  LEU A C   1 
ATOM   154  O O   . LEU A 1 19  ? 10.665  -13.650 0.530   1.00 26.48 ?  58  LEU A O   1 
ATOM   155  C CB  . LEU A 1 19  ? 8.596   -14.918 -1.266  1.00 26.89 ?  58  LEU A CB  1 
ATOM   156  C CG  . LEU A 1 19  ? 7.877   -16.023 -2.029  1.00 32.33 ?  58  LEU A CG  1 
ATOM   157  C CD1 . LEU A 1 19  ? 7.842   -15.675 -3.512  1.00 31.04 ?  58  LEU A CD1 1 
ATOM   158  C CD2 . LEU A 1 19  ? 8.529   -17.366 -1.792  1.00 34.16 ?  58  LEU A CD2 1 
ATOM   159  N N   . THR A 1 20  ? 8.657   -12.908 1.413   1.00 24.45 ?  59  THR A N   1 
ATOM   160  C CA  . THR A 1 20  ? 8.979   -11.496 1.680   1.00 22.80 ?  59  THR A CA  1 
ATOM   161  C C   . THR A 1 20  ? 8.711   -10.699 0.409   1.00 21.83 ?  59  THR A C   1 
ATOM   162  O O   . THR A 1 20  ? 9.397   -10.867 -0.606  1.00 21.37 ?  59  THR A O   1 
ATOM   163  C CB  . THR A 1 20  ? 10.398  -11.214 2.199   1.00 25.90 ?  59  THR A CB  1 
ATOM   164  O OG1 . THR A 1 20  ? 10.556  -11.991 3.378   1.00 28.43 ?  59  THR A OG1 1 
ATOM   165  C CG2 . THR A 1 20  ? 10.606  -9.741  2.473   1.00 25.03 ?  59  THR A CG2 1 
ATOM   166  N N   . ASN A 1 21  ? 7.682   -9.860  0.443   1.00 21.97 ?  60  ASN A N   1 
ATOM   167  C CA  . ASN A 1 21  ? 7.206   -9.160  -0.754  1.00 19.85 ?  60  ASN A CA  1 
ATOM   168  C C   . ASN A 1 21  ? 8.143   -7.988  -1.039  1.00 22.30 ?  60  ASN A C   1 
ATOM   169  O O   . ASN A 1 21  ? 8.742   -7.436  -0.097  1.00 22.24 ?  60  ASN A O   1 
ATOM   170  C CB  . ASN A 1 21  ? 5.734   -8.776  -0.571  1.00 21.60 ?  60  ASN A CB  1 
ATOM   171  C CG  . ASN A 1 21  ? 5.022   -8.459  -1.866  1.00 21.06 ?  60  ASN A CG  1 
ATOM   172  O OD1 . ASN A 1 21  ? 5.589   -8.477  -2.955  1.00 22.11 ?  60  ASN A OD1 1 
ATOM   173  N ND2 . ASN A 1 21  ? 3.713   -8.176  -1.742  1.00 22.04 ?  60  ASN A ND2 1 
ATOM   174  N N   . GLU A 1 22  ? 8.280   -7.639  -2.307  1.00 21.52 ?  61  GLU A N   1 
ATOM   175  C CA  . GLU A 1 22  ? 9.113   -6.535  -2.814  1.00 21.42 ?  61  GLU A CA  1 
ATOM   176  C C   . GLU A 1 22  ? 8.262   -5.728  -3.780  1.00 21.99 ?  61  GLU A C   1 
ATOM   177  O O   . GLU A 1 22  ? 7.521   -6.356  -4.569  1.00 23.09 ?  61  GLU A O   1 
ATOM   178  C CB  . GLU A 1 22  ? 10.390  -7.052  -3.500  1.00 21.41 ?  61  GLU A CB  1 
ATOM   179  C CG  . GLU A 1 22  ? 11.226  -7.999  -2.685  1.00 21.02 ?  61  GLU A CG  1 
ATOM   180  C CD  . GLU A 1 22  ? 12.444  -8.529  -3.462  1.00 20.07 ?  61  GLU A CD  1 
ATOM   181  O OE1 . GLU A 1 22  ? 12.871  -9.648  -3.192  1.00 23.31 ?  61  GLU A OE1 1 
ATOM   182  O OE2 . GLU A 1 22  ? 12.989  -7.768  -4.262  1.00 25.02 ?  61  GLU A OE2 1 
ATOM   183  N N   . MET A 1 23  ? 8.364   -4.414  -3.754  1.00 21.63 ?  62  MET A N   1 
ATOM   184  C CA  . MET A 1 23  ? 7.760   -3.537  -4.767  1.00 22.85 ?  62  MET A CA  1 
ATOM   185  C C   . MET A 1 23  ? 8.868   -2.664  -5.331  1.00 24.13 ?  62  MET A C   1 
ATOM   186  O O   . MET A 1 23  ? 9.610   -2.070  -4.555  1.00 24.32 ?  62  MET A O   1 
ATOM   187  C CB  . MET A 1 23  ? 6.617   -2.667  -4.244  1.00 24.73 ?  62  MET A CB  1 
ATOM   188  C CG  . MET A 1 23  ? 5.519   -3.453  -3.624  1.00 23.25 ?  62  MET A CG  1 
ATOM   189  S SD  . MET A 1 23  ? 4.367   -4.045  -4.905  1.00 24.05 ?  62  MET A SD  1 
ATOM   190  C CE  . MET A 1 23  ? 3.350   -5.038  -3.824  1.00 23.70 ?  62  MET A CE  1 
ATOM   191  N N   . ILE A 1 24  ? 8.918   -2.555  -6.649  1.00 24.93 ?  63  ILE A N   1 
ATOM   192  C CA  . ILE A 1 24  ? 9.887   -1.644  -7.319  1.00 28.13 ?  63  ILE A CA  1 
ATOM   193  C C   . ILE A 1 24  ? 9.480   -0.190  -7.135  1.00 26.95 ?  63  ILE A C   1 
ATOM   194  O O   . ILE A 1 24  ? 8.277   0.150   -7.338  1.00 28.88 ?  63  ILE A O   1 
ATOM   195  C CB  . ILE A 1 24  ? 9.994   -1.928  -8.825  1.00 32.37 ?  63  ILE A CB  1 
ATOM   196  C CG1 . ILE A 1 24  ? 10.043  -3.415  -9.171  1.00 38.02 ?  63  ILE A CG1 1 
ATOM   197  C CG2 . ILE A 1 24  ? 11.170  -1.147  -9.371  1.00 32.38 ?  63  ILE A CG2 1 
ATOM   198  C CD1 . ILE A 1 24  ? 11.369  -4.041  -8.927  1.00 39.26 ?  63  ILE A CD1 1 
ATOM   199  N N   . VAL A 1 25  ? 10.454  0.665   -6.839  1.00 26.66 ?  64  VAL A N   1 
ATOM   200  C CA  . VAL A 1 25  ? 10.335  2.136   -6.855  1.00 26.34 ?  64  VAL A CA  1 
ATOM   201  C C   . VAL A 1 25  ? 11.262  2.620   -7.970  1.00 32.77 ?  64  VAL A C   1 
ATOM   202  O O   . VAL A 1 25  ? 12.340  2.012   -8.142  1.00 31.37 ?  64  VAL A O   1 
ATOM   203  C CB  . VAL A 1 25  ? 10.661  2.753   -5.487  1.00 28.28 ?  64  VAL A CB  1 
ATOM   204  C CG1 . VAL A 1 25  ? 9.573   2.390   -4.489  1.00 28.28 ?  64  VAL A CG1 1 
ATOM   205  C CG2 . VAL A 1 25  ? 12.023  2.322   -4.946  1.00 26.21 ?  64  VAL A CG2 1 
ATOM   206  N N   . THR A 1 26  ? 10.827  3.639   -8.707  1.00 35.00 ?  65  THR A N   1 
ATOM   207  C CA  . THR A 1 26  ? 11.559  4.227   -9.864  1.00 35.86 ?  65  THR A CA  1 
ATOM   208  C C   . THR A 1 26  ? 11.426  5.743   -9.796  1.00 36.53 ?  65  THR A C   1 
ATOM   209  O O   . THR A 1 26  ? 10.545  6.252   -9.078  1.00 31.96 ?  65  THR A O   1 
ATOM   210  C CB  . THR A 1 26  ? 11.055  3.706   -11.217 1.00 33.36 ?  65  THR A CB  1 
ATOM   211  O OG1 . THR A 1 26  ? 9.711   4.160   -11.401 1.00 35.79 ?  65  THR A OG1 1 
ATOM   212  C CG2 . THR A 1 26  ? 11.097  2.204   -11.362 1.00 36.28 ?  65  THR A CG2 1 
ATOM   213  N N   . LYS A 1 27  ? 12.285  6.445   -10.529 1.00 38.18 ?  66  LYS A N   1 
ATOM   214  C CA  . LYS A 1 27  ? 12.230  7.922   -10.622 1.00 44.02 ?  66  LYS A CA  1 
ATOM   215  C C   . LYS A 1 27  ? 10.800  8.350   -10.976 1.00 40.65 ?  66  LYS A C   1 
ATOM   216  O O   . LYS A 1 27  ? 10.266  9.283   -10.332 1.00 42.42 ?  66  LYS A O   1 
ATOM   217  C CB  . LYS A 1 27  ? 13.211  8.430   -11.690 1.00 46.29 ?  66  LYS A CB  1 
ATOM   218  C CG  . LYS A 1 27  ? 12.865  9.797   -12.266 1.00 53.85 ?  66  LYS A CG  1 
ATOM   219  C CD  . LYS A 1 27  ? 13.991  10.552  -12.976 1.00 59.29 ?  66  LYS A CD  1 
ATOM   220  C CE  . LYS A 1 27  ? 13.889  12.049  -12.734 1.00 66.00 ?  66  LYS A CE  1 
ATOM   221  N NZ  . LYS A 1 27  ? 14.388  12.853  -13.877 1.00 75.94 ?  66  LYS A NZ  1 
ATOM   222  N N   . ASN A 1 28  ? 10.216  7.706   -11.976 1.00 37.83 ?  67  ASN A N   1 
ATOM   223  C CA  . ASN A 1 28  ? 8.931   8.175   -12.538 1.00 41.69 ?  67  ASN A CA  1 
ATOM   224  C C   . ASN A 1 28  ? 7.756   7.451   -11.882 1.00 42.44 ?  67  ASN A C   1 
ATOM   225  O O   . ASN A 1 28  ? 6.606   7.848   -12.159 1.00 40.31 ?  67  ASN A O   1 
ATOM   226  C CB  . ASN A 1 28  ? 8.893   8.039   -14.055 1.00 45.16 ?  67  ASN A CB  1 
ATOM   227  C CG  . ASN A 1 28  ? 9.821   9.034   -14.726 1.00 48.06 ?  67  ASN A CG  1 
ATOM   228  O OD1 . ASN A 1 28  ? 10.093  10.112  -14.194 1.00 47.77 ?  67  ASN A OD1 1 
ATOM   229  N ND2 . ASN A 1 28  ? 10.311  8.666   -15.894 1.00 49.69 ?  67  ASN A ND2 1 
ATOM   230  N N   . GLY A 1 29  ? 8.026   6.460   -11.030 1.00 40.58 ?  68  GLY A N   1 
ATOM   231  C CA  . GLY A 1 29  ? 6.963   5.798   -10.244 1.00 37.93 ?  68  GLY A CA  1 
ATOM   232  C C   . GLY A 1 29  ? 6.470   4.534   -10.921 1.00 36.49 ?  68  GLY A C   1 
ATOM   233  O O   . GLY A 1 29  ? 6.320   4.521   -12.169 1.00 36.31 ?  68  GLY A O   1 
ATOM   234  N N   . ARG A 1 30  ? 6.279   3.473   -10.139 1.00 31.95 ?  69  ARG A N   1 
ATOM   235  C CA  . ARG A 1 30  ? 5.841   2.145   -10.604 1.00 29.86 ?  69  ARG A CA  1 
ATOM   236  C C   . ARG A 1 30  ? 4.543   1.755   -9.876  1.00 33.00 ?  69  ARG A C   1 
ATOM   237  O O   . ARG A 1 30  ? 4.478   1.884   -8.614  1.00 28.93 ?  69  ARG A O   1 
ATOM   238  C CB  . ARG A 1 30  ? 6.968   1.132   -10.399 1.00 33.66 ?  69  ARG A CB  1 
ATOM   239  C CG  . ARG A 1 30  ? 6.676   -0.232  -10.990 1.00 38.42 ?  69  ARG A CG  1 
ATOM   240  C CD  . ARG A 1 30  ? 6.634   -0.249  -12.514 1.00 40.42 ?  69  ARG A CD  1 
ATOM   241  N NE  . ARG A 1 30  ? 7.890   0.258   -13.044 1.00 38.75 ?  69  ARG A NE  1 
ATOM   242  C CZ  . ARG A 1 30  ? 9.008   -0.458  -13.190 1.00 42.09 ?  69  ARG A CZ  1 
ATOM   243  N NH1 . ARG A 1 30  ? 10.098  0.114   -13.675 1.00 43.73 ?  69  ARG A NH1 1 
ATOM   244  N NH2 . ARG A 1 30  ? 9.054   -1.728  -12.827 1.00 41.81 ?  69  ARG A NH2 1 
ATOM   245  N N   . ARG A 1 31  ? 3.561   1.245   -10.616 1.00 32.62 ?  70  ARG A N   1 
ATOM   246  C CA  . ARG A 1 31  ? 2.342   0.631   -10.032 1.00 32.65 ?  70  ARG A CA  1 
ATOM   247  C C   . ARG A 1 31  ? 2.691   -0.639  -9.257  1.00 31.07 ?  70  ARG A C   1 
ATOM   248  O O   . ARG A 1 31  ? 3.716   -1.281  -9.521  1.00 28.30 ?  70  ARG A O   1 
ATOM   249  C CB  . ARG A 1 31  ? 1.311   0.346   -11.125 1.00 35.97 ?  70  ARG A CB  1 
ATOM   250  C CG  . ARG A 1 31  ? 0.644   1.619   -11.619 1.00 40.90 ?  70  ARG A CG  1 
ATOM   251  C CD  . ARG A 1 31  ? -0.442  1.390   -12.661 1.00 45.15 ?  70  ARG A CD  1 
ATOM   252  N NE  . ARG A 1 31  ? 0.117   0.976   -13.932 1.00 50.65 ?  70  ARG A NE  1 
ATOM   253  C CZ  . ARG A 1 31  ? 0.660   1.810   -14.821 1.00 63.05 ?  70  ARG A CZ  1 
ATOM   254  N NH1 . ARG A 1 31  ? 0.713   3.109   -14.568 1.00 67.30 ?  70  ARG A NH1 1 
ATOM   255  N NH2 . ARG A 1 31  ? 1.145   1.344   -15.964 1.00 61.89 ?  70  ARG A NH2 1 
ATOM   256  N N   . MET A 1 32  ? 1.829   -0.982  -8.311  1.00 26.70 ?  71  MET A N   1 
ATOM   257  C CA  . MET A 1 32  ? 2.002   -2.159  -7.444  1.00 28.00 ?  71  MET A CA  1 
ATOM   258  C C   . MET A 1 32  ? 1.454   -3.403  -8.137  1.00 30.11 ?  71  MET A C   1 
ATOM   259  O O   . MET A 1 32  ? 0.425   -3.312  -8.834  1.00 27.53 ?  71  MET A O   1 
ATOM   260  C CB  . MET A 1 32  ? 1.260   -1.935  -6.130  1.00 24.90 ?  71  MET A CB  1 
ATOM   261  C CG  . MET A 1 32  ? 1.830   -0.757  -5.342  1.00 27.90 ?  71  MET A CG  1 
ATOM   262  S SD  . MET A 1 32  ? 0.882   -0.362  -3.889  1.00 26.76 ?  71  MET A SD  1 
ATOM   263  C CE  . MET A 1 32  ? 1.203   -1.835  -2.930  1.00 26.45 ?  71  MET A CE  1 
ATOM   264  N N   . PHE A 1 33  ? 2.076   -4.539  -7.857  1.00 27.60 ?  72  PHE A N   1 
ATOM   265  C CA  . PHE A 1 33  ? 1.484   -5.868  -8.064  1.00 27.56 ?  72  PHE A CA  1 
ATOM   266  C C   . PHE A 1 33  ? 1.830   -6.733  -6.871  1.00 25.58 ?  72  PHE A C   1 
ATOM   267  O O   . PHE A 1 33  ? 2.995   -6.809  -6.528  1.00 28.68 ?  72  PHE A O   1 
ATOM   268  C CB  . PHE A 1 33  ? 1.903   -6.571  -9.359  1.00 27.60 ?  72  PHE A CB  1 
ATOM   269  C CG  . PHE A 1 33  ? 1.115   -7.833  -9.509  1.00 27.45 ?  72  PHE A CG  1 
ATOM   270  C CD1 . PHE A 1 33  ? -0.164  -7.789  -10.043 1.00 32.36 ?  72  PHE A CD1 1 
ATOM   271  C CD2 . PHE A 1 33  ? 1.545   -9.016  -8.954  1.00 25.78 ?  72  PHE A CD2 1 
ATOM   272  C CE1 . PHE A 1 33  ? -0.927  -8.936  -10.140 1.00 28.45 ?  72  PHE A CE1 1 
ATOM   273  C CE2 . PHE A 1 33  ? 0.751   -10.145 -8.983  1.00 29.94 ?  72  PHE A CE2 1 
ATOM   274  C CZ  . PHE A 1 33  ? -0.505  -10.095 -9.539  1.00 30.15 ?  72  PHE A CZ  1 
ATOM   275  N N   . PRO A 1 34  ? 0.880   -7.380  -6.175  1.00 25.06 ?  73  PRO A N   1 
ATOM   276  C CA  . PRO A 1 34  ? -0.555  -7.197  -6.379  1.00 25.84 ?  73  PRO A CA  1 
ATOM   277  C C   . PRO A 1 34  ? -0.974  -5.740  -6.123  1.00 25.32 ?  73  PRO A C   1 
ATOM   278  O O   . PRO A 1 34  ? -0.271  -4.980  -5.468  1.00 24.64 ?  73  PRO A O   1 
ATOM   279  C CB  . PRO A 1 34  ? -1.182  -8.162  -5.358  1.00 27.40 ?  73  PRO A CB  1 
ATOM   280  C CG  . PRO A 1 34  ? -0.093  -9.197  -5.099  1.00 28.02 ?  73  PRO A CG  1 
ATOM   281  C CD  . PRO A 1 34  ? 1.146   -8.344  -5.098  1.00 26.11 ?  73  PRO A CD  1 
ATOM   282  N N   . VAL A 1 35  ? -2.160  -5.417  -6.639  1.00 26.56 ?  74  VAL A N   1 
ATOM   283  C CA  . VAL A 1 35  ? -2.877  -4.152  -6.371  1.00 26.45 ?  74  VAL A CA  1 
ATOM   284  C C   . VAL A 1 35  ? -3.610  -4.338  -5.049  1.00 22.81 ?  74  VAL A C   1 
ATOM   285  O O   . VAL A 1 35  ? -4.319  -5.359  -4.871  1.00 24.35 ?  74  VAL A O   1 
ATOM   286  C CB  . VAL A 1 35  ? -3.817  -3.813  -7.537  1.00 30.55 ?  74  VAL A CB  1 
ATOM   287  C CG1 . VAL A 1 35  ? -4.789  -2.687  -7.181  1.00 34.22 ?  74  VAL A CG1 1 
ATOM   288  C CG2 . VAL A 1 35  ? -3.026  -3.488  -8.801  1.00 32.72 ?  74  VAL A CG2 1 
ATOM   289  N N   . LEU A 1 36  ? -3.561  -3.309  -4.216  1.00 22.73 ?  75  LEU A N   1 
ATOM   290  C CA  . LEU A 1 36  ? -4.381  -3.286  -2.993  1.00 21.61 ?  75  LEU A CA  1 
ATOM   291  C C   . LEU A 1 36  ? -5.846  -3.047  -3.354  1.00 21.65 ?  75  LEU A C   1 
ATOM   292  O O   . LEU A 1 36  ? -6.148  -2.019  -3.988  1.00 21.37 ?  75  LEU A O   1 
ATOM   293  C CB  . LEU A 1 36  ? -3.863  -2.211  -2.062  1.00 23.28 ?  75  LEU A CB  1 
ATOM   294  C CG  . LEU A 1 36  ? -4.621  -2.139  -0.756  1.00 25.23 ?  75  LEU A CG  1 
ATOM   295  C CD1 . LEU A 1 36  ? -4.408  -3.388  0.091   1.00 28.77 ?  75  LEU A CD1 1 
ATOM   296  C CD2 . LEU A 1 36  ? -4.221  -0.901  0.029   1.00 27.31 ?  75  LEU A CD2 1 
ATOM   297  N N   . LYS A 1 37  ? -6.688  -3.971  -2.956  1.00 20.81 ?  76  LYS A N   1 
ATOM   298  C CA  . LYS A 1 37  ? -8.168  -3.916  -3.179  1.00 21.92 ?  76  LYS A CA  1 
ATOM   299  C C   . LYS A 1 37  ? -8.814  -4.313  -1.882  1.00 21.83 ?  76  LYS A C   1 
ATOM   300  O O   . LYS A 1 37  ? -8.353  -5.275  -1.266  1.00 20.64 ?  76  LYS A O   1 
ATOM   301  C CB  . LYS A 1 37  ? -8.623  -4.883  -4.282  1.00 26.10 ?  76  LYS A CB  1 
ATOM   302  C CG  . LYS A 1 37  ? -7.941  -4.728  -5.623  1.00 31.38 ?  76  LYS A CG  1 
ATOM   303  C CD  . LYS A 1 37  ? -8.455  -5.737  -6.669  1.00 40.24 ?  76  LYS A CD  1 
ATOM   304  C CE  . LYS A 1 37  ? -7.350  -6.405  -7.474  1.00 46.71 ?  76  LYS A CE  1 
ATOM   305  N NZ  . LYS A 1 37  ? -6.247  -6.956  -6.640  1.00 50.29 ?  76  LYS A NZ  1 
ATOM   306  N N   . VAL A 1 38  ? -9.891  -3.622  -1.500  1.00 21.30 ?  77  VAL A N   1 
ATOM   307  C CA  . VAL A 1 38  ? -10.634 -3.955  -0.267  1.00 22.15 ?  77  VAL A CA  1 
ATOM   308  C C   . VAL A 1 38  ? -12.129 -3.944  -0.544  1.00 21.23 ?  77  VAL A C   1 
ATOM   309  O O   . VAL A 1 38  ? -12.581 -3.180  -1.445  1.00 23.61 ?  77  VAL A O   1 
ATOM   310  C CB  . VAL A 1 38  ? -10.247 -2.977  0.863   1.00 22.02 ?  77  VAL A CB  1 
ATOM   311  C CG1 . VAL A 1 38  ? -8.738  -3.017  1.113   1.00 21.94 ?  77  VAL A CG1 1 
ATOM   312  C CG2 . VAL A 1 38  ? -10.679 -1.553  0.542   1.00 22.44 ?  77  VAL A CG2 1 
ATOM   313  N N   . ASN A 1 39  ? -12.827 -4.739  0.242   1.00 21.89 ?  78  ASN A N   1 
ATOM   314  C CA  . ASN A 1 39  ? -14.289 -4.690  0.299   1.00 21.84 ?  78  ASN A CA  1 
ATOM   315  C C   . ASN A 1 39  ? -14.681 -3.920  1.553   1.00 23.70 ?  78  ASN A C   1 
ATOM   316  O O   . ASN A 1 39  ? -13.957 -3.954  2.599   1.00 23.60 ?  78  ASN A O   1 
ATOM   317  C CB  . ASN A 1 39  ? -14.867 -6.087  0.205   1.00 22.84 ?  78  ASN A CB  1 
ATOM   318  C CG  . ASN A 1 39  ? -14.352 -7.030  1.248   1.00 26.21 ?  78  ASN A CG  1 
ATOM   319  O OD1 . ASN A 1 39  ? -14.626 -6.858  2.436   1.00 28.95 ?  78  ASN A OD1 1 
ATOM   320  N ND2 . ASN A 1 39  ? -13.575 -8.017  0.820   1.00 28.40 ?  78  ASN A ND2 1 
ATOM   321  N N   . VAL A 1 40  ? -15.821 -3.281  1.469   1.00 21.03 ?  79  VAL A N   1 
ATOM   322  C CA  . VAL A 1 40  ? -16.262 -2.365  2.531   1.00 20.57 ?  79  VAL A CA  1 
ATOM   323  C C   . VAL A 1 40  ? -17.732 -2.626  2.800   1.00 20.82 ?  79  VAL A C   1 
ATOM   324  O O   . VAL A 1 40  ? -18.558 -2.666  1.851   1.00 22.50 ?  79  VAL A O   1 
ATOM   325  C CB  . VAL A 1 40  ? -15.982 -0.900  2.186   1.00 21.78 ?  79  VAL A CB  1 
ATOM   326  C CG1 . VAL A 1 40  ? -16.338 0.002   3.329   1.00 25.10 ?  79  VAL A CG1 1 
ATOM   327  C CG2 . VAL A 1 40  ? -14.556 -0.651  1.701   1.00 25.39 ?  79  VAL A CG2 1 
ATOM   328  N N   . SER A 1 41  ? -18.044 -2.762  4.077   1.00 22.48 ?  80  SER A N   1 
ATOM   329  C CA  . SER A 1 41  ? -19.457 -2.751  4.529   1.00 22.54 ?  80  SER A CA  1 
ATOM   330  C C   . SER A 1 41  ? -19.583 -1.870  5.773   1.00 22.50 ?  80  SER A C   1 
ATOM   331  O O   . SER A 1 41  ? -18.583 -1.619  6.452   1.00 22.27 ?  80  SER A O   1 
ATOM   332  C CB  . SER A 1 41  ? -20.005 -4.155  4.792   1.00 23.36 ?  80  SER A CB  1 
ATOM   333  O OG  . SER A 1 41  ? -19.346 -4.776  5.875   1.00 31.46 ?  80  SER A OG  1 
ATOM   334  N N   . GLY A 1 42  ? -20.812 -1.460  6.084   1.00 23.07 ?  81  GLY A N   1 
ATOM   335  C CA  . GLY A 1 42  ? -21.116 -0.674  7.296   1.00 22.68 ?  81  GLY A CA  1 
ATOM   336  C C   . GLY A 1 42  ? -20.784 0.792   7.197   1.00 24.36 ?  81  GLY A C   1 
ATOM   337  O O   . GLY A 1 42  ? -20.786 1.482   8.252   1.00 26.23 ?  81  GLY A O   1 
ATOM   338  N N   . LEU A 1 43  ? -20.517 1.329   6.008   1.00 23.09 ?  82  LEU A N   1 
ATOM   339  C CA  . LEU A 1 43  ? -20.614 2.795   5.843   1.00 22.36 ?  82  LEU A CA  1 
ATOM   340  C C   . LEU A 1 43  ? -22.097 3.175   5.847   1.00 21.91 ?  82  LEU A C   1 
ATOM   341  O O   . LEU A 1 43  ? -22.945 2.331   5.598   1.00 21.73 ?  82  LEU A O   1 
ATOM   342  C CB  . LEU A 1 43  ? -19.968 3.232   4.536   1.00 23.91 ?  82  LEU A CB  1 
ATOM   343  C CG  . LEU A 1 43  ? -18.457 3.039   4.469   1.00 23.16 ?  82  LEU A CG  1 
ATOM   344  C CD1 . LEU A 1 43  ? -17.956 3.386   3.083   1.00 23.05 ?  82  LEU A CD1 1 
ATOM   345  C CD2 . LEU A 1 43  ? -17.760 3.870   5.510   1.00 24.27 ?  82  LEU A CD2 1 
ATOM   346  N N   . ASP A 1 44  ? -22.327 4.468   6.067   1.00 23.65 ?  83  ASP A N   1 
ATOM   347  C CA  . ASP A 1 44  ? -23.654 5.073   5.802   1.00 23.08 ?  83  ASP A CA  1 
ATOM   348  C C   . ASP A 1 44  ? -23.768 5.211   4.285   1.00 23.34 ?  83  ASP A C   1 
ATOM   349  O O   . ASP A 1 44  ? -22.992 5.933   3.657   1.00 23.55 ?  83  ASP A O   1 
ATOM   350  C CB  . ASP A 1 44  ? -23.772 6.370   6.580   1.00 24.98 ?  83  ASP A CB  1 
ATOM   351  C CG  . ASP A 1 44  ? -25.116 7.011   6.400   1.00 30.37 ?  83  ASP A CG  1 
ATOM   352  O OD1 . ASP A 1 44  ? -25.905 6.527   5.529   1.00 30.56 ?  83  ASP A OD1 1 
ATOM   353  O OD2 . ASP A 1 44  ? -25.320 8.034   7.079   1.00 30.88 ?  83  ASP A OD2 1 
ATOM   354  N N   . PRO A 1 45  ? -24.692 4.470   3.636   1.00 22.53 ?  84  PRO A N   1 
ATOM   355  C CA  . PRO A 1 45  ? -24.776 4.497   2.172   1.00 23.64 ?  84  PRO A CA  1 
ATOM   356  C C   . PRO A 1 45  ? -25.080 5.916   1.688   1.00 25.57 ?  84  PRO A C   1 
ATOM   357  O O   . PRO A 1 45  ? -24.702 6.256   0.586   1.00 24.10 ?  84  PRO A O   1 
ATOM   358  C CB  . PRO A 1 45  ? -25.894 3.519   1.820   1.00 26.08 ?  84  PRO A CB  1 
ATOM   359  C CG  . PRO A 1 45  ? -26.669 3.347   3.103   1.00 28.16 ?  84  PRO A CG  1 
ATOM   360  C CD  . PRO A 1 45  ? -25.691 3.568   4.233   1.00 26.18 ?  84  PRO A CD  1 
ATOM   361  N N   . ASN A 1 46  ? -25.726 6.704   2.552   1.00 23.92 ?  85  ASN A N   1 
ATOM   362  C CA  . ASN A 1 46  ? -26.192 8.073   2.225   1.00 25.47 ?  85  ASN A CA  1 
ATOM   363  C C   . ASN A 1 46  ? -25.081 9.113   2.358   1.00 26.39 ?  85  ASN A C   1 
ATOM   364  O O   . ASN A 1 46  ? -25.172 10.173  1.731   1.00 28.60 ?  85  ASN A O   1 
ATOM   365  C CB  . ASN A 1 46  ? -27.319 8.473   3.186   1.00 27.96 ?  85  ASN A CB  1 
ATOM   366  C CG  . ASN A 1 46  ? -28.443 7.472   3.232   1.00 33.31 ?  85  ASN A CG  1 
ATOM   367  O OD1 . ASN A 1 46  ? -29.036 7.153   2.195   1.00 33.20 ?  85  ASN A OD1 1 
ATOM   368  N ND2 . ASN A 1 46  ? -28.669 6.896   4.414   1.00 36.84 ?  85  ASN A ND2 1 
ATOM   369  N N   . ALA A 1 47  ? -24.033 8.821   3.117   1.00 23.29 ?  86  ALA A N   1 
ATOM   370  C CA  . ALA A 1 47  ? -22.974 9.781   3.463   1.00 21.93 ?  86  ALA A CA  1 
ATOM   371  C C   . ALA A 1 47  ? -21.897 9.772   2.391   1.00 20.94 ?  86  ALA A C   1 
ATOM   372  O O   . ALA A 1 47  ? -21.940 8.854   1.568   1.00 23.07 ?  86  ALA A O   1 
ATOM   373  C CB  . ALA A 1 47  ? -22.373 9.441   4.809   1.00 23.08 ?  86  ALA A CB  1 
ATOM   374  N N   . MET A 1 48  ? -21.107 10.839  2.351   1.00 23.08 ?  87  MET A N   1 
ATOM   375  C CA  . MET A 1 48  ? -19.944 10.901  1.438   1.00 23.31 ?  87  MET A CA  1 
ATOM   376  C C   . MET A 1 48  ? -18.648 10.737  2.194   1.00 22.16 ?  87  MET A C   1 
ATOM   377  O O   . MET A 1 48  ? -18.542 11.195  3.336   1.00 23.10 ?  87  MET A O   1 
ATOM   378  C CB  . MET A 1 48  ? -19.951 12.185  0.611   1.00 27.91 ?  87  MET A CB  1 
ATOM   379  C CG  . MET A 1 48  ? -21.133 12.177  -0.338  1.00 29.20 ?  87  MET A CG  1 
ATOM   380  S SD  . MET A 1 48  ? -20.960 13.557  -1.485  1.00 32.71 ?  87  MET A SD  1 
ATOM   381  C CE  . MET A 1 48  ? -19.796 12.813  -2.629  1.00 33.62 ?  87  MET A CE  1 
ATOM   382  N N   . TYR A 1 49  ? -17.707 10.027  1.561   1.00 21.77 ?  88  TYR A N   1 
ATOM   383  C CA  . TYR A 1 49  ? -16.405 9.684   2.149   1.00 21.48 ?  88  TYR A CA  1 
ATOM   384  C C   . TYR A 1 49  ? -15.337 9.783   1.064   1.00 22.25 ?  88  TYR A C   1 
ATOM   385  O O   . TYR A 1 49  ? -15.658 9.548   -0.111  1.00 22.04 ?  88  TYR A O   1 
ATOM   386  C CB  . TYR A 1 49  ? -16.378 8.250   2.657   1.00 21.69 ?  88  TYR A CB  1 
ATOM   387  C CG  . TYR A 1 49  ? -17.485 7.894   3.602   1.00 22.12 ?  88  TYR A CG  1 
ATOM   388  C CD1 . TYR A 1 49  ? -17.279 7.977   4.969   1.00 21.05 ?  88  TYR A CD1 1 
ATOM   389  C CD2 . TYR A 1 49  ? -18.705 7.402   3.179   1.00 21.12 ?  88  TYR A CD2 1 
ATOM   390  C CE1 . TYR A 1 49  ? -18.269 7.656   5.857   1.00 20.87 ?  88  TYR A CE1 1 
ATOM   391  C CE2 . TYR A 1 49  ? -19.715 7.072   4.060   1.00 21.65 ?  88  TYR A CE2 1 
ATOM   392  C CZ  . TYR A 1 49  ? -19.494 7.174   5.423   1.00 21.03 ?  88  TYR A CZ  1 
ATOM   393  O OH  . TYR A 1 49  ? -20.472 6.759   6.267   1.00 22.90 ?  88  TYR A OH  1 
ATOM   394  N N   . SER A 1 50  ? -14.120 10.126  1.467   1.00 22.11 ?  89  SER A N   1 
ATOM   395  C CA  . SER A 1 50  ? -12.905 9.928   0.657   1.00 22.26 ?  89  SER A CA  1 
ATOM   396  C C   . SER A 1 50  ? -12.069 8.763   1.209   1.00 23.62 ?  89  SER A C   1 
ATOM   397  O O   . SER A 1 50  ? -12.069 8.556   2.412   1.00 22.91 ?  89  SER A O   1 
ATOM   398  C CB  . SER A 1 50  ? -12.113 11.188  0.564   1.00 25.80 ?  89  SER A CB  1 
ATOM   399  O OG  . SER A 1 50  ? -12.912 12.205  -0.035  1.00 26.62 ?  89  SER A OG  1 
ATOM   400  N N   . PHE A 1 51  ? -11.434 8.034   0.315   1.00 21.83 ?  90  PHE A N   1 
ATOM   401  C CA  . PHE A 1 51  ? -10.522 6.905   0.621   1.00 21.49 ?  90  PHE A CA  1 
ATOM   402  C C   . PHE A 1 51  ? -9.099  7.364   0.351   1.00 23.72 ?  90  PHE A C   1 
ATOM   403  O O   . PHE A 1 51  ? -8.810  7.736   -0.785  1.00 25.52 ?  90  PHE A O   1 
ATOM   404  C CB  . PHE A 1 51  ? -10.891 5.675   -0.189  1.00 20.75 ?  90  PHE A CB  1 
ATOM   405  C CG  . PHE A 1 51  ? -11.939 4.778   0.418   1.00 20.59 ?  90  PHE A CG  1 
ATOM   406  C CD1 . PHE A 1 51  ? -11.695 3.438   0.723   1.00 21.05 ?  90  PHE A CD1 1 
ATOM   407  C CD2 . PHE A 1 51  ? -13.193 5.286   0.761   1.00 20.33 ?  90  PHE A CD2 1 
ATOM   408  C CE1 . PHE A 1 51  ? -12.685 2.650   1.320   1.00 21.54 ?  90  PHE A CE1 1 
ATOM   409  C CE2 . PHE A 1 51  ? -14.167 4.490   1.322   1.00 21.33 ?  90  PHE A CE2 1 
ATOM   410  C CZ  . PHE A 1 51  ? -13.939 3.164   1.567   1.00 21.09 ?  90  PHE A CZ  1 
ATOM   411  N N   . LEU A 1 52  ? -8.238  7.334   1.371   1.00 24.06 ?  91  LEU A N   1 
ATOM   412  C CA  . LEU A 1 52  ? -6.811  7.728   1.263   1.00 24.15 ?  91  LEU A CA  1 
ATOM   413  C C   . LEU A 1 52  ? -5.931  6.512   1.544   1.00 25.30 ?  91  LEU A C   1 
ATOM   414  O O   . LEU A 1 52  ? -6.310  5.658   2.329   1.00 24.90 ?  91  LEU A O   1 
ATOM   415  C CB  . LEU A 1 52  ? -6.480  8.784   2.316   1.00 27.52 ?  91  LEU A CB  1 
ATOM   416  C CG  . LEU A 1 52  ? -6.903  10.231  2.089   1.00 36.91 ?  91  LEU A CG  1 
ATOM   417  C CD1 . LEU A 1 52  ? -8.220  10.365  1.364   1.00 36.21 ?  91  LEU A CD1 1 
ATOM   418  C CD2 . LEU A 1 52  ? -6.905  10.975  3.435   1.00 36.78 ?  91  LEU A CD2 1 
ATOM   419  N N   . LEU A 1 53  ? -4.786  6.451   0.897   1.00 22.59 ?  92  LEU A N   1 
ATOM   420  C CA  . LEU A 1 53  ? -3.825  5.360   1.068   1.00 22.95 ?  92  LEU A CA  1 
ATOM   421  C C   . LEU A 1 53  ? -2.508  5.982   1.466   1.00 21.30 ?  92  LEU A C   1 
ATOM   422  O O   . LEU A 1 53  ? -2.035  6.873   0.770   1.00 24.06 ?  92  LEU A O   1 
ATOM   423  C CB  . LEU A 1 53  ? -3.762  4.590   -0.231  1.00 23.36 ?  92  LEU A CB  1 
ATOM   424  C CG  . LEU A 1 53  ? -2.599  3.616   -0.357  1.00 23.19 ?  92  LEU A CG  1 
ATOM   425  C CD1 . LEU A 1 53  ? -2.719  2.455   0.630   1.00 24.83 ?  92  LEU A CD1 1 
ATOM   426  C CD2 . LEU A 1 53  ? -2.508  3.121   -1.767  1.00 23.82 ?  92  LEU A CD2 1 
ATOM   427  N N   . ASP A 1 54  ? -1.923  5.487   2.543   1.00 20.72 ?  93  ASP A N   1 
ATOM   428  C CA  . ASP A 1 54  ? -0.494  5.811   2.794   1.00 21.41 ?  93  ASP A CA  1 
ATOM   429  C C   . ASP A 1 54  ? 0.251   4.554   3.205   1.00 21.30 ?  93  ASP A C   1 
ATOM   430  O O   . ASP A 1 54  ? -0.335  3.478   3.214   1.00 21.84 ?  93  ASP A O   1 
ATOM   431  C CB  . ASP A 1 54  ? -0.377  6.960   3.803   1.00 22.30 ?  93  ASP A CB  1 
ATOM   432  C CG  . ASP A 1 54  ? -0.685  6.646   5.262   1.00 29.12 ?  93  ASP A CG  1 
ATOM   433  O OD1 . ASP A 1 54  ? -1.433  5.728   5.541   1.00 25.12 ?  93  ASP A OD1 1 
ATOM   434  O OD2 . ASP A 1 54  ? -0.181  7.388   6.121   1.00 38.10 ?  93  ASP A OD2 1 
ATOM   435  N N   . PHE A 1 55  ? 1.555   4.695   3.437   1.00 21.71 ?  94  PHE A N   1 
ATOM   436  C CA  . PHE A 1 55  ? 2.460   3.561   3.685   1.00 22.01 ?  94  PHE A CA  1 
ATOM   437  C C   . PHE A 1 55  ? 3.226   3.818   4.961   1.00 24.49 ?  94  PHE A C   1 
ATOM   438  O O   . PHE A 1 55  ? 3.953   4.838   5.013   1.00 29.38 ?  94  PHE A O   1 
ATOM   439  C CB  . PHE A 1 55  ? 3.350   3.381   2.467   1.00 21.89 ?  94  PHE A CB  1 
ATOM   440  C CG  . PHE A 1 55  ? 2.640   2.983   1.205   1.00 22.07 ?  94  PHE A CG  1 
ATOM   441  C CD1 . PHE A 1 55  ? 2.560   1.643   0.815   1.00 24.67 ?  94  PHE A CD1 1 
ATOM   442  C CD2 . PHE A 1 55  ? 1.960   3.927   0.438   1.00 24.62 ?  94  PHE A CD2 1 
ATOM   443  C CE1 . PHE A 1 55  ? 1.889   1.276   -0.347  1.00 25.79 ?  94  PHE A CE1 1 
ATOM   444  C CE2 . PHE A 1 55  ? 1.278   3.560   -0.705  1.00 25.72 ?  94  PHE A CE2 1 
ATOM   445  C CZ  . PHE A 1 55  ? 1.219   2.231   -1.088  1.00 23.64 ?  94  PHE A CZ  1 
ATOM   446  N N   . VAL A 1 56  ? 3.062   2.938   5.930   1.00 24.31 ?  95  VAL A N   1 
ATOM   447  C CA  . VAL A 1 56  ? 3.682   3.131   7.261   1.00 25.99 ?  95  VAL A CA  1 
ATOM   448  C C   . VAL A 1 56  ? 4.981   2.339   7.325   1.00 25.70 ?  95  VAL A C   1 
ATOM   449  O O   . VAL A 1 56  ? 5.008   1.211   6.950   1.00 23.72 ?  95  VAL A O   1 
ATOM   450  C CB  . VAL A 1 56  ? 2.688   2.737   8.342   1.00 26.86 ?  95  VAL A CB  1 
ATOM   451  C CG1 . VAL A 1 56  ? 3.287   2.948   9.711   1.00 29.41 ?  95  VAL A CG1 1 
ATOM   452  C CG2 . VAL A 1 56  ? 1.428   3.570   8.146   1.00 27.75 ?  95  VAL A CG2 1 
ATOM   453  N N   . ALA A 1 57  ? 6.031   2.978   7.780   1.00 27.07 ?  96  ALA A N   1 
ATOM   454  C CA  . ALA A 1 57  ? 7.333   2.327   7.973   1.00 28.45 ?  96  ALA A CA  1 
ATOM   455  C C   . ALA A 1 57  ? 7.178   1.229   9.023   1.00 28.08 ?  96  ALA A C   1 
ATOM   456  O O   . ALA A 1 57  ? 6.679   1.519   10.092  1.00 30.87 ?  96  ALA A O   1 
ATOM   457  C CB  . ALA A 1 57  ? 8.351   3.359   8.378   1.00 29.45 ?  96  ALA A CB  1 
ATOM   458  N N   . ALA A 1 58  ? 7.622   0.009   8.717   1.00 29.77 ?  97  ALA A N   1 
ATOM   459  C CA  . ALA A 1 58  ? 7.326   -1.226  9.484   1.00 33.20 ?  97  ALA A CA  1 
ATOM   460  C C   . ALA A 1 58  ? 8.399   -1.468  10.549  1.00 39.81 ?  97  ALA A C   1 
ATOM   461  O O   . ALA A 1 58  ? 8.066   -2.179  11.522  1.00 49.96 ?  97  ALA A O   1 
ATOM   462  C CB  . ALA A 1 58  ? 7.203   -2.411  8.553   1.00 35.41 ?  97  ALA A CB  1 
ATOM   463  N N   . ASP A 1 59  ? 9.604   -0.897  10.421  1.00 39.81 ?  98  ASP A N   1 
ATOM   464  C CA  . ASP A 1 59  ? 10.774  -1.325  11.252  1.00 42.96 ?  98  ASP A CA  1 
ATOM   465  C C   . ASP A 1 59  ? 11.658  -0.139  11.621  1.00 40.99 ?  98  ASP A C   1 
ATOM   466  O O   . ASP A 1 59  ? 11.689  0.843   10.872  1.00 42.38 ?  98  ASP A O   1 
ATOM   467  C CB  . ASP A 1 59  ? 11.678  -2.292  10.470  1.00 40.80 ?  98  ASP A CB  1 
ATOM   468  C CG  . ASP A 1 59  ? 10.993  -3.588  10.108  1.00 43.91 ?  98  ASP A CG  1 
ATOM   469  O OD1 . ASP A 1 59  ? 10.864  -3.860  8.915   1.00 48.20 ?  98  ASP A OD1 1 
ATOM   470  O OD2 . ASP A 1 59  ? 10.566  -4.297  11.034  1.00 55.00 ?  98  ASP A OD2 1 
ATOM   471  N N   . ASN A 1 60  ? 12.478  -0.279  12.664  1.00 42.85 ?  99  ASN A N   1 
ATOM   472  C CA  . ASN A 1 60  ? 13.467  0.772   13.031  1.00 46.00 ?  99  ASN A CA  1 
ATOM   473  C C   . ASN A 1 60  ? 14.842  0.396   12.451  1.00 42.93 ?  99  ASN A C   1 
ATOM   474  O O   . ASN A 1 60  ? 15.886  0.723   13.067  1.00 43.24 ?  99  ASN A O   1 
ATOM   475  C CB  . ASN A 1 60  ? 13.521  0.987   14.547  1.00 53.11 ?  99  ASN A CB  1 
ATOM   476  C CG  . ASN A 1 60  ? 14.439  -0.002  15.235  1.00 58.39 ?  99  ASN A CG  1 
ATOM   477  O OD1 . ASN A 1 60  ? 14.582  -1.141  14.788  1.00 61.95 ?  99  ASN A OD1 1 
ATOM   478  N ND2 . ASN A 1 60  ? 15.071  0.425   16.317  1.00 67.30 ?  99  ASN A ND2 1 
ATOM   479  N N   . HIS A 1 61  ? 14.872  -0.269  11.297  1.00 38.91 ?  100 HIS A N   1 
ATOM   480  C CA  . HIS A 1 61  ? 16.140  -0.597  10.606  1.00 34.05 ?  100 HIS A CA  1 
ATOM   481  C C   . HIS A 1 61  ? 15.839  -0.946  9.159   1.00 33.44 ?  100 HIS A C   1 
ATOM   482  O O   . HIS A 1 61  ? 14.649  -1.260  8.846   1.00 35.39 ?  100 HIS A O   1 
ATOM   483  C CB  . HIS A 1 61  ? 16.846  -1.772  11.284  1.00 33.55 ?  100 HIS A CB  1 
ATOM   484  C CG  . HIS A 1 61  ? 16.114  -3.055  11.136  1.00 31.96 ?  100 HIS A CG  1 
ATOM   485  N ND1 . HIS A 1 61  ? 15.304  -3.559  12.146  1.00 36.88 ?  100 HIS A ND1 1 
ATOM   486  C CD2 . HIS A 1 61  ? 16.049  -3.934  10.105  1.00 31.67 ?  100 HIS A CD2 1 
ATOM   487  C CE1 . HIS A 1 61  ? 14.802  -4.714  11.755  1.00 29.73 ?  100 HIS A CE1 1 
ATOM   488  N NE2 . HIS A 1 61  ? 15.260  -4.993  10.505  1.00 36.13 ?  100 HIS A NE2 1 
ATOM   489  N N   . ARG A 1 62  ? 16.867  -0.908  8.333   1.00 32.10 ?  101 ARG A N   1 
ATOM   490  C CA  . ARG A 1 62  ? 16.686  -1.235  6.901   1.00 33.75 ?  101 ARG A CA  1 
ATOM   491  C C   . ARG A 1 62  ? 17.052  -2.711  6.728   1.00 27.17 ?  101 ARG A C   1 
ATOM   492  O O   . ARG A 1 62  ? 17.407  -3.422  7.723   1.00 27.65 ?  101 ARG A O   1 
ATOM   493  C CB  . ARG A 1 62  ? 17.373  -0.183  6.027   1.00 40.30 ?  101 ARG A CB  1 
ATOM   494  C CG  . ARG A 1 62  ? 18.845  -0.398  5.758   1.00 53.53 ?  101 ARG A CG  1 
ATOM   495  C CD  . ARG A 1 62  ? 19.392  0.795   4.991   1.00 60.42 ?  101 ARG A CD  1 
ATOM   496  N NE  . ARG A 1 62  ? 20.153  1.649   5.901   1.00 77.78 ?  101 ARG A NE  1 
ATOM   497  C CZ  . ARG A 1 62  ? 21.199  2.405   5.566   1.00 89.45 ?  101 ARG A CZ  1 
ATOM   498  N NH1 . ARG A 1 62  ? 21.823  3.118   6.493   1.00 89.92 ?  101 ARG A NH1 1 
ATOM   499  N NH2 . ARG A 1 62  ? 21.631  2.436   4.315   1.00 90.17 ?  101 ARG A NH2 1 
ATOM   500  N N   . TRP A 1 63  ? 16.785  -3.209  5.533   1.00 24.61 ?  102 TRP A N   1 
ATOM   501  C CA  . TRP A 1 63  ? 16.894  -4.649  5.227   1.00 26.41 ?  102 TRP A CA  1 
ATOM   502  C C   . TRP A 1 63  ? 17.907  -4.805  4.093   1.00 26.89 ?  102 TRP A C   1 
ATOM   503  O O   . TRP A 1 63  ? 18.131  -3.848  3.313   1.00 29.13 ?  102 TRP A O   1 
ATOM   504  C CB  . TRP A 1 63  ? 15.526  -5.225  4.835   1.00 25.74 ?  102 TRP A CB  1 
ATOM   505  C CG  . TRP A 1 63  ? 14.566  -5.282  5.963   1.00 26.07 ?  102 TRP A CG  1 
ATOM   506  C CD1 . TRP A 1 63  ? 13.608  -4.355  6.294   1.00 26.96 ?  102 TRP A CD1 1 
ATOM   507  C CD2 . TRP A 1 63  ? 14.440  -6.357  6.901   1.00 27.52 ?  102 TRP A CD2 1 
ATOM   508  N NE1 . TRP A 1 63  ? 12.926  -4.787  7.391   1.00 29.01 ?  102 TRP A NE1 1 
ATOM   509  C CE2 . TRP A 1 63  ? 13.394  -6.002  7.787   1.00 29.97 ?  102 TRP A CE2 1 
ATOM   510  C CE3 . TRP A 1 63  ? 15.072  -7.599  7.068   1.00 29.11 ?  102 TRP A CE3 1 
ATOM   511  C CZ2 . TRP A 1 63  ? 12.991  -6.825  8.836   1.00 29.23 ?  102 TRP A CZ2 1 
ATOM   512  C CZ3 . TRP A 1 63  ? 14.682  -8.399  8.125   1.00 30.07 ?  102 TRP A CZ3 1 
ATOM   513  C CH2 . TRP A 1 63  ? 13.665  -8.010  9.008   1.00 31.62 ?  102 TRP A CH2 1 
ATOM   514  N N   A LYS A 1 64  ? 18.519  -5.988  4.013   0.25 28.22 ?  103 LYS A N   1 
ATOM   515  N N   B LYS A 1 64  ? 18.522  -5.983  4.004   0.25 26.32 ?  103 LYS A N   1 
ATOM   516  C CA  A LYS A 1 64  ? 19.363  -6.398  2.864   0.25 29.13 ?  103 LYS A CA  1 
ATOM   517  C CA  B LYS A 1 64  ? 19.313  -6.382  2.817   0.25 26.03 ?  103 LYS A CA  1 
ATOM   518  C C   A LYS A 1 64  ? 19.174  -7.899  2.616   0.25 27.10 ?  103 LYS A C   1 
ATOM   519  C C   B LYS A 1 64  ? 19.155  -7.889  2.606   0.25 25.39 ?  103 LYS A C   1 
ATOM   520  O O   A LYS A 1 64  ? 18.827  -8.638  3.564   0.25 25.88 ?  103 LYS A O   1 
ATOM   521  O O   B LYS A 1 64  ? 18.810  -8.616  3.561   0.25 24.19 ?  103 LYS A O   1 
ATOM   522  C CB  A LYS A 1 64  ? 20.829  -5.993  3.061   0.25 31.94 ?  103 LYS A CB  1 
ATOM   523  C CB  B LYS A 1 64  ? 20.775  -5.933  2.918   0.25 26.33 ?  103 LYS A CB  1 
ATOM   524  C CG  A LYS A 1 64  ? 21.535  -6.544  4.290   0.25 35.62 ?  103 LYS A CG  1 
ATOM   525  C CG  B LYS A 1 64  ? 21.627  -6.676  3.930   0.25 26.86 ?  103 LYS A CG  1 
ATOM   526  C CD  A LYS A 1 64  ? 23.023  -6.190  4.300   0.25 38.64 ?  103 LYS A CD  1 
ATOM   527  C CD  B LYS A 1 64  ? 23.121  -6.353  3.827   0.25 26.91 ?  103 LYS A CD  1 
ATOM   528  C CE  A LYS A 1 64  ? 23.641  -6.049  5.680   0.25 39.52 ?  103 LYS A CE  1 
ATOM   529  C CE  B LYS A 1 64  ? 23.889  -6.790  5.063   0.25 26.40 ?  103 LYS A CE  1 
ATOM   530  N NZ  A LYS A 1 64  ? 23.128  -7.060  6.630   0.25 41.50 ?  103 LYS A NZ  1 
ATOM   531  N NZ  B LYS A 1 64  ? 25.098  -5.963  5.317   0.25 25.01 ?  103 LYS A NZ  1 
ATOM   532  N N   . TYR A 1 65  ? 19.355  -8.295  1.354   1.00 25.98 ?  104 TYR A N   1 
ATOM   533  C CA  . TYR A 1 65  ? 19.120  -9.669  0.870   1.00 25.35 ?  104 TYR A CA  1 
ATOM   534  C C   . TYR A 1 65  ? 20.493  -10.297 0.741   1.00 28.06 ?  104 TYR A C   1 
ATOM   535  O O   . TYR A 1 65  ? 21.212  -9.803  -0.089  1.00 27.57 ?  104 TYR A O   1 
ATOM   536  C CB  . TYR A 1 65  ? 18.407  -9.638  -0.479  1.00 25.83 ?  104 TYR A CB  1 
ATOM   537  C CG  . TYR A 1 65  ? 17.806  -10.955 -0.874  1.00 26.20 ?  104 TYR A CG  1 
ATOM   538  C CD1 . TYR A 1 65  ? 16.769  -11.523 -0.158  1.00 23.66 ?  104 TYR A CD1 1 
ATOM   539  C CD2 . TYR A 1 65  ? 18.294  -11.676 -1.954  1.00 27.97 ?  104 TYR A CD2 1 
ATOM   540  C CE1 . TYR A 1 65  ? 16.186  -12.723 -0.532  1.00 27.29 ?  104 TYR A CE1 1 
ATOM   541  C CE2 . TYR A 1 65  ? 17.719  -12.877 -2.339  1.00 27.51 ?  104 TYR A CE2 1 
ATOM   542  C CZ  . TYR A 1 65  ? 16.666  -13.406 -1.643  1.00 27.74 ?  104 TYR A CZ  1 
ATOM   543  O OH  . TYR A 1 65  ? 16.067  -14.591 -1.977  1.00 32.23 ?  104 TYR A OH  1 
ATOM   544  N N   . VAL A 1 66  ? 20.807  -11.227 1.632   1.00 27.55 ?  105 VAL A N   1 
ATOM   545  C CA  . VAL A 1 66  ? 22.167  -11.825 1.790   1.00 30.23 ?  105 VAL A CA  1 
ATOM   546  C C   . VAL A 1 66  ? 21.971  -13.337 1.786   1.00 26.69 ?  105 VAL A C   1 
ATOM   547  O O   . VAL A 1 66  ? 21.204  -13.807 2.615   1.00 28.37 ?  105 VAL A O   1 
ATOM   548  C CB  . VAL A 1 66  ? 22.854  -11.337 3.076   1.00 31.26 ?  105 VAL A CB  1 
ATOM   549  C CG1 . VAL A 1 66  ? 24.214  -12.012 3.281   1.00 31.04 ?  105 VAL A CG1 1 
ATOM   550  C CG2 . VAL A 1 66  ? 22.994  -9.822  3.125   1.00 30.66 ?  105 VAL A CG2 1 
ATOM   551  N N   . ASN A 1 67  ? 22.668  -14.056 0.915   1.00 29.46 ?  106 ASN A N   1 
ATOM   552  C CA  . ASN A 1 67  ? 22.680  -15.540 0.888   1.00 28.38 ?  106 ASN A CA  1 
ATOM   553  C C   . ASN A 1 67  ? 21.223  -16.016 0.772   1.00 26.28 ?  106 ASN A C   1 
ATOM   554  O O   . ASN A 1 67  ? 20.836  -16.968 1.475   1.00 27.95 ?  106 ASN A O   1 
ATOM   555  C CB  . ASN A 1 67  ? 23.453  -16.045 2.108   1.00 29.38 ?  106 ASN A CB  1 
ATOM   556  C CG  . ASN A 1 67  ? 24.920  -15.659 2.033   1.00 26.46 ?  106 ASN A CG  1 
ATOM   557  O OD1 . ASN A 1 67  ? 25.485  -15.526 0.946   1.00 32.52 ?  106 ASN A OD1 1 
ATOM   558  N ND2 . ASN A 1 67  ? 25.558  -15.591 3.187   1.00 32.17 ?  106 ASN A ND2 1 
ATOM   559  N N   . GLY A 1 68  ? 20.421  -15.300 -0.035  1.00 29.92 ?  107 GLY A N   1 
ATOM   560  C CA  . GLY A 1 68  ? 19.037  -15.691 -0.368  1.00 33.86 ?  107 GLY A CA  1 
ATOM   561  C C   . GLY A 1 68  ? 18.056  -15.427 0.759   1.00 31.04 ?  107 GLY A C   1 
ATOM   562  O O   . GLY A 1 68  ? 16.972  -16.006 0.729   1.00 33.51 ?  107 GLY A O   1 
ATOM   563  N N   . GLU A 1 69  ? 18.429  -14.599 1.737   1.00 30.18 ?  108 GLU A N   1 
ATOM   564  C CA  . GLU A 1 69  ? 17.616  -14.322 2.950   1.00 30.42 ?  108 GLU A CA  1 
ATOM   565  C C   . GLU A 1 69  ? 17.616  -12.809 3.200   1.00 28.37 ?  108 GLU A C   1 
ATOM   566  O O   . GLU A 1 69  ? 18.652  -12.110 3.009   1.00 30.27 ?  108 GLU A O   1 
ATOM   567  C CB  . GLU A 1 69  ? 18.134  -15.087 4.179   1.00 31.90 ?  108 GLU A CB  1 
ATOM   568  C CG  . GLU A 1 69  ? 18.151  -16.608 4.020   1.00 37.31 ?  108 GLU A CG  1 
ATOM   569  C CD  . GLU A 1 69  ? 16.822  -17.270 3.687   1.00 39.99 ?  108 GLU A CD  1 
ATOM   570  O OE1 . GLU A 1 69  ? 15.752  -16.632 3.875   1.00 36.57 ?  108 GLU A OE1 1 
ATOM   571  O OE2 . GLU A 1 69  ? 16.836  -18.432 3.248   1.00 46.66 ?  108 GLU A OE2 1 
ATOM   572  N N   . TRP A 1 70  ? 16.477  -12.287 3.639   1.00 25.75 ?  109 TRP A N   1 
ATOM   573  C CA  . TRP A 1 70  ? 16.436  -10.885 4.094   1.00 27.80 ?  109 TRP A CA  1 
ATOM   574  C C   . TRP A 1 70  ? 16.908  -10.798 5.541   1.00 28.29 ?  109 TRP A C   1 
ATOM   575  O O   . TRP A 1 70  ? 16.378  -11.517 6.406   1.00 32.80 ?  109 TRP A O   1 
ATOM   576  C CB  . TRP A 1 70  ? 15.021  -10.341 4.001   1.00 26.15 ?  109 TRP A CB  1 
ATOM   577  C CG  . TRP A 1 70  ? 14.628  -10.054 2.607   1.00 24.64 ?  109 TRP A CG  1 
ATOM   578  C CD1 . TRP A 1 70  ? 13.833  -10.838 1.826   1.00 28.91 ?  109 TRP A CD1 1 
ATOM   579  C CD2 . TRP A 1 70  ? 14.954  -8.886  1.852   1.00 24.66 ?  109 TRP A CD2 1 
ATOM   580  N NE1 . TRP A 1 70  ? 13.672  -10.223 0.629   1.00 25.31 ?  109 TRP A NE1 1 
ATOM   581  C CE2 . TRP A 1 70  ? 14.346  -9.043  0.600   1.00 23.71 ?  109 TRP A CE2 1 
ATOM   582  C CE3 . TRP A 1 70  ? 15.731  -7.743  2.065   1.00 24.01 ?  109 TRP A CE3 1 
ATOM   583  C CZ2 . TRP A 1 70  ? 14.449  -8.080  -0.387  1.00 27.00 ?  109 TRP A CZ2 1 
ATOM   584  C CZ3 . TRP A 1 70  ? 15.788  -6.764  1.112   1.00 28.64 ?  109 TRP A CZ3 1 
ATOM   585  C CH2 . TRP A 1 70  ? 15.180  -6.945  -0.131  1.00 28.37 ?  109 TRP A CH2 1 
ATOM   586  N N   . VAL A 1 71  ? 17.796  -9.875  5.809   1.00 28.22 ?  110 VAL A N   1 
ATOM   587  C CA  . VAL A 1 71  ? 18.362  -9.730  7.180   1.00 29.91 ?  110 VAL A CA  1 
ATOM   588  C C   . VAL A 1 71  ? 18.487  -8.248  7.458   1.00 27.41 ?  110 VAL A C   1 
ATOM   589  O O   . VAL A 1 71  ? 18.481  -7.400  6.548   1.00 25.79 ?  110 VAL A O   1 
ATOM   590  C CB  . VAL A 1 71  ? 19.716  -10.446 7.333   1.00 27.38 ?  110 VAL A CB  1 
ATOM   591  C CG1 . VAL A 1 71  ? 19.612  -11.938 7.099   1.00 31.67 ?  110 VAL A CG1 1 
ATOM   592  C CG2 . VAL A 1 71  ? 20.764  -9.815  6.420   1.00 27.89 ?  110 VAL A CG2 1 
ATOM   593  N N   . PRO A 1 72  ? 18.551  -7.860  8.752   1.00 29.68 ?  111 PRO A N   1 
ATOM   594  C CA  . PRO A 1 72  ? 18.796  -6.455  9.078   1.00 29.73 ?  111 PRO A CA  1 
ATOM   595  C C   . PRO A 1 72  ? 20.030  -5.901  8.347   1.00 31.29 ?  111 PRO A C   1 
ATOM   596  O O   . PRO A 1 72  ? 21.034  -6.588  8.316   1.00 30.46 ?  111 PRO A O   1 
ATOM   597  C CB  . PRO A 1 72  ? 18.973  -6.552  10.607  1.00 28.88 ?  111 PRO A CB  1 
ATOM   598  C CG  . PRO A 1 72  ? 18.071  -7.707  11.028  1.00 29.32 ?  111 PRO A CG  1 
ATOM   599  C CD  . PRO A 1 72  ? 18.364  -8.719  9.939   1.00 32.48 ?  111 PRO A CD  1 
ATOM   600  N N   . GLY A 1 73  ? 19.918  -4.704  7.741   1.00 28.01 ?  112 GLY A N   1 
ATOM   601  C CA  . GLY A 1 73  ? 20.860  -4.121  6.750   1.00 30.81 ?  112 GLY A CA  1 
ATOM   602  C C   . GLY A 1 73  ? 21.410  -2.738  7.085   1.00 32.95 ?  112 GLY A C   1 
ATOM   603  O O   . GLY A 1 73  ? 22.092  -2.108  6.195   1.00 31.12 ?  112 GLY A O   1 
ATOM   604  N N   . GLY A 1 74  ? 21.167  -2.260  8.311   1.00 32.12 ?  113 GLY A N   1 
ATOM   605  C CA  . GLY A 1 74  ? 21.593  -0.906  8.720   1.00 32.21 ?  113 GLY A CA  1 
ATOM   606  C C   . GLY A 1 74  ? 20.583  -0.170  9.571   1.00 32.44 ?  113 GLY A C   1 
ATOM   607  O O   . GLY A 1 74  ? 19.436  -0.648  9.723   1.00 32.65 ?  113 GLY A O   1 
ATOM   608  N N   . LYS A 1 75  ? 20.972  1.003   10.101  1.00 35.94 ?  114 LYS A N   1 
ATOM   609  C CA  . LYS A 1 75  ? 20.018  1.929   10.742  1.00 40.22 ?  114 LYS A CA  1 
ATOM   610  C C   . LYS A 1 75  ? 19.174  2.509   9.609   1.00 42.92 ?  114 LYS A C   1 
ATOM   611  O O   . LYS A 1 75  ? 19.625  2.619   8.471   1.00 46.52 ?  114 LYS A O   1 
ATOM   612  C CB  . LYS A 1 75  ? 20.723  2.983   11.603  1.00 44.09 ?  114 LYS A CB  1 
ATOM   613  C CG  . LYS A 1 75  ? 21.496  2.449   12.819  1.00 42.77 ?  114 LYS A CG  1 
ATOM   614  C CD  . LYS A 1 75  ? 21.959  3.562   13.785  1.00 42.34 ?  114 LYS A CD  1 
ATOM   615  C CE  . LYS A 1 75  ? 21.609  3.310   15.240  1.00 45.67 ?  114 LYS A CE  1 
ATOM   616  N NZ  . LYS A 1 75  ? 21.303  4.546   16.028  1.00 50.26 ?  114 LYS A NZ  1 
ATOM   617  N N   . PRO A 1 76  ? 17.917  2.875   9.895   1.00 47.23 ?  115 PRO A N   1 
ATOM   618  C CA  . PRO A 1 76  ? 17.032  3.414   8.862   1.00 48.04 ?  115 PRO A CA  1 
ATOM   619  C C   . PRO A 1 76  ? 17.488  4.811   8.414   1.00 49.68 ?  115 PRO A C   1 
ATOM   620  O O   . PRO A 1 76  ? 18.036  5.571   9.213   1.00 43.96 ?  115 PRO A O   1 
ATOM   621  C CB  . PRO A 1 76  ? 15.657  3.467   9.550   1.00 47.17 ?  115 PRO A CB  1 
ATOM   622  C CG  . PRO A 1 76  ? 15.966  3.565   11.033  1.00 51.57 ?  115 PRO A CG  1 
ATOM   623  C CD  . PRO A 1 76  ? 17.331  2.942   11.240  1.00 47.62 ?  115 PRO A CD  1 
ATOM   624  N N   . GLU A 1 77  ? 17.261  5.129   7.141   1.00 44.88 ?  116 GLU A N   1 
ATOM   625  C CA  . GLU A 1 77  ? 17.343  6.529   6.666   1.00 50.83 ?  116 GLU A CA  1 
ATOM   626  C C   . GLU A 1 77  ? 16.224  7.322   7.351   1.00 49.33 ?  116 GLU A C   1 
ATOM   627  O O   . GLU A 1 77  ? 15.242  6.763   7.858   1.00 47.07 ?  116 GLU A O   1 
ATOM   628  C CB  . GLU A 1 77  ? 17.290  6.557   5.139   1.00 54.80 ?  116 GLU A CB  1 
ATOM   629  C CG  . GLU A 1 77  ? 18.495  5.877   4.516   1.00 62.07 ?  116 GLU A CG  1 
ATOM   630  C CD  . GLU A 1 77  ? 18.198  5.041   3.283   1.00 69.51 ?  116 GLU A CD  1 
ATOM   631  O OE1 . GLU A 1 77  ? 17.404  5.496   2.424   1.00 66.86 ?  116 GLU A OE1 1 
ATOM   632  O OE2 . GLU A 1 77  ? 18.760  3.924   3.191   1.00 76.40 ?  116 GLU A OE2 1 
ATOM   633  N N   . PRO A 1 78  ? 16.384  8.659   7.441   1.00 39.65 ?  117 PRO A N   1 
ATOM   634  C CA  . PRO A 1 78  ? 15.293  9.554   7.793   1.00 39.52 ?  117 PRO A CA  1 
ATOM   635  C C   . PRO A 1 78  ? 14.040  9.162   7.010   1.00 42.63 ?  117 PRO A C   1 
ATOM   636  O O   . PRO A 1 78  ? 14.159  8.794   5.845   1.00 38.23 ?  117 PRO A O   1 
ATOM   637  C CB  . PRO A 1 78  ? 15.814  10.927  7.346   1.00 42.16 ?  117 PRO A CB  1 
ATOM   638  C CG  . PRO A 1 78  ? 17.313  10.815  7.571   1.00 40.58 ?  117 PRO A CG  1 
ATOM   639  C CD  . PRO A 1 78  ? 17.654  9.379   7.221   1.00 41.50 ?  117 PRO A CD  1 
ATOM   640  N N   . GLN A 1 79  ? 12.896  9.208   7.683   1.00 42.10 ?  118 GLN A N   1 
ATOM   641  C CA  . GLN A 1 79  ? 11.601  8.791   7.100   1.00 46.24 ?  118 GLN A CA  1 
ATOM   642  C C   . GLN A 1 79  ? 11.350  9.560   5.807   1.00 46.78 ?  118 GLN A C   1 
ATOM   643  O O   . GLN A 1 79  ? 11.590  10.781  5.768   1.00 38.56 ?  118 GLN A O   1 
ATOM   644  C CB  . GLN A 1 79  ? 10.482  9.026   8.105   1.00 51.34 ?  118 GLN A CB  1 
ATOM   645  C CG  . GLN A 1 79  ? 10.520  8.042   9.259   1.00 59.96 ?  118 GLN A CG  1 
ATOM   646  C CD  . GLN A 1 79  ? 9.116   7.625   9.612   1.00 71.52 ?  118 GLN A CD  1 
ATOM   647  O OE1 . GLN A 1 79  ? 8.268   8.464   9.926   1.00 73.79 ?  118 GLN A OE1 1 
ATOM   648  N NE2 . GLN A 1 79  ? 8.859   6.327   9.530   1.00 68.30 ?  118 GLN A NE2 1 
ATOM   649  N N   . ALA A 1 80  ? 10.819  8.864   4.799   1.00 50.23 ?  119 ALA A N   1 
ATOM   650  C CA  . ALA A 1 80  ? 10.230  9.467   3.584   1.00 51.25 ?  119 ALA A CA  1 
ATOM   651  C C   . ALA A 1 80  ? 9.173   10.494  4.018   1.00 54.89 ?  119 ALA A C   1 
ATOM   652  O O   . ALA A 1 80  ? 8.583   10.364  5.099   1.00 46.14 ?  119 ALA A O   1 
ATOM   653  C CB  . ALA A 1 80  ? 9.650   8.363   2.719   1.00 48.02 ?  119 ALA A CB  1 
ATOM   654  N N   . PRO A 1 81  ? 8.900   11.568  3.236   1.00 58.81 ?  120 PRO A N   1 
ATOM   655  C CA  . PRO A 1 81  ? 7.751   12.436  3.540   1.00 62.90 ?  120 PRO A CA  1 
ATOM   656  C C   . PRO A 1 81  ? 6.454   11.600  3.573   1.00 62.51 ?  120 PRO A C   1 
ATOM   657  O O   . PRO A 1 81  ? 6.383   10.602  2.859   1.00 56.71 ?  120 PRO A O   1 
ATOM   658  C CB  . PRO A 1 81  ? 7.752   13.497  2.422   1.00 62.88 ?  120 PRO A CB  1 
ATOM   659  C CG  . PRO A 1 81  ? 8.685   12.946  1.343   1.00 62.36 ?  120 PRO A CG  1 
ATOM   660  C CD  . PRO A 1 81  ? 9.646   12.001  2.044   1.00 60.76 ?  120 PRO A CD  1 
ATOM   661  N N   . SER A 1 82  ? 5.481   11.975  4.416   1.00 63.13 ?  121 SER A N   1 
ATOM   662  C CA  . SER A 1 82  ? 4.211   11.218  4.633   1.00 63.15 ?  121 SER A CA  1 
ATOM   663  C C   . SER A 1 82  ? 3.241   11.496  3.476   1.00 50.08 ?  121 SER A C   1 
ATOM   664  O O   . SER A 1 82  ? 2.290   12.293  3.654   1.00 63.28 ?  121 SER A O   1 
ATOM   665  C CB  . SER A 1 82  ? 3.591   11.526  5.982   1.00 65.85 ?  121 SER A CB  1 
ATOM   666  O OG  . SER A 1 82  ? 4.086   10.641  6.981   1.00 73.89 ?  121 SER A OG  1 
ATOM   667  N N   . CYS A 1 83  ? 3.493   10.874  2.325   1.00 38.30 ?  122 CYS A N   1 
ATOM   668  C CA  . CYS A 1 83  ? 2.714   11.044  1.076   1.00 36.16 ?  122 CYS A CA  1 
ATOM   669  C C   . CYS A 1 83  ? 1.393   10.294  1.237   1.00 35.61 ?  122 CYS A C   1 
ATOM   670  O O   . CYS A 1 83  ? 1.399   9.150   1.734   1.00 37.72 ?  122 CYS A O   1 
ATOM   671  C CB  . CYS A 1 83  ? 3.458   10.469  -0.119  1.00 38.87 ?  122 CYS A CB  1 
ATOM   672  S SG  . CYS A 1 83  ? 5.092   11.211  -0.397  1.00 41.44 ?  122 CYS A SG  1 
ATOM   673  N N   . VAL A 1 84  ? 0.304   10.916  0.821   1.00 34.31 ?  123 VAL A N   1 
ATOM   674  C CA  . VAL A 1 84  ? -1.042  10.305  0.872   1.00 33.03 ?  123 VAL A CA  1 
ATOM   675  C C   . VAL A 1 84  ? -1.542  10.266  -0.562  1.00 32.19 ?  123 VAL A C   1 
ATOM   676  O O   . VAL A 1 84  ? -1.299  11.230  -1.304  1.00 34.44 ?  123 VAL A O   1 
ATOM   677  C CB  . VAL A 1 84  ? -1.956  11.075  1.831   1.00 33.04 ?  123 VAL A CB  1 
ATOM   678  C CG1 . VAL A 1 84  ? -3.351  10.497  1.828   1.00 33.88 ?  123 VAL A CG1 1 
ATOM   679  C CG2 . VAL A 1 84  ? -1.391  11.104  3.238   1.00 36.16 ?  123 VAL A CG2 1 
ATOM   680  N N   . TYR A 1 85  ? -2.087  9.125   -0.970  1.00 28.10 ?  124 TYR A N   1 
ATOM   681  C CA  . TYR A 1 85  ? -2.757  8.955   -2.271  1.00 26.94 ?  124 TYR A CA  1 
ATOM   682  C C   . TYR A 1 85  ? -4.256  9.041   -2.036  1.00 26.01 ?  124 TYR A C   1 
ATOM   683  O O   . TYR A 1 85  ? -4.778  8.284   -1.230  1.00 26.34 ?  124 TYR A O   1 
ATOM   684  C CB  . TYR A 1 85  ? -2.375  7.609   -2.873  1.00 24.90 ?  124 TYR A CB  1 
ATOM   685  C CG  . TYR A 1 85  ? -3.038  7.284   -4.180  1.00 27.96 ?  124 TYR A CG  1 
ATOM   686  C CD1 . TYR A 1 85  ? -2.647  7.920   -5.352  1.00 30.77 ?  124 TYR A CD1 1 
ATOM   687  C CD2 . TYR A 1 85  ? -4.089  6.380   -4.246  1.00 27.56 ?  124 TYR A CD2 1 
ATOM   688  C CE1 . TYR A 1 85  ? -3.269  7.648   -6.557  1.00 28.39 ?  124 TYR A CE1 1 
ATOM   689  C CE2 . TYR A 1 85  ? -4.694  6.071   -5.455  1.00 28.07 ?  124 TYR A CE2 1 
ATOM   690  C CZ  . TYR A 1 85  ? -4.287  6.715   -6.610  1.00 28.24 ?  124 TYR A CZ  1 
ATOM   691  O OH  . TYR A 1 85  ? -4.917  6.385   -7.760  1.00 30.26 ?  124 TYR A OH  1 
ATOM   692  N N   . ILE A 1 86  ? -4.932  9.953   -2.723  1.00 26.15 ?  125 ILE A N   1 
ATOM   693  C CA  . ILE A 1 86  ? -6.415  10.041  -2.668  1.00 26.23 ?  125 ILE A CA  1 
ATOM   694  C C   . ILE A 1 86  ? -6.975  9.103   -3.723  1.00 25.46 ?  125 ILE A C   1 
ATOM   695  O O   . ILE A 1 86  ? -6.691  9.293   -4.945  1.00 26.63 ?  125 ILE A O   1 
ATOM   696  C CB  . ILE A 1 86  ? -6.861  11.487  -2.871  1.00 28.69 ?  125 ILE A CB  1 
ATOM   697  C CG1 . ILE A 1 86  ? -6.287  12.405  -1.793  1.00 33.96 ?  125 ILE A CG1 1 
ATOM   698  C CG2 . ILE A 1 86  ? -8.384  11.540  -2.917  1.00 31.61 ?  125 ILE A CG2 1 
ATOM   699  C CD1 . ILE A 1 86  ? -6.289  13.879  -2.206  1.00 37.99 ?  125 ILE A CD1 1 
ATOM   700  N N   . HIS A 1 87  ? -7.836  8.175   -3.335  1.00 23.85 ?  126 HIS A N   1 
ATOM   701  C CA  . HIS A 1 87  ? -8.484  7.290   -4.310  1.00 24.27 ?  126 HIS A CA  1 
ATOM   702  C C   . HIS A 1 87  ? -9.241  8.148   -5.329  1.00 25.29 ?  126 HIS A C   1 
ATOM   703  O O   . HIS A 1 87  ? -9.957  9.032   -4.949  1.00 25.47 ?  126 HIS A O   1 
ATOM   704  C CB  . HIS A 1 87  ? -9.440  6.295   -3.665  1.00 23.15 ?  126 HIS A CB  1 
ATOM   705  C CG  . HIS A 1 87  ? -9.870  5.271   -4.648  1.00 22.53 ?  126 HIS A CG  1 
ATOM   706  N ND1 . HIS A 1 87  ? -10.808 5.553   -5.620  1.00 24.67 ?  126 HIS A ND1 1 
ATOM   707  C CD2 . HIS A 1 87  ? -9.481  3.997   -4.857  1.00 22.94 ?  126 HIS A CD2 1 
ATOM   708  C CE1 . HIS A 1 87  ? -11.011 4.473   -6.355  1.00 26.33 ?  126 HIS A CE1 1 
ATOM   709  N NE2 . HIS A 1 87  ? -10.186 3.496   -5.927  1.00 26.17 ?  126 HIS A NE2 1 
ATOM   710  N N   . PRO A 1 88  ? -9.022  7.988   -6.652  1.00 26.36 ?  127 PRO A N   1 
ATOM   711  C CA  . PRO A 1 88  ? -9.623  8.910   -7.618  1.00 29.71 ?  127 PRO A CA  1 
ATOM   712  C C   . PRO A 1 88  ? -11.165 8.989   -7.638  1.00 30.68 ?  127 PRO A C   1 
ATOM   713  O O   . PRO A 1 88  ? -11.668 9.989   -8.130  1.00 30.88 ?  127 PRO A O   1 
ATOM   714  C CB  . PRO A 1 88  ? -9.106  8.414   -8.983  1.00 30.51 ?  127 PRO A CB  1 
ATOM   715  C CG  . PRO A 1 88  ? -8.546  7.041   -8.744  1.00 31.03 ?  127 PRO A CG  1 
ATOM   716  C CD  . PRO A 1 88  ? -8.174  6.965   -7.276  1.00 29.62 ?  127 PRO A CD  1 
ATOM   717  N N   . ASP A 1 89  ? -11.877 8.022   -7.061  1.00 24.71 ?  128 ASP A N   1 
ATOM   718  C CA  . ASP A 1 89  ? -13.367 8.076   -6.945  1.00 26.57 ?  128 ASP A CA  1 
ATOM   719  C C   . ASP A 1 89  ? -13.791 9.033   -5.820  1.00 26.62 ?  128 ASP A C   1 
ATOM   720  O O   . ASP A 1 89  ? -14.999 9.305   -5.728  1.00 28.34 ?  128 ASP A O   1 
ATOM   721  C CB  . ASP A 1 89  ? -14.013 6.711   -6.719  1.00 26.46 ?  128 ASP A CB  1 
ATOM   722  C CG  . ASP A 1 89  ? -13.803 5.652   -7.799  1.00 28.16 ?  128 ASP A CG  1 
ATOM   723  O OD1 . ASP A 1 89  ? -13.111 5.965   -8.801  1.00 31.84 ?  128 ASP A OD1 1 
ATOM   724  O OD2 . ASP A 1 89  ? -14.326 4.527   -7.623  1.00 28.88 ?  128 ASP A OD2 1 
ATOM   725  N N   . SER A 1 90  ? -12.874 9.617   -5.051  1.00 25.23 ?  129 SER A N   1 
ATOM   726  C CA  . SER A 1 90  ? -13.173 10.457  -3.875  1.00 26.33 ?  129 SER A CA  1 
ATOM   727  C C   . SER A 1 90  ? -13.603 11.831  -4.352  1.00 27.19 ?  129 SER A C   1 
ATOM   728  O O   . SER A 1 90  ? -13.097 12.302  -5.362  1.00 27.14 ?  129 SER A O   1 
ATOM   729  C CB  . SER A 1 90  ? -12.022 10.605  -2.922  1.00 26.84 ?  129 SER A CB  1 
ATOM   730  O OG  . SER A 1 90  ? -11.503 9.337   -2.519  1.00 23.49 ?  129 SER A OG  1 
ATOM   731  N N   . PRO A 1 91  ? -14.499 12.536  -3.647  1.00 29.13 ?  130 PRO A N   1 
ATOM   732  C CA  . PRO A 1 91  ? -15.346 11.957  -2.624  1.00 27.25 ?  130 PRO A CA  1 
ATOM   733  C C   . PRO A 1 91  ? -16.508 11.203  -3.281  1.00 26.61 ?  130 PRO A C   1 
ATOM   734  O O   . PRO A 1 91  ? -16.906 11.509  -4.404  1.00 27.90 ?  130 PRO A O   1 
ATOM   735  C CB  . PRO A 1 91  ? -15.858 13.180  -1.870  1.00 30.61 ?  130 PRO A CB  1 
ATOM   736  C CG  . PRO A 1 91  ? -15.948 14.258  -2.953  1.00 32.05 ?  130 PRO A CG  1 
ATOM   737  C CD  . PRO A 1 91  ? -14.768 13.976  -3.857  1.00 29.31 ?  130 PRO A CD  1 
ATOM   738  N N   . ASN A 1 92  ? -17.113 10.254  -2.572  1.00 24.93 ?  131 ASN A N   1 
ATOM   739  C CA  . ASN A 1 92  ? -18.243 9.483   -3.137  1.00 22.58 ?  131 ASN A CA  1 
ATOM   740  C C   . ASN A 1 92  ? -19.142 8.957   -2.027  1.00 24.00 ?  131 ASN A C   1 
ATOM   741  O O   . ASN A 1 92  ? -18.699 8.856   -0.863  1.00 24.25 ?  131 ASN A O   1 
ATOM   742  C CB  . ASN A 1 92  ? -17.699 8.382   -4.049  1.00 26.55 ?  131 ASN A CB  1 
ATOM   743  C CG  . ASN A 1 92  ? -18.469 8.361   -5.343  1.00 30.96 ?  131 ASN A CG  1 
ATOM   744  O OD1 . ASN A 1 92  ? -19.693 8.339   -5.306  1.00 27.94 ?  131 ASN A OD1 1 
ATOM   745  N ND2 . ASN A 1 92  ? -17.761 8.224   -6.452  1.00 32.63 ?  131 ASN A ND2 1 
ATOM   746  N N   . PHE A 1 93  ? -20.342 8.573   -2.379  1.00 24.77 ?  132 PHE A N   1 
ATOM   747  C CA  . PHE A 1 93  ? -21.309 8.004   -1.433  1.00 26.65 ?  132 PHE A CA  1 
ATOM   748  C C   . PHE A 1 93  ? -20.797 6.693   -0.827  1.00 25.36 ?  132 PHE A C   1 
ATOM   749  O O   . PHE A 1 93  ? -20.148 5.890   -1.516  1.00 22.68 ?  132 PHE A O   1 
ATOM   750  C CB  . PHE A 1 93  ? -22.612 7.734   -2.146  1.00 24.69 ?  132 PHE A CB  1 
ATOM   751  C CG  . PHE A 1 93  ? -23.322 8.999   -2.549  1.00 26.59 ?  132 PHE A CG  1 
ATOM   752  C CD1 . PHE A 1 93  ? -23.950 9.777   -1.593  1.00 29.40 ?  132 PHE A CD1 1 
ATOM   753  C CD2 . PHE A 1 93  ? -23.308 9.418   -3.861  1.00 27.97 ?  132 PHE A CD2 1 
ATOM   754  C CE1 . PHE A 1 93  ? -24.614 10.936  -1.959  1.00 31.67 ?  132 PHE A CE1 1 
ATOM   755  C CE2 . PHE A 1 93  ? -23.980 10.573  -4.226  1.00 27.67 ?  132 PHE A CE2 1 
ATOM   756  C CZ  . PHE A 1 93  ? -24.659 11.291  -3.289  1.00 26.16 ?  132 PHE A CZ  1 
ATOM   757  N N   . GLY A 1 94  ? -21.197 6.406   0.406   1.00 23.34 ?  133 GLY A N   1 
ATOM   758  C CA  . GLY A 1 94  ? -21.048 5.064   0.991   1.00 22.18 ?  133 GLY A CA  1 
ATOM   759  C C   . GLY A 1 94  ? -21.497 3.988   0.024   1.00 23.94 ?  133 GLY A C   1 
ATOM   760  O O   . GLY A 1 94  ? -20.806 2.952   -0.142  1.00 22.20 ?  133 GLY A O   1 
ATOM   761  N N   . ALA A 1 95  ? -22.613 4.213   -0.666  1.00 23.66 ?  134 ALA A N   1 
ATOM   762  C CA  . ALA A 1 95  ? -23.197 3.206   -1.573  1.00 21.96 ?  134 ALA A CA  1 
ATOM   763  C C   . ALA A 1 95  ? -22.191 2.880   -2.677  1.00 23.28 ?  134 ALA A C   1 
ATOM   764  O O   . ALA A 1 95  ? -22.100 1.726   -3.040  1.00 23.70 ?  134 ALA A O   1 
ATOM   765  C CB  . ALA A 1 95  ? -24.524 3.677   -2.140  1.00 23.12 ?  134 ALA A CB  1 
ATOM   766  N N   . HIS A 1 96  ? -21.480 3.873   -3.170  1.00 24.92 ?  135 HIS A N   1 
ATOM   767  C CA  . HIS A 1 96  ? -20.458 3.714   -4.246  1.00 25.11 ?  135 HIS A CA  1 
ATOM   768  C C   . HIS A 1 96  ? -19.320 2.818   -3.753  1.00 24.11 ?  135 HIS A C   1 
ATOM   769  O O   . HIS A 1 96  ? -18.903 1.884   -4.444  1.00 26.80 ?  135 HIS A O   1 
ATOM   770  C CB  . HIS A 1 96  ? -19.929 5.068   -4.700  1.00 26.02 ?  135 HIS A CB  1 
ATOM   771  C CG  . HIS A 1 96  ? -18.788 4.919   -5.625  1.00 29.41 ?  135 HIS A CG  1 
ATOM   772  N ND1 . HIS A 1 96  ? -18.986 4.808   -6.986  1.00 32.40 ?  135 HIS A ND1 1 
ATOM   773  C CD2 . HIS A 1 96  ? -17.452 4.820   -5.407  1.00 24.73 ?  135 HIS A CD2 1 
ATOM   774  C CE1 . HIS A 1 96  ? -17.806 4.675   -7.572  1.00 33.18 ?  135 HIS A CE1 1 
ATOM   775  N NE2 . HIS A 1 96  ? -16.845 4.690   -6.633  1.00 31.31 ?  135 HIS A NE2 1 
ATOM   776  N N   . TRP A 1 97  ? -18.843 3.101   -2.549  1.00 22.81 ?  136 TRP A N   1 
ATOM   777  C CA  . TRP A 1 97  ? -17.681 2.375   -1.998  1.00 20.15 ?  136 TRP A CA  1 
ATOM   778  C C   . TRP A 1 97  ? -18.056 0.940   -1.696  1.00 22.17 ?  136 TRP A C   1 
ATOM   779  O O   . TRP A 1 97  ? -17.149 0.114   -1.761  1.00 23.31 ?  136 TRP A O   1 
ATOM   780  C CB  . TRP A 1 97  ? -17.113 3.094   -0.780  1.00 19.52 ?  136 TRP A CB  1 
ATOM   781  C CG  . TRP A 1 97  ? -16.636 4.496   -1.024  1.00 19.97 ?  136 TRP A CG  1 
ATOM   782  C CD1 . TRP A 1 97  ? -17.172 5.645   -0.500  1.00 22.37 ?  136 TRP A CD1 1 
ATOM   783  C CD2 . TRP A 1 97  ? -15.508 4.928   -1.806  1.00 21.15 ?  136 TRP A CD2 1 
ATOM   784  N NE1 . TRP A 1 97  ? -16.442 6.738   -0.886  1.00 20.50 ?  136 TRP A NE1 1 
ATOM   785  C CE2 . TRP A 1 97  ? -15.442 6.340   -1.728  1.00 22.67 ?  136 TRP A CE2 1 
ATOM   786  C CE3 . TRP A 1 97  ? -14.554 4.273   -2.600  1.00 21.30 ?  136 TRP A CE3 1 
ATOM   787  C CZ2 . TRP A 1 97  ? -14.463 7.114   -2.342  1.00 21.74 ?  136 TRP A CZ2 1 
ATOM   788  C CZ3 . TRP A 1 97  ? -13.582 5.038   -3.198  1.00 23.31 ?  136 TRP A CZ3 1 
ATOM   789  C CH2 . TRP A 1 97  ? -13.528 6.440   -3.086  1.00 22.91 ?  136 TRP A CH2 1 
ATOM   790  N N   . MET A 1 98  ? -19.306 0.667   -1.311  1.00 20.72 ?  137 MET A N   1 
ATOM   791  C CA  . MET A 1 98  ? -19.744 -0.676  -0.872  1.00 21.41 ?  137 MET A CA  1 
ATOM   792  C C   . MET A 1 98  ? -20.237 -1.557  -2.047  1.00 21.37 ?  137 MET A C   1 
ATOM   793  O O   . MET A 1 98  ? -20.359 -2.773  -1.866  1.00 26.24 ?  137 MET A O   1 
ATOM   794  C CB  . MET A 1 98  ? -20.828 -0.548  0.199   1.00 21.99 ?  137 MET A CB  1 
ATOM   795  C CG  . MET A 1 98  ? -20.301 0.011   1.470   1.00 23.96 ?  137 MET A CG  1 
ATOM   796  S SD  . MET A 1 98  ? -21.482 0.102   2.812   1.00 24.27 ?  137 MET A SD  1 
ATOM   797  C CE  . MET A 1 98  ? -22.633 1.346   2.232   1.00 26.13 ?  137 MET A CE  1 
ATOM   798  N N   . LYS A 1 99  ? -20.485 -0.986  -3.212  1.00 24.52 ?  138 LYS A N   1 
ATOM   799  C CA  . LYS A 1 99  ? -21.175 -1.754  -4.281  1.00 28.56 ?  138 LYS A CA  1 
ATOM   800  C C   . LYS A 1 99  ? -20.207 -2.744  -4.922  1.00 29.14 ?  138 LYS A C   1 
ATOM   801  O O   . LYS A 1 99  ? -20.635 -3.783  -5.416  1.00 30.59 ?  138 LYS A O   1 
ATOM   802  C CB  . LYS A 1 99  ? -21.762 -0.816  -5.331  1.00 29.84 ?  138 LYS A CB  1 
ATOM   803  C CG  . LYS A 1 99  ? -20.768 -0.040  -6.146  1.00 36.41 ?  138 LYS A CG  1 
ATOM   804  C CD  . LYS A 1 99  ? -21.350 0.517   -7.419  1.00 43.03 ?  138 LYS A CD  1 
ATOM   805  C CE  . LYS A 1 99  ? -20.268 1.111   -8.299  1.00 49.42 ?  138 LYS A CE  1 
ATOM   806  N NZ  . LYS A 1 99  ? -20.665 2.424   -8.861  1.00 58.04 ?  138 LYS A NZ  1 
ATOM   807  N N   . ALA A 1 100 ? -18.918 -2.452  -4.850  1.00 26.09 ?  139 ALA A N   1 
ATOM   808  C CA  . ALA A 1 100 ? -17.869 -3.285  -5.445  1.00 26.94 ?  139 ALA A CA  1 
ATOM   809  C C   . ALA A 1 100 ? -16.568 -2.968  -4.747  1.00 26.62 ?  139 ALA A C   1 
ATOM   810  O O   . ALA A 1 100 ? -16.379 -1.877  -4.214  1.00 23.69 ?  139 ALA A O   1 
ATOM   811  C CB  . ALA A 1 100 ? -17.744 -2.987  -6.923  1.00 25.54 ?  139 ALA A CB  1 
ATOM   812  N N   . PRO A 1 101 ? -15.604 -3.904  -4.808  1.00 27.87 ?  140 PRO A N   1 
ATOM   813  C CA  . PRO A 1 101 ? -14.301 -3.667  -4.195  1.00 26.58 ?  140 PRO A CA  1 
ATOM   814  C C   . PRO A 1 101 ? -13.613 -2.385  -4.671  1.00 22.45 ?  140 PRO A C   1 
ATOM   815  O O   . PRO A 1 101 ? -13.719 -1.958  -5.822  1.00 25.61 ?  140 PRO A O   1 
ATOM   816  C CB  . PRO A 1 101 ? -13.488 -4.917  -4.570  1.00 28.05 ?  140 PRO A CB  1 
ATOM   817  C CG  . PRO A 1 101 ? -14.556 -5.994  -4.764  1.00 31.01 ?  140 PRO A CG  1 
ATOM   818  C CD  . PRO A 1 101 ? -15.706 -5.239  -5.423  1.00 30.36 ?  140 PRO A CD  1 
ATOM   819  N N   . VAL A 1 102 ? -12.962 -1.730  -3.724  1.00 22.67 ?  141 VAL A N   1 
ATOM   820  C CA  . VAL A 1 102 ? -12.213 -0.456  -3.910  1.00 23.72 ?  141 VAL A CA  1 
ATOM   821  C C   . VAL A 1 102 ? -10.768 -0.831  -4.251  1.00 22.87 ?  141 VAL A C   1 
ATOM   822  O O   . VAL A 1 102 ? -10.096 -1.469  -3.410  1.00 23.89 ?  141 VAL A O   1 
ATOM   823  C CB  . VAL A 1 102 ? -12.283 0.416   -2.639  1.00 23.59 ?  141 VAL A CB  1 
ATOM   824  C CG1 . VAL A 1 102 ? -11.582 1.732   -2.848  1.00 25.99 ?  141 VAL A CG1 1 
ATOM   825  C CG2 . VAL A 1 102 ? -13.757 0.630   -2.263  1.00 24.00 ?  141 VAL A CG2 1 
ATOM   826  N N   A SER A 1 103 ? -10.321 -0.463  -5.451  0.25 23.93 ?  142 SER A N   1 
ATOM   827  N N   B SER A 1 103 ? -10.300 -0.447  -5.440  0.25 24.71 ?  142 SER A N   1 
ATOM   828  C CA  A SER A 1 103 ? -8.993  -0.835  -6.004  0.25 23.66 ?  142 SER A CA  1 
ATOM   829  C CA  B SER A 1 103 ? -8.980  -0.860  -5.988  0.25 24.88 ?  142 SER A CA  1 
ATOM   830  C C   A SER A 1 103 ? -8.085  0.395   -6.062  0.25 23.23 ?  142 SER A C   1 
ATOM   831  C C   B SER A 1 103 ? -8.055  0.348   -6.148  0.25 23.99 ?  142 SER A C   1 
ATOM   832  O O   A SER A 1 103 ? -8.536  1.437   -6.523  0.25 24.75 ?  142 SER A O   1 
ATOM   833  O O   B SER A 1 103 ? -8.438  1.295   -6.829  0.25 25.58 ?  142 SER A O   1 
ATOM   834  C CB  A SER A 1 103 ? -9.137  -1.466  -7.364  0.25 24.41 ?  142 SER A CB  1 
ATOM   835  C CB  B SER A 1 103 ? -9.150  -1.582  -7.299  0.25 26.43 ?  142 SER A CB  1 
ATOM   836  O OG  A SER A 1 103 ? -7.863  -1.668  -7.955  0.25 25.50 ?  142 SER A OG  1 
ATOM   837  O OG  B SER A 1 103 ? -9.723  -2.860  -7.094  0.25 29.66 ?  142 SER A OG  1 
ATOM   838  N N   . PHE A 1 104 ? -6.841  0.262   -5.603  1.00 22.95 ?  143 PHE A N   1 
ATOM   839  C CA  . PHE A 1 104 ? -5.839  1.344   -5.675  1.00 22.66 ?  143 PHE A CA  1 
ATOM   840  C C   . PHE A 1 104 ? -4.887  1.030   -6.826  1.00 24.32 ?  143 PHE A C   1 
ATOM   841  O O   . PHE A 1 104 ? -3.674  1.109   -6.659  1.00 25.66 ?  143 PHE A O   1 
ATOM   842  C CB  . PHE A 1 104 ? -5.184  1.482   -4.305  1.00 23.79 ?  143 PHE A CB  1 
ATOM   843  C CG  . PHE A 1 104 ? -6.106  2.055   -3.270  1.00 23.49 ?  143 PHE A CG  1 
ATOM   844  C CD1 . PHE A 1 104 ? -6.099  3.406   -2.992  1.00 25.73 ?  143 PHE A CD1 1 
ATOM   845  C CD2 . PHE A 1 104 ? -6.975  1.231   -2.583  1.00 24.30 ?  143 PHE A CD2 1 
ATOM   846  C CE1 . PHE A 1 104 ? -6.931  3.925   -2.019  1.00 24.11 ?  143 PHE A CE1 1 
ATOM   847  C CE2 . PHE A 1 104 ? -7.786  1.747   -1.581  1.00 25.57 ?  143 PHE A CE2 1 
ATOM   848  C CZ  . PHE A 1 104 ? -7.779  3.095   -1.317  1.00 24.80 ?  143 PHE A CZ  1 
ATOM   849  N N   . SER A 1 105 ? -5.422  0.729   -8.000  1.00 27.15 ?  144 SER A N   1 
ATOM   850  C CA  . SER A 1 105 ? -4.631  0.149   -9.118  1.00 28.39 ?  144 SER A CA  1 
ATOM   851  C C   . SER A 1 105 ? -3.649  1.183   -9.715  1.00 31.55 ?  144 SER A C   1 
ATOM   852  O O   . SER A 1 105 ? -2.668  0.741   -10.331 1.00 32.60 ?  144 SER A O   1 
ATOM   853  C CB  . SER A 1 105 ? -5.552  -0.403  -10.186 1.00 32.62 ?  144 SER A CB  1 
ATOM   854  O OG  . SER A 1 105 ? -6.328  0.668   -10.662 1.00 33.81 ?  144 SER A OG  1 
ATOM   855  N N   . LYS A 1 106 ? -3.865  2.485   -9.548  1.00 30.65 ?  145 LYS A N   1 
ATOM   856  C CA  . LYS A 1 106 ? -3.085  3.558   -10.244 1.00 32.37 ?  145 LYS A CA  1 
ATOM   857  C C   . LYS A 1 106 ? -2.050  4.224   -9.331  1.00 33.86 ?  145 LYS A C   1 
ATOM   858  O O   . LYS A 1 106 ? -1.360  5.161   -9.795  1.00 30.74 ?  145 LYS A O   1 
ATOM   859  C CB  . LYS A 1 106 ? -4.008  4.670   -10.763 1.00 35.13 ?  145 LYS A CB  1 
ATOM   860  C CG  . LYS A 1 106 ? -5.275  4.195   -11.448 1.00 43.19 ?  145 LYS A CG  1 
ATOM   861  C CD  . LYS A 1 106 ? -5.082  3.566   -12.797 1.00 57.46 ?  145 LYS A CD  1 
ATOM   862  C CE  . LYS A 1 106 ? -6.197  3.913   -13.770 1.00 60.18 ?  145 LYS A CE  1 
ATOM   863  N NZ  . LYS A 1 106 ? -5.817  3.529   -15.152 1.00 67.86 ?  145 LYS A NZ  1 
ATOM   864  N N   . VAL A 1 107 ? -2.013  3.890   -8.041  1.00 29.45 ?  146 VAL A N   1 
ATOM   865  C CA  . VAL A 1 107 ? -0.976  4.489   -7.150  1.00 28.10 ?  146 VAL A CA  1 
ATOM   866  C C   . VAL A 1 107 ? 0.400   4.049   -7.685  1.00 25.86 ?  146 VAL A C   1 
ATOM   867  O O   . VAL A 1 107 ? 0.555   2.890   -8.152  1.00 27.29 ?  146 VAL A O   1 
ATOM   868  C CB  . VAL A 1 107 ? -1.214  4.154   -5.662  1.00 28.37 ?  146 VAL A CB  1 
ATOM   869  C CG1 . VAL A 1 107 ? -1.030  2.668   -5.366  1.00 28.88 ?  146 VAL A CG1 1 
ATOM   870  C CG2 . VAL A 1 107 ? -0.326  5.029   -4.780  1.00 28.92 ?  146 VAL A CG2 1 
ATOM   871  N N   . LYS A 1 108 ? 1.361   4.980   -7.691  1.00 27.62 ?  147 LYS A N   1 
ATOM   872  C CA  . LYS A 1 108 ? 2.755   4.742   -8.139  1.00 29.70 ?  147 LYS A CA  1 
ATOM   873  C C   . LYS A 1 108 ? 3.739   5.001   -6.991  1.00 28.17 ?  147 LYS A C   1 
ATOM   874  O O   . LYS A 1 108 ? 3.613   5.983   -6.233  1.00 29.43 ?  147 LYS A O   1 
ATOM   875  C CB  . LYS A 1 108 ? 3.083   5.654   -9.325  1.00 33.77 ?  147 LYS A CB  1 
ATOM   876  C CG  . LYS A 1 108 ? 2.555   5.138   -10.640 1.00 34.95 ?  147 LYS A CG  1 
ATOM   877  C CD  . LYS A 1 108 ? 2.967   6.008   -11.813 1.00 43.43 ?  147 LYS A CD  1 
ATOM   878  C CE  . LYS A 1 108 ? 2.207   5.618   -13.060 1.00 47.10 ?  147 LYS A CE  1 
ATOM   879  N NZ  . LYS A 1 108 ? 2.738   6.292   -14.269 1.00 50.20 ?  147 LYS A NZ  1 
ATOM   880  N N   . LEU A 1 109 ? 4.669   4.062   -6.841  1.00 27.84 ?  148 LEU A N   1 
ATOM   881  C CA  . LEU A 1 109 ? 5.705   4.145   -5.810  1.00 27.57 ?  148 LEU A CA  1 
ATOM   882  C C   . LEU A 1 109 ? 6.981   4.626   -6.501  1.00 27.85 ?  148 LEU A C   1 
ATOM   883  O O   . LEU A 1 109 ? 7.343   4.042   -7.543  1.00 29.00 ?  148 LEU A O   1 
ATOM   884  C CB  . LEU A 1 109 ? 5.874   2.775   -5.165  1.00 26.54 ?  148 LEU A CB  1 
ATOM   885  C CG  . LEU A 1 109 ? 4.602   2.105   -4.652  1.00 26.44 ?  148 LEU A CG  1 
ATOM   886  C CD1 . LEU A 1 109 ? 4.954   0.753   -4.029  1.00 26.46 ?  148 LEU A CD1 1 
ATOM   887  C CD2 . LEU A 1 109 ? 3.841   3.004   -3.688  1.00 27.13 ?  148 LEU A CD2 1 
ATOM   888  N N   . THR A 1 110 ? 7.613   5.607   -5.874  1.00 29.83 ?  149 THR A N   1 
ATOM   889  C CA  . THR A 1 110 ? 8.805   6.307   -6.399  1.00 30.10 ?  149 THR A CA  1 
ATOM   890  C C   . THR A 1 110 ? 9.869   6.411   -5.321  1.00 30.42 ?  149 THR A C   1 
ATOM   891  O O   . THR A 1 110 ? 9.543   6.383   -4.107  1.00 27.68 ?  149 THR A O   1 
ATOM   892  C CB  . THR A 1 110 ? 8.391   7.676   -6.974  1.00 33.81 ?  149 THR A CB  1 
ATOM   893  O OG1 . THR A 1 110 ? 9.518   8.130   -7.720  1.00 35.64 ?  149 THR A OG1 1 
ATOM   894  C CG2 . THR A 1 110 ? 7.998   8.699   -5.937  1.00 31.12 ?  149 THR A CG2 1 
ATOM   895  N N   . ASN A 1 111 ? 11.099  6.671   -5.782  1.00 30.18 ?  150 ASN A N   1 
ATOM   896  C CA  . ASN A 1 111 ? 12.247  7.049   -4.928  1.00 35.28 ?  150 ASN A CA  1 
ATOM   897  C C   . ASN A 1 111 ? 12.751  8.458   -5.305  1.00 38.48 ?  150 ASN A C   1 
ATOM   898  O O   . ASN A 1 111 ? 13.858  8.811   -4.855  1.00 42.26 ?  150 ASN A O   1 
ATOM   899  C CB  . ASN A 1 111 ? 13.337  5.983   -5.015  1.00 36.05 ?  150 ASN A CB  1 
ATOM   900  C CG  . ASN A 1 111 ? 13.878  5.734   -6.405  1.00 36.52 ?  150 ASN A CG  1 
ATOM   901  O OD1 . ASN A 1 111 ? 14.764  4.902   -6.552  1.00 41.95 ?  150 ASN A OD1 1 
ATOM   902  N ND2 . ASN A 1 111 ? 13.399  6.451   -7.414  1.00 33.49 ?  150 ASN A ND2 1 
ATOM   903  N N   . LYS A 1 112 ? 11.963  9.226   -6.071  1.00 44.54 ?  151 LYS A N   1 
ATOM   904  C CA  . LYS A 1 112 ? 12.202  10.660  -6.403  1.00 53.60 ?  151 LYS A CA  1 
ATOM   905  C C   . LYS A 1 112 ? 10.887  11.416  -6.203  1.00 57.95 ?  151 LYS A C   1 
ATOM   906  O O   . LYS A 1 112 ? 9.896   11.095  -6.905  1.00 47.28 ?  151 LYS A O   1 
ATOM   907  C CB  . LYS A 1 112 ? 12.676  10.843  -7.849  1.00 63.18 ?  151 LYS A CB  1 
ATOM   908  C CG  . LYS A 1 112 ? 14.185  10.938  -8.059  1.00 78.16 ?  151 LYS A CG  1 
ATOM   909  C CD  . LYS A 1 112 ? 14.716  12.364  -8.253  1.00 84.70 ?  151 LYS A CD  1 
ATOM   910  C CE  . LYS A 1 112 ? 16.044  12.421  -8.989  1.00 89.90 ?  151 LYS A CE  1 
ATOM   911  N NZ  . LYS A 1 112 ? 16.997  11.389  -8.505  1.00 88.17 ?  151 LYS A NZ  1 
ATOM   912  N N   . LEU A 1 113 ? 10.884  12.339  -5.245  1.00 66.90 ?  152 LEU A N   1 
ATOM   913  C CA  . LEU A 1 113 ? 9.914   13.459  -5.100  1.00 82.34 ?  152 LEU A CA  1 
ATOM   914  C C   . LEU A 1 113 ? 9.702   14.216  -6.431  1.00 86.02 ?  152 LEU A C   1 
ATOM   915  O O   . LEU A 1 113 ? 9.671   15.456  -6.385  1.00 96.65 ?  152 LEU A O   1 
ATOM   916  C CB  . LEU A 1 113 ? 10.456  14.395  -4.010  1.00 84.53 ?  152 LEU A CB  1 
ATOM   917  C CG  . LEU A 1 113 ? 11.948  14.781  -4.074  1.00 90.45 ?  152 LEU A CG  1 
ATOM   918  C CD1 . LEU A 1 113 ? 12.804  13.900  -3.167  1.00 85.50 ?  152 LEU A CD1 1 
ATOM   919  C CD2 . LEU A 1 113 ? 12.531  14.801  -5.491  1.00 89.28 ?  152 LEU A CD2 1 
ATOM   920  N N   . ASN A 1 114 ? 9.522   13.530  -7.570  1.00 86.44 ?  153 ASN A N   1 
ATOM   921  C CA  . ASN A 1 114 ? 9.312   14.185  -8.892  1.00 86.52 ?  153 ASN A CA  1 
ATOM   922  C C   . ASN A 1 114 ? 7.805   14.338  -9.144  1.00 87.86 ?  153 ASN A C   1 
ATOM   923  O O   . ASN A 1 114 ? 7.415   14.364  -10.332 1.00 79.17 ?  153 ASN A O   1 
ATOM   924  C CB  . ASN A 1 114 ? 10.056  13.477  -10.034 1.00 82.32 ?  153 ASN A CB  1 
ATOM   925  C CG  . ASN A 1 114 ? 9.467   12.143  -10.434 1.00 80.99 ?  153 ASN A CG  1 
ATOM   926  O OD1 . ASN A 1 114 ? 8.780   11.482  -9.654  1.00 92.79 ?  153 ASN A OD1 1 
ATOM   927  N ND2 . ASN A 1 114 ? 9.754   11.733  -11.655 1.00 76.93 ?  153 ASN A ND2 1 
ATOM   928  N N   . GLY A 1 115 ? 7.013   14.449  -8.061  1.00 94.24 ?  154 GLY A N   1 
ATOM   929  C CA  . GLY A 1 115 ? 5.606   14.900  -8.054  1.00 88.98 ?  154 GLY A CA  1 
ATOM   930  C C   . GLY A 1 115 ? 4.669   13.862  -8.643  1.00 89.65 ?  154 GLY A C   1 
ATOM   931  O O   . GLY A 1 115 ? 5.063   12.678  -8.706  1.00 92.80 ?  154 GLY A O   1 
ATOM   932  N N   . GLY A 1 116 ? 3.461   14.293  -9.027  1.00 85.39 ?  155 GLY A N   1 
ATOM   933  C CA  . GLY A 1 116 ? 2.466   13.511  -9.792  1.00 77.44 ?  155 GLY A CA  1 
ATOM   934  C C   . GLY A 1 116 ? 1.696   12.507  -8.942  1.00 72.57 ?  155 GLY A C   1 
ATOM   935  O O   . GLY A 1 116 ? 1.525   11.369  -9.423  1.00 67.52 ?  155 GLY A O   1 
ATOM   936  N N   . GLY A 1 117 ? 1.234   12.907  -7.746  1.00 70.20 ?  156 GLY A N   1 
ATOM   937  C CA  . GLY A 1 117 ? 0.487   12.066  -6.784  1.00 64.42 ?  156 GLY A CA  1 
ATOM   938  C C   . GLY A 1 117 ? 1.147   10.704  -6.555  1.00 62.80 ?  156 GLY A C   1 
ATOM   939  O O   . GLY A 1 117 ? 0.424   9.710   -6.355  1.00 63.69 ?  156 GLY A O   1 
ATOM   940  N N   . GLN A 1 118 ? 2.481   10.661  -6.602  1.00 54.87 ?  157 GLN A N   1 
ATOM   941  C CA  . GLN A 1 118 ? 3.316   9.452   -6.430  1.00 45.11 ?  157 GLN A CA  1 
ATOM   942  C C   . GLN A 1 118 ? 3.626   9.317   -4.937  1.00 43.52 ?  157 GLN A C   1 
ATOM   943  O O   . GLN A 1 118 ? 3.529   10.315  -4.206  1.00 45.95 ?  157 GLN A O   1 
ATOM   944  C CB  . GLN A 1 118 ? 4.592   9.587   -7.263  1.00 47.83 ?  157 GLN A CB  1 
ATOM   945  C CG  . GLN A 1 118 ? 4.376   9.415   -8.757  1.00 52.10 ?  157 GLN A CG  1 
ATOM   946  C CD  . GLN A 1 118 ? 5.663   9.501   -9.537  1.00 57.26 ?  157 GLN A CD  1 
ATOM   947  O OE1 . GLN A 1 118 ? 6.757   9.618   -8.984  1.00 63.80 ?  157 GLN A OE1 1 
ATOM   948  N NE2 . GLN A 1 118 ? 5.530   9.472   -10.851 1.00 64.46 ?  157 GLN A NE2 1 
ATOM   949  N N   . ILE A 1 119 ? 3.965   8.121   -4.477  1.00 32.54 ?  158 ILE A N   1 
ATOM   950  C CA  . ILE A 1 119 ? 4.304   7.897   -3.045  1.00 30.53 ?  158 ILE A CA  1 
ATOM   951  C C   . ILE A 1 119 ? 5.806   7.670   -2.962  1.00 26.19 ?  158 ILE A C   1 
ATOM   952  O O   . ILE A 1 119 ? 6.315   6.704   -3.575  1.00 27.18 ?  158 ILE A O   1 
ATOM   953  C CB  . ILE A 1 119 ? 3.574   6.682   -2.462  1.00 29.86 ?  158 ILE A CB  1 
ATOM   954  C CG1 . ILE A 1 119 ? 2.057   6.819   -2.516  1.00 33.19 ?  158 ILE A CG1 1 
ATOM   955  C CG2 . ILE A 1 119 ? 4.059   6.399   -1.051  1.00 30.80 ?  158 ILE A CG2 1 
ATOM   956  C CD1 . ILE A 1 119 ? 1.487   7.834   -1.571  1.00 34.50 ?  158 ILE A CD1 1 
ATOM   957  N N   . MET A 1 120 ? 6.486   8.494   -2.186  1.00 28.25 ?  159 MET A N   1 
ATOM   958  C CA  . MET A 1 120 ? 7.940   8.357   -2.065  1.00 33.53 ?  159 MET A CA  1 
ATOM   959  C C   . MET A 1 120 ? 8.237   7.331   -0.965  1.00 27.63 ?  159 MET A C   1 
ATOM   960  O O   . MET A 1 120 ? 7.749   7.511   0.151   1.00 30.09 ?  159 MET A O   1 
ATOM   961  C CB  . MET A 1 120 ? 8.596   9.697   -1.717  1.00 37.46 ?  159 MET A CB  1 
ATOM   962  C CG  . MET A 1 120 ? 10.043  9.493   -1.340  1.00 47.76 ?  159 MET A CG  1 
ATOM   963  S SD  . MET A 1 120 ? 11.112  10.449  -2.385  1.00 67.21 ?  159 MET A SD  1 
ATOM   964  C CE  . MET A 1 120 ? 11.740  11.581  -1.141  1.00 67.90 ?  159 MET A CE  1 
ATOM   965  N N   . LEU A 1 121 ? 9.051   6.324   -1.278  1.00 27.09 ?  160 LEU A N   1 
ATOM   966  C CA  . LEU A 1 121 ? 9.520   5.345   -0.278  1.00 25.76 ?  160 LEU A CA  1 
ATOM   967  C C   . LEU A 1 121 ? 11.046  5.310   -0.328  1.00 28.95 ?  160 LEU A C   1 
ATOM   968  O O   . LEU A 1 121 ? 11.615  5.732   -1.328  1.00 30.80 ?  160 LEU A O   1 
ATOM   969  C CB  . LEU A 1 121 ? 8.930   3.975   -0.600  1.00 26.96 ?  160 LEU A CB  1 
ATOM   970  C CG  . LEU A 1 121 ? 7.399   3.892   -0.642  1.00 24.65 ?  160 LEU A CG  1 
ATOM   971  C CD1 . LEU A 1 121 ? 7.013   2.468   -0.994  1.00 24.79 ?  160 LEU A CD1 1 
ATOM   972  C CD2 . LEU A 1 121 ? 6.772   4.292   0.668   1.00 24.83 ?  160 LEU A CD2 1 
ATOM   973  N N   . ASN A 1 122 ? 11.645  4.808   0.740   1.00 29.08 ?  161 ASN A N   1 
ATOM   974  C CA  . ASN A 1 122 ? 13.104  4.584   0.832   1.00 29.33 ?  161 ASN A CA  1 
ATOM   975  C C   . ASN A 1 122 ? 13.378  3.109   0.480   1.00 28.01 ?  161 ASN A C   1 
ATOM   976  O O   . ASN A 1 122 ? 12.809  2.194   1.135   1.00 26.71 ?  161 ASN A O   1 
ATOM   977  C CB  . ASN A 1 122 ? 13.616  4.930   2.227   1.00 28.54 ?  161 ASN A CB  1 
ATOM   978  C CG  . ASN A 1 122 ? 13.443  6.388   2.610   1.00 32.93 ?  161 ASN A CG  1 
ATOM   979  O OD1 . ASN A 1 122 ? 13.456  7.262   1.752   1.00 37.33 ?  161 ASN A OD1 1 
ATOM   980  N ND2 . ASN A 1 122 ? 13.214  6.643   3.882   1.00 35.01 ?  161 ASN A ND2 1 
ATOM   981  N N   . SER A 1 123 ? 14.252  2.869   -0.485  1.00 28.91 ?  162 SER A N   1 
ATOM   982  C CA  . SER A 1 123 ? 14.688  1.517   -0.878  1.00 28.82 ?  162 SER A CA  1 
ATOM   983  C C   . SER A 1 123 ? 15.278  0.813   0.340   1.00 29.72 ?  162 SER A C   1 
ATOM   984  O O   . SER A 1 123 ? 15.892  1.499   1.223   1.00 26.36 ?  162 SER A O   1 
ATOM   985  C CB  . SER A 1 123 ? 15.618  1.536   -2.045  1.00 38.77 ?  162 SER A CB  1 
ATOM   986  O OG  . SER A 1 123 ? 16.641  2.456   -1.765  1.00 46.72 ?  162 SER A OG  1 
ATOM   987  N N   . LEU A 1 124 ? 14.952  -0.480  0.417   1.00 24.79 ?  163 LEU A N   1 
ATOM   988  C CA  . LEU A 1 124 ? 15.424  -1.442  1.445   1.00 25.43 ?  163 LEU A CA  1 
ATOM   989  C C   . LEU A 1 124 ? 14.812  -1.172  2.794   1.00 24.19 ?  163 LEU A C   1 
ATOM   990  O O   . LEU A 1 124 ? 15.251  -1.789  3.795   1.00 24.83 ?  163 LEU A O   1 
ATOM   991  C CB  . LEU A 1 124 ? 16.966  -1.430  1.468   1.00 26.78 ?  163 LEU A CB  1 
ATOM   992  C CG  . LEU A 1 124 ? 17.609  -1.739  0.114   1.00 32.23 ?  163 LEU A CG  1 
ATOM   993  C CD1 . LEU A 1 124 ? 19.130  -1.886  0.245   1.00 36.70 ?  163 LEU A CD1 1 
ATOM   994  C CD2 . LEU A 1 124 ? 17.058  -3.011  -0.497  1.00 32.08 ?  163 LEU A CD2 1 
ATOM   995  N N   . HIS A 1 125 ? 13.694  -0.445  2.804   1.00 25.05 ?  164 HIS A N   1 
ATOM   996  C CA  . HIS A 1 125 ? 12.818  -0.295  3.983   1.00 23.09 ?  164 HIS A CA  1 
ATOM   997  C C   . HIS A 1 125 ? 11.478  -0.968  3.713   1.00 20.45 ?  164 HIS A C   1 
ATOM   998  O O   . HIS A 1 125 ? 11.015  -0.991  2.510   1.00 21.66 ?  164 HIS A O   1 
ATOM   999  C CB  . HIS A 1 125 ? 12.622  1.156   4.403   1.00 25.31 ?  164 HIS A CB  1 
ATOM   1000 C CG  . HIS A 1 125 ? 13.883  1.877   4.723   1.00 28.87 ?  164 HIS A CG  1 
ATOM   1001 N ND1 . HIS A 1 125 ? 14.880  2.026   3.796   1.00 30.55 ?  164 HIS A ND1 1 
ATOM   1002 C CD2 . HIS A 1 125 ? 14.278  2.539   5.843   1.00 32.79 ?  164 HIS A CD2 1 
ATOM   1003 C CE1 . HIS A 1 125 ? 15.860  2.766   4.321   1.00 31.65 ?  164 HIS A CE1 1 
ATOM   1004 N NE2 . HIS A 1 125 ? 15.527  3.074   5.575   1.00 28.73 ?  164 HIS A NE2 1 
ATOM   1005 N N   . LYS A 1 126 ? 10.966  -1.518  4.806   1.00 21.65 ?  165 LYS A N   1 
ATOM   1006 C CA  . LYS A 1 126 ? 9.700   -2.282  4.808   1.00 21.71 ?  165 LYS A CA  1 
ATOM   1007 C C   . LYS A 1 126 ? 8.552   -1.335  5.136   1.00 21.90 ?  165 LYS A C   1 
ATOM   1008 O O   . LYS A 1 126 ? 8.684   -0.486  6.014   1.00 22.86 ?  165 LYS A O   1 
ATOM   1009 C CB  . LYS A 1 126 ? 9.751   -3.438  5.793   1.00 23.88 ?  165 LYS A CB  1 
ATOM   1010 C CG  . LYS A 1 126 ? 8.530   -4.335  5.766   1.00 27.36 ?  165 LYS A CG  1 
ATOM   1011 C CD  . LYS A 1 126 ? 8.651   -5.492  6.768   1.00 33.23 ?  165 LYS A CD  1 
ATOM   1012 C CE  . LYS A 1 126 ? 9.636   -6.526  6.260   1.00 37.13 ?  165 LYS A CE  1 
ATOM   1013 N NZ  . LYS A 1 126 ? 9.781   -7.663  7.189   1.00 40.79 ?  165 LYS A NZ  1 
ATOM   1014 N N   . TYR A 1 127 ? 7.455   -1.474  4.393   1.00 21.04 ?  166 TYR A N   1 
ATOM   1015 C CA  . TYR A 1 127 ? 6.264   -0.605  4.526   1.00 21.08 ?  166 TYR A CA  1 
ATOM   1016 C C   . TYR A 1 127 ? 5.017   -1.460  4.625   1.00 21.11 ?  166 TYR A C   1 
ATOM   1017 O O   . TYR A 1 127 ? 4.977   -2.569  4.061   1.00 21.23 ?  166 TYR A O   1 
ATOM   1018 C CB  . TYR A 1 127 ? 6.157   0.341   3.331   1.00 21.48 ?  166 TYR A CB  1 
ATOM   1019 C CG  . TYR A 1 127 ? 7.258   1.357   3.285   1.00 22.00 ?  166 TYR A CG  1 
ATOM   1020 C CD1 . TYR A 1 127 ? 7.149   2.510   4.043   1.00 24.16 ?  166 TYR A CD1 1 
ATOM   1021 C CD2 . TYR A 1 127 ? 8.420   1.120   2.579   1.00 21.92 ?  166 TYR A CD2 1 
ATOM   1022 C CE1 . TYR A 1 127 ? 8.171   3.439   4.031   1.00 23.52 ?  166 TYR A CE1 1 
ATOM   1023 C CE2 . TYR A 1 127 ? 9.447   2.046   2.570   1.00 21.84 ?  166 TYR A CE2 1 
ATOM   1024 C CZ  . TYR A 1 127 ? 9.316   3.199   3.304   1.00 22.84 ?  166 TYR A CZ  1 
ATOM   1025 O OH  . TYR A 1 127 ? 10.311  4.139   3.330   1.00 25.44 ?  166 TYR A OH  1 
ATOM   1026 N N   . GLU A 1 128 ? 4.024   -0.901  5.334   1.00 20.61 ?  167 GLU A N   1 
ATOM   1027 C CA  . GLU A 1 128 ? 2.682   -1.511  5.488   1.00 21.19 ?  167 GLU A CA  1 
ATOM   1028 C C   . GLU A 1 128 ? 1.659   -0.509  4.961   1.00 20.50 ?  167 GLU A C   1 
ATOM   1029 O O   . GLU A 1 128 ? 1.440   0.572   5.549   1.00 22.35 ?  167 GLU A O   1 
ATOM   1030 C CB  . GLU A 1 128 ? 2.450   -1.923  6.925   1.00 25.70 ?  167 GLU A CB  1 
ATOM   1031 C CG  . GLU A 1 128 ? 1.154   -2.722  7.120   1.00 27.67 ?  167 GLU A CG  1 
ATOM   1032 C CD  . GLU A 1 128 ? 0.983   -3.077  8.581   1.00 33.22 ?  167 GLU A CD  1 
ATOM   1033 O OE1 . GLU A 1 128 ? 0.434   -2.251  9.333   1.00 39.59 ?  167 GLU A OE1 1 
ATOM   1034 O OE2 . GLU A 1 128 ? 1.565   -4.080  9.010   1.00 36.06 ?  167 GLU A OE2 1 
ATOM   1035 N N   . PRO A 1 129 ? 0.969   -0.874  3.878   1.00 21.51 ?  168 PRO A N   1 
ATOM   1036 C CA  . PRO A 1 129 ? -0.189  -0.100  3.408   1.00 19.76 ?  168 PRO A CA  1 
ATOM   1037 C C   . PRO A 1 129 ? -1.248  0.127   4.493   1.00 21.59 ?  168 PRO A C   1 
ATOM   1038 O O   . PRO A 1 129 ? -1.558  -0.779  5.286   1.00 20.24 ?  168 PRO A O   1 
ATOM   1039 C CB  . PRO A 1 129 ? -0.724  -0.922  2.258   1.00 21.72 ?  168 PRO A CB  1 
ATOM   1040 C CG  . PRO A 1 129 ? 0.501   -1.603  1.725   1.00 22.44 ?  168 PRO A CG  1 
ATOM   1041 C CD  . PRO A 1 129 ? 1.250   -2.014  2.975   1.00 21.22 ?  168 PRO A CD  1 
ATOM   1042 N N   . ARG A 1 130 ? -1.856  1.309   4.444   1.00 20.81 ?  169 ARG A N   1 
ATOM   1043 C CA  . ARG A 1 130 ? -2.891  1.731   5.409   1.00 20.16 ?  169 ARG A CA  1 
ATOM   1044 C C   . ARG A 1 130 ? -3.901  2.608   4.670   1.00 20.25 ?  169 ARG A C   1 
ATOM   1045 O O   . ARG A 1 130 ? -3.502  3.453   3.877   1.00 23.47 ?  169 ARG A O   1 
ATOM   1046 C CB  . ARG A 1 130 ? -2.239  2.471   6.570   1.00 23.46 ?  169 ARG A CB  1 
ATOM   1047 C CG  . ARG A 1 130 ? -3.227  3.142   7.503   1.00 24.38 ?  169 ARG A CG  1 
ATOM   1048 C CD  . ARG A 1 130 ? -2.504  3.722   8.708   1.00 24.12 ?  169 ARG A CD  1 
ATOM   1049 N NE  . ARG A 1 130 ? -1.701  4.864   8.316   1.00 23.49 ?  169 ARG A NE  1 
ATOM   1050 C CZ  . ARG A 1 130 ? -1.101  5.675   9.181   1.00 27.12 ?  169 ARG A CZ  1 
ATOM   1051 N NH1 . ARG A 1 130 ? -1.146  5.397   10.478  1.00 26.62 ?  169 ARG A NH1 1 
ATOM   1052 N NH2 . ARG A 1 130 ? -0.439  6.740   8.748   1.00 27.08 ?  169 ARG A NH2 1 
ATOM   1053 N N   . ILE A 1 131 ? -5.171  2.327   4.879   1.00 20.42 ?  170 ILE A N   1 
ATOM   1054 C CA  . ILE A 1 131 ? -6.266  3.094   4.241   1.00 21.08 ?  170 ILE A CA  1 
ATOM   1055 C C   . ILE A 1 131 ? -6.947  3.886   5.342   1.00 22.29 ?  170 ILE A C   1 
ATOM   1056 O O   . ILE A 1 131 ? -7.103  3.358   6.465   1.00 23.48 ?  170 ILE A O   1 
ATOM   1057 C CB  . ILE A 1 131 ? -7.238  2.124   3.558   1.00 24.65 ?  170 ILE A CB  1 
ATOM   1058 C CG1 . ILE A 1 131 ? -6.544  1.481   2.350   1.00 28.24 ?  170 ILE A CG1 1 
ATOM   1059 C CG2 . ILE A 1 131 ? -8.541  2.829   3.180   1.00 26.00 ?  170 ILE A CG2 1 
ATOM   1060 C CD1 . ILE A 1 131 ? -7.374  0.397   1.695   1.00 31.63 ?  170 ILE A CD1 1 
ATOM   1061 N N   . HIS A 1 132 ? -7.299  5.118   5.012   1.00 22.34 ?  171 HIS A N   1 
ATOM   1062 C CA  . HIS A 1 132 ? -8.098  6.014   5.861   1.00 20.39 ?  171 HIS A CA  1 
ATOM   1063 C C   . HIS A 1 132 ? -9.396  6.290   5.109   1.00 21.94 ?  171 HIS A C   1 
ATOM   1064 O O   . HIS A 1 132 ? -9.341  6.597   3.911   1.00 22.94 ?  171 HIS A O   1 
ATOM   1065 C CB  . HIS A 1 132 ? -7.392  7.301   6.166   1.00 22.07 ?  171 HIS A CB  1 
ATOM   1066 C CG  . HIS A 1 132 ? -6.035  7.108   6.718   1.00 27.38 ?  171 HIS A CG  1 
ATOM   1067 N ND1 . HIS A 1 132 ? -5.783  7.269   8.023   1.00 32.53 ?  171 HIS A ND1 1 
ATOM   1068 C CD2 . HIS A 1 132 ? -4.868  6.801   6.118   1.00 34.65 ?  171 HIS A CD2 1 
ATOM   1069 C CE1 . HIS A 1 132 ? -4.489  7.062   8.247   1.00 33.61 ?  171 HIS A CE1 1 
ATOM   1070 N NE2 . HIS A 1 132 ? -3.923  6.741   7.100   1.00 34.08 ?  171 HIS A NE2 1 
ATOM   1071 N N   . ILE A 1 133 ? -10.497 6.195   5.827   1.00 19.70 ?  172 ILE A N   1 
ATOM   1072 C CA  . ILE A 1 133 ? -11.824 6.621   5.315   1.00 20.62 ?  172 ILE A CA  1 
ATOM   1073 C C   . ILE A 1 133 ? -12.191 7.914   6.006   1.00 20.89 ?  172 ILE A C   1 
ATOM   1074 O O   . ILE A 1 133 ? -12.271 7.915   7.221   1.00 20.60 ?  172 ILE A O   1 
ATOM   1075 C CB  . ILE A 1 133 ? -12.890 5.527   5.458   1.00 20.55 ?  172 ILE A CB  1 
ATOM   1076 C CG1 . ILE A 1 133 ? -12.434 4.227   4.777   1.00 20.92 ?  172 ILE A CG1 1 
ATOM   1077 C CG2 . ILE A 1 133 ? -14.197 6.001   4.877   1.00 19.93 ?  172 ILE A CG2 1 
ATOM   1078 C CD1 . ILE A 1 133 ? -13.247 3.005   5.070   1.00 20.61 ?  172 ILE A CD1 1 
ATOM   1079 N N   . VAL A 1 134 ? -12.342 8.974   5.211   1.00 21.66 ?  173 VAL A N   1 
ATOM   1080 C CA  . VAL A 1 134 ? -12.537 10.372  5.688   1.00 23.36 ?  173 VAL A CA  1 
ATOM   1081 C C   . VAL A 1 134 ? -13.992 10.745  5.389   1.00 25.52 ?  173 VAL A C   1 
ATOM   1082 O O   . VAL A 1 134 ? -14.369 10.728  4.185   1.00 27.62 ?  173 VAL A O   1 
ATOM   1083 C CB  . VAL A 1 134 ? -11.558 11.327  4.970   1.00 27.58 ?  173 VAL A CB  1 
ATOM   1084 C CG1 . VAL A 1 134 ? -11.741 12.775  5.402   1.00 27.94 ?  173 VAL A CG1 1 
ATOM   1085 C CG2 . VAL A 1 134 ? -10.106 10.920  5.143   1.00 28.47 ?  173 VAL A CG2 1 
ATOM   1086 N N   . ARG A 1 135 ? -14.795 11.037  6.407   1.00 23.09 ?  174 ARG A N   1 
ATOM   1087 C CA  . ARG A 1 135 ? -16.198 11.454  6.191   1.00 24.98 ?  174 ARG A CA  1 
ATOM   1088 C C   . ARG A 1 135 ? -16.236 12.925  5.742   1.00 26.46 ?  174 ARG A C   1 
ATOM   1089 O O   . ARG A 1 135 ? -15.572 13.768  6.350   1.00 28.29 ?  174 ARG A O   1 
ATOM   1090 C CB  . ARG A 1 135 ? -17.008 11.280  7.458   1.00 28.30 ?  174 ARG A CB  1 
ATOM   1091 C CG  . ARG A 1 135 ? -18.491 11.488  7.220   1.00 25.91 ?  174 ARG A CG  1 
ATOM   1092 C CD  . ARG A 1 135 ? -19.253 10.796  8.318   1.00 29.50 ?  174 ARG A CD  1 
ATOM   1093 N NE  . ARG A 1 135 ? -18.904 11.338  9.628   1.00 34.53 ?  174 ARG A NE  1 
ATOM   1094 C CZ  . ARG A 1 135 ? -19.265 10.783  10.786  1.00 32.87 ?  174 ARG A CZ  1 
ATOM   1095 N NH1 . ARG A 1 135 ? -18.963 11.367  11.938  1.00 29.11 ?  174 ARG A NH1 1 
ATOM   1096 N NH2 . ARG A 1 135 ? -19.926 9.632   10.789  1.00 35.64 ?  174 ARG A NH2 1 
ATOM   1097 N N   . VAL A 1 136 ? -16.945 13.196  4.664   1.00 26.82 ?  175 VAL A N   1 
ATOM   1098 C CA  . VAL A 1 136 ? -17.036 14.558  4.060   1.00 27.38 ?  175 VAL A CA  1 
ATOM   1099 C C   . VAL A 1 136 ? -18.053 15.385  4.837   1.00 25.65 ?  175 VAL A C   1 
ATOM   1100 O O   . VAL A 1 136 ? -19.101 14.854  5.206   1.00 28.01 ?  175 VAL A O   1 
ATOM   1101 C CB  . VAL A 1 136 ? -17.408 14.391  2.590   1.00 28.48 ?  175 VAL A CB  1 
ATOM   1102 C CG1 . VAL A 1 136 ? -17.827 15.690  1.921   1.00 30.97 ?  175 VAL A CG1 1 
ATOM   1103 C CG2 . VAL A 1 136 ? -16.277 13.701  1.835   1.00 33.11 ?  175 VAL A CG2 1 
ATOM   1104 N N   . GLY A 1 137 ? -17.758 16.662  5.013   1.00 30.55 ?  176 GLY A N   1 
ATOM   1105 C CA  . GLY A 1 137 ? -18.710 17.640  5.575   1.00 35.27 ?  176 GLY A CA  1 
ATOM   1106 C C   . GLY A 1 137 ? -18.869 17.455  7.066   1.00 35.45 ?  176 GLY A C   1 
ATOM   1107 O O   . GLY A 1 137 ? -19.907 17.783  7.604   1.00 35.35 ?  176 GLY A O   1 
ATOM   1108 N N   . ASP A 1 138 ? -17.886 16.836  7.707   1.00 33.80 ?  177 ASP A N   1 
ATOM   1109 C CA  . ASP A 1 138 ? -18.008 16.465  9.136   1.00 28.53 ?  177 ASP A CA  1 
ATOM   1110 C C   . ASP A 1 138 ? -17.238 17.472  9.978   1.00 28.09 ?  177 ASP A C   1 
ATOM   1111 O O   . ASP A 1 138 ? -16.028 17.606  9.819   1.00 27.70 ?  177 ASP A O   1 
ATOM   1112 C CB  . ASP A 1 138 ? -17.522 15.040  9.344   1.00 29.28 ?  177 ASP A CB  1 
ATOM   1113 C CG  . ASP A 1 138 ? -17.661 14.603  10.785  1.00 31.14 ?  177 ASP A CG  1 
ATOM   1114 O OD1 . ASP A 1 138 ? -18.229 15.380  11.622  1.00 32.13 ?  177 ASP A OD1 1 
ATOM   1115 O OD2 . ASP A 1 138 ? -17.211 13.503  11.068  1.00 31.23 ?  177 ASP A OD2 1 
ATOM   1116 N N   . PRO A 1 139 ? -17.911 18.251  10.870  1.00 28.62 ?  178 PRO A N   1 
ATOM   1117 C CA  . PRO A 1 139 ? -17.194 19.238  11.680  1.00 28.29 ?  178 PRO A CA  1 
ATOM   1118 C C   . PRO A 1 139 ? -16.200 18.559  12.649  1.00 27.74 ?  178 PRO A C   1 
ATOM   1119 O O   . PRO A 1 139 ? -15.236 19.177  13.052  1.00 27.91 ?  178 PRO A O   1 
ATOM   1120 C CB  . PRO A 1 139 ? -18.315 19.992  12.435  1.00 31.38 ?  178 PRO A CB  1 
ATOM   1121 C CG  . PRO A 1 139 ? -19.538 19.136  12.318  1.00 33.59 ?  178 PRO A CG  1 
ATOM   1122 C CD  . PRO A 1 139 ? -19.368 18.316  11.060  1.00 32.30 ?  178 PRO A CD  1 
ATOM   1123 N N   . GLN A 1 140 ? -16.425 17.276  12.941  1.00 24.59 ?  179 GLN A N   1 
ATOM   1124 C CA  . GLN A 1 140 ? -15.531 16.489  13.819  1.00 24.00 ?  179 GLN A CA  1 
ATOM   1125 C C   . GLN A 1 140 ? -14.405 15.839  13.011  1.00 24.13 ?  179 GLN A C   1 
ATOM   1126 O O   . GLN A 1 140 ? -13.483 15.281  13.598  1.00 23.73 ?  179 GLN A O   1 
ATOM   1127 C CB  . GLN A 1 140 ? -16.300 15.429  14.594  1.00 28.07 ?  179 GLN A CB  1 
ATOM   1128 C CG  . GLN A 1 140 ? -17.213 16.036  15.642  1.00 35.66 ?  179 GLN A CG  1 
ATOM   1129 C CD  . GLN A 1 140 ? -17.367 15.165  16.868  1.00 43.36 ?  179 GLN A CD  1 
ATOM   1130 O OE1 . GLN A 1 140 ? -17.508 15.672  17.978  1.00 55.45 ?  179 GLN A OE1 1 
ATOM   1131 N NE2 . GLN A 1 140 ? -17.382 13.857  16.671  1.00 40.90 ?  179 GLN A NE2 1 
ATOM   1132 N N   . ARG A 1 141 ? -14.512 15.887  11.683  0.50 24.10 ?  180 ARG A N   1 
ATOM   1133 C CA  . ARG A 1 141 ? -13.541 15.246  10.762  0.50 26.38 ?  180 ARG A CA  1 
ATOM   1134 C C   . ARG A 1 141 ? -13.324 13.796  11.212  0.50 25.27 ?  180 ARG A C   1 
ATOM   1135 O O   . ARG A 1 141 ? -12.148 13.396  11.365  0.50 25.27 ?  180 ARG A O   1 
ATOM   1136 C CB  . ARG A 1 141 ? -12.231 16.040  10.723  0.50 29.29 ?  180 ARG A CB  1 
ATOM   1137 C CG  . ARG A 1 141 ? -12.402 17.493  10.297  0.50 32.13 ?  180 ARG A CG  1 
ATOM   1138 C CD  . ARG A 1 141 ? -11.154 18.085  9.659   0.50 35.17 ?  180 ARG A CD  1 
ATOM   1139 N NE  . ARG A 1 141 ? -10.102 18.345  10.631  0.50 37.02 ?  180 ARG A NE  1 
ATOM   1140 C CZ  . ARG A 1 141 ? -10.102 19.358  11.496  0.50 39.94 ?  180 ARG A CZ  1 
ATOM   1141 N NH1 . ARG A 1 141 ? -11.097 20.233  11.505  0.50 41.21 ?  180 ARG A NH1 1 
ATOM   1142 N NH2 . ARG A 1 141 ? -9.096  19.501  12.343  0.50 39.73 ?  180 ARG A NH2 1 
ATOM   1143 N N   . MET A 1 142 ? -14.405 13.041  11.442  0.50 25.67 ?  181 MET A N   1 
ATOM   1144 C CA  . MET A 1 142 ? -14.285 11.610  11.829  0.50 24.76 ?  181 MET A CA  1 
ATOM   1145 C C   . MET A 1 142 ? -13.567 10.877  10.691  0.50 23.82 ?  181 MET A C   1 
ATOM   1146 O O   . MET A 1 142 ? -14.007 10.992  9.532   0.50 24.36 ?  181 MET A O   1 
ATOM   1147 C CB  . MET A 1 142 ? -15.628 10.927  12.096  0.50 26.75 ?  181 MET A CB  1 
ATOM   1148 C CG  . MET A 1 142 ? -15.456 9.451   12.464  0.50 27.87 ?  181 MET A CG  1 
ATOM   1149 S SD  . MET A 1 142 ? -16.969 8.620   13.026  0.50 31.64 ?  181 MET A SD  1 
ATOM   1150 C CE  . MET A 1 142 ? -16.454 6.911   12.897  0.50 29.68 ?  181 MET A CE  1 
ATOM   1151 N N   . ILE A 1 143 ? -12.486 10.172  11.027  0.50 22.51 ?  182 ILE A N   1 
ATOM   1152 C CA  . ILE A 1 143 ? -11.681 9.357   10.077  0.50 22.83 ?  182 ILE A CA  1 
ATOM   1153 C C   . ILE A 1 143 ? -11.438 7.999   10.730  0.50 22.64 ?  182 ILE A C   1 
ATOM   1154 O O   . ILE A 1 143 ? -11.253 7.951   11.956  0.50 22.07 ?  182 ILE A O   1 
ATOM   1155 C CB  . ILE A 1 143 ? -10.365 10.074  9.721   0.50 21.63 ?  182 ILE A CB  1 
ATOM   1156 C CG1 . ILE A 1 143 ? -10.615 11.416  9.022   0.50 21.58 ?  182 ILE A CG1 1 
ATOM   1157 C CG2 . ILE A 1 143 ? -9.458  9.177   8.895   0.50 21.67 ?  182 ILE A CG2 1 
ATOM   1158 C CD1 . ILE A 1 143 ? -9.408  12.325  8.977   0.50 22.22 ?  182 ILE A CD1 1 
ATOM   1159 N N   . THR A 1 144 ? -11.433 6.944   9.919   0.50 21.62 ?  183 THR A N   1 
ATOM   1160 C CA  . THR A 1 144 ? -11.029 5.577   10.323  0.50 21.19 ?  183 THR A CA  1 
ATOM   1161 C C   . THR A 1 144 ? -9.679  5.286   9.660   0.50 21.11 ?  183 THR A C   1 
ATOM   1162 O O   . THR A 1 144 ? -9.433  5.828   8.561   0.50 21.03 ?  183 THR A O   1 
ATOM   1163 C CB  . THR A 1 144 ? -12.121 4.569   9.960   0.50 21.63 ?  183 THR A CB  1 
ATOM   1164 O OG1 . THR A 1 144 ? -12.183 4.550   8.534   0.50 22.02 ?  183 THR A OG1 1 
ATOM   1165 C CG2 . THR A 1 144 ? -13.489 4.912   10.513  0.50 21.45 ?  183 THR A CG2 1 
ATOM   1166 N N   . SER A 1 145 ? -8.836  4.487   10.317  0.50 20.70 ?  184 SER A N   1 
ATOM   1167 C CA  . SER A 1 145 ? -7.575  3.949   9.749   0.50 21.04 ?  184 SER A CA  1 
ATOM   1168 C C   . SER A 1 145 ? -7.625  2.418   9.781   0.50 18.83 ?  184 SER A C   1 
ATOM   1169 O O   . SER A 1 145 ? -8.233  1.846   10.711  0.50 19.01 ?  184 SER A O   1 
ATOM   1170 C CB  . SER A 1 145 ? -6.351  4.485   10.436  0.50 23.41 ?  184 SER A CB  1 
ATOM   1171 O OG  . SER A 1 145 ? -6.269  4.045   11.777  0.50 26.42 ?  184 SER A OG  1 
ATOM   1172 N N   . HIS A 1 146 ? -7.037  1.793   8.758   0.50 17.66 ?  185 HIS A N   1 
ATOM   1173 C CA  . HIS A 1 146 ? -7.135  0.339   8.483   0.50 17.86 ?  185 HIS A CA  1 
ATOM   1174 C C   . HIS A 1 146 ? -5.784  -0.150  7.942   0.50 18.24 ?  185 HIS A C   1 
ATOM   1175 O O   . HIS A 1 146 ? -5.424  0.252   6.824   0.50 19.60 ?  185 HIS A O   1 
ATOM   1176 C CB  . HIS A 1 146 ? -8.284  0.083   7.498   0.50 16.60 ?  185 HIS A CB  1 
ATOM   1177 C CG  . HIS A 1 146 ? -9.618  0.558   7.973   0.50 16.04 ?  185 HIS A CG  1 
ATOM   1178 N ND1 . HIS A 1 146 ? -10.152 1.791   7.630   0.50 18.02 ?  185 HIS A ND1 1 
ATOM   1179 C CD2 . HIS A 1 146 ? -10.529 -0.024  8.772   0.50 16.09 ?  185 HIS A CD2 1 
ATOM   1180 C CE1 . HIS A 1 146 ? -11.340 1.922   8.196   0.50 14.62 ?  185 HIS A CE1 1 
ATOM   1181 N NE2 . HIS A 1 146 ? -11.598 0.840   8.875   0.50 17.87 ?  185 HIS A NE2 1 
ATOM   1182 N N   . CYS A 1 147 ? -5.065  -0.972  8.713   0.50 20.84 ?  186 CYS A N   1 
ATOM   1183 C CA  . CYS A 1 147 ? -3.729  -1.528  8.357   0.50 22.77 ?  186 CYS A CA  1 
ATOM   1184 C C   . CYS A 1 147 ? -3.872  -2.935  7.763   0.50 23.11 ?  186 CYS A C   1 
ATOM   1185 O O   . CYS A 1 147 ? -4.694  -3.714  8.286   0.50 23.08 ?  186 CYS A O   1 
ATOM   1186 C CB  . CYS A 1 147 ? -2.847  -1.592  9.598   0.50 23.67 ?  186 CYS A CB  1 
ATOM   1187 S SG  . CYS A 1 147 ? -2.672  0.008   10.428  0.50 25.92 ?  186 CYS A SG  1 
ATOM   1188 N N   . PHE A 1 148 ? -3.036  -3.281  6.773   1.00 22.29 ?  187 PHE A N   1 
ATOM   1189 C CA  . PHE A 1 148 ? -3.120  -4.569  6.031   1.00 23.96 ?  187 PHE A CA  1 
ATOM   1190 C C   . PHE A 1 148 ? -1.768  -5.266  6.166   1.00 26.54 ?  187 PHE A C   1 
ATOM   1191 O O   . PHE A 1 148 ? -0.900  -5.132  5.312   1.00 23.21 ?  187 PHE A O   1 
ATOM   1192 C CB  . PHE A 1 148 ? -3.528  -4.278  4.602   1.00 24.57 ?  187 PHE A CB  1 
ATOM   1193 C CG  . PHE A 1 148 ? -4.895  -3.656  4.556   1.00 25.26 ?  187 PHE A CG  1 
ATOM   1194 C CD1 . PHE A 1 148 ? -6.022  -4.442  4.722   1.00 25.68 ?  187 PHE A CD1 1 
ATOM   1195 C CD2 . PHE A 1 148 ? -5.021  -2.272  4.501   1.00 26.43 ?  187 PHE A CD2 1 
ATOM   1196 C CE1 . PHE A 1 148 ? -7.275  -3.845  4.766   1.00 25.29 ?  187 PHE A CE1 1 
ATOM   1197 C CE2 . PHE A 1 148 ? -6.273  -1.683  4.525   1.00 25.86 ?  187 PHE A CE2 1 
ATOM   1198 C CZ  . PHE A 1 148 ? -7.381  -2.471  4.675   1.00 24.66 ?  187 PHE A CZ  1 
ATOM   1199 N N   . PRO A 1 149 ? -1.552  -5.986  7.284   1.00 28.57 ?  188 PRO A N   1 
ATOM   1200 C CA  . PRO A 1 149 ? -0.289  -6.695  7.526   1.00 28.46 ?  188 PRO A CA  1 
ATOM   1201 C C   . PRO A 1 149 ? 0.096   -7.675  6.414   1.00 26.21 ?  188 PRO A C   1 
ATOM   1202 O O   . PRO A 1 149 ? 1.311   -7.850  6.190   1.00 23.58 ?  188 PRO A O   1 
ATOM   1203 C CB  . PRO A 1 149 ? -0.524  -7.537  8.792   1.00 31.70 ?  188 PRO A CB  1 
ATOM   1204 C CG  . PRO A 1 149 ? -2.004  -7.433  9.078   1.00 35.20 ?  188 PRO A CG  1 
ATOM   1205 C CD  . PRO A 1 149 ? -2.492  -6.160  8.405   1.00 36.02 ?  188 PRO A CD  1 
ATOM   1206 N N   . GLU A 1 150 ? -0.893  -8.254  5.766   1.00 27.30 ?  189 GLU A N   1 
ATOM   1207 C CA  . GLU A 1 150 ? -0.699  -9.232  4.663   1.00 26.05 ?  189 GLU A CA  1 
ATOM   1208 C C   . GLU A 1 150 ? 0.022   -8.569  3.503   1.00 22.45 ?  189 GLU A C   1 
ATOM   1209 O O   . GLU A 1 150 ? 0.591   -9.294  2.661   1.00 21.74 ?  189 GLU A O   1 
ATOM   1210 C CB  . GLU A 1 150 ? -2.023  -9.757  4.129   1.00 31.31 ?  189 GLU A CB  1 
ATOM   1211 C CG  . GLU A 1 150 ? -2.800  -10.481 5.201   1.00 32.96 ?  189 GLU A CG  1 
ATOM   1212 C CD  . GLU A 1 150 ? -3.896  -9.680  5.855   1.00 36.64 ?  189 GLU A CD  1 
ATOM   1213 O OE1 . GLU A 1 150 ? -4.901  -10.331 6.220   1.00 44.37 ?  189 GLU A OE1 1 
ATOM   1214 O OE2 . GLU A 1 150 ? -3.763  -8.443  5.995   1.00 38.39 ?  189 GLU A OE2 1 
ATOM   1215 N N   . THR A 1 151 ? -0.017  -7.227  3.413   1.00 20.10 ?  190 THR A N   1 
ATOM   1216 C CA  . THR A 1 151 ? 0.425   -6.495  2.215   1.00 21.01 ?  190 THR A CA  1 
ATOM   1217 C C   . THR A 1 151 ? 1.787   -5.813  2.481   1.00 19.91 ?  190 THR A C   1 
ATOM   1218 O O   . THR A 1 151 ? 2.203   -5.047  1.625   1.00 21.67 ?  190 THR A O   1 
ATOM   1219 C CB  . THR A 1 151 ? -0.624  -5.466  1.759   1.00 22.15 ?  190 THR A CB  1 
ATOM   1220 O OG1 . THR A 1 151 ? -0.705  -4.394  2.695   1.00 21.35 ?  190 THR A OG1 1 
ATOM   1221 C CG2 . THR A 1 151 ? -2.004  -6.076  1.583   1.00 20.84 ?  190 THR A CG2 1 
ATOM   1222 N N   . GLN A 1 152 ? 2.474   -6.151  3.589   1.00 19.79 ?  191 GLN A N   1 
ATOM   1223 C CA  . GLN A 1 152 ? 3.791   -5.557  3.897   1.00 21.27 ?  191 GLN A CA  1 
ATOM   1224 C C   . GLN A 1 152 ? 4.752   -5.915  2.768   1.00 20.65 ?  191 GLN A C   1 
ATOM   1225 O O   . GLN A 1 152 ? 4.692   -7.054  2.222   1.00 21.23 ?  191 GLN A O   1 
ATOM   1226 C CB  . GLN A 1 152 ? 4.381   -6.147  5.166   1.00 24.30 ?  191 GLN A CB  1 
ATOM   1227 C CG  . GLN A 1 152 ? 3.767   -5.566  6.403   1.00 31.05 ?  191 GLN A CG  1 
ATOM   1228 C CD  . GLN A 1 152 ? 4.099   -6.404  7.610   1.00 37.48 ?  191 GLN A CD  1 
ATOM   1229 O OE1 . GLN A 1 152 ? 4.808   -7.412  7.525   1.00 39.15 ?  191 GLN A OE1 1 
ATOM   1230 N NE2 . GLN A 1 152 ? 3.512   -6.021  8.725   1.00 41.56 ?  191 GLN A NE2 1 
ATOM   1231 N N   . PHE A 1 153 ? 5.624   -4.987  2.405   1.00 20.44 ?  192 PHE A N   1 
ATOM   1232 C CA  . PHE A 1 153 ? 6.644   -5.285  1.379   1.00 19.74 ?  192 PHE A CA  1 
ATOM   1233 C C   . PHE A 1 153 ? 7.886   -4.458  1.644   1.00 22.24 ?  192 PHE A C   1 
ATOM   1234 O O   . PHE A 1 153 ? 7.782   -3.409  2.341   1.00 19.60 ?  192 PHE A O   1 
ATOM   1235 C CB  . PHE A 1 153 ? 6.086   -4.961  -0.003  1.00 18.48 ?  192 PHE A CB  1 
ATOM   1236 C CG  . PHE A 1 153 ? 5.715   -3.516  -0.183  1.00 19.08 ?  192 PHE A CG  1 
ATOM   1237 C CD1 . PHE A 1 153 ? 6.669   -2.568  -0.520  1.00 18.15 ?  192 PHE A CD1 1 
ATOM   1238 C CD2 . PHE A 1 153 ? 4.421   -3.070  0.061   1.00 20.97 ?  192 PHE A CD2 1 
ATOM   1239 C CE1 . PHE A 1 153 ? 6.341   -1.219  -0.683  1.00 19.69 ?  192 PHE A CE1 1 
ATOM   1240 C CE2 . PHE A 1 153 ? 4.114   -1.726  -0.062  1.00 20.31 ?  192 PHE A CE2 1 
ATOM   1241 C CZ  . PHE A 1 153 ? 5.056   -0.799  -0.452  1.00 20.42 ?  192 PHE A CZ  1 
ATOM   1242 N N   . ILE A 1 154 ? 9.017   -4.878  1.073   1.00 18.50 ?  193 ILE A N   1 
ATOM   1243 C CA  . ILE A 1 154 ? 10.221  -4.022  1.045   1.00 20.44 ?  193 ILE A CA  1 
ATOM   1244 C C   . ILE A 1 154 ? 10.256  -3.284  -0.280  1.00 20.28 ?  193 ILE A C   1 
ATOM   1245 O O   . ILE A 1 154 ? 10.147  -3.901  -1.359  1.00 21.71 ?  193 ILE A O   1 
ATOM   1246 C CB  . ILE A 1 154 ? 11.440  -4.919  1.275   1.00 22.09 ?  193 ILE A CB  1 
ATOM   1247 C CG1 . ILE A 1 154 ? 11.303  -5.601  2.636   1.00 23.35 ?  193 ILE A CG1 1 
ATOM   1248 C CG2 . ILE A 1 154 ? 12.714  -4.082  1.144   1.00 23.53 ?  193 ILE A CG2 1 
ATOM   1249 C CD1 . ILE A 1 154 ? 12.369  -6.613  2.904   1.00 26.94 ?  193 ILE A CD1 1 
ATOM   1250 N N   . ALA A 1 155 ? 10.474  -1.975  -0.246  1.00 21.38 ?  194 ALA A N   1 
ATOM   1251 C CA  . ALA A 1 155 ? 10.665  -1.189  -1.473  1.00 23.12 ?  194 ALA A CA  1 
ATOM   1252 C C   . ALA A 1 155 ? 12.060  -1.504  -2.016  1.00 24.92 ?  194 ALA A C   1 
ATOM   1253 O O   . ALA A 1 155 ? 12.996  -1.511  -1.216  1.00 27.05 ?  194 ALA A O   1 
ATOM   1254 C CB  . ALA A 1 155 ? 10.560  0.280   -1.173  1.00 25.23 ?  194 ALA A CB  1 
ATOM   1255 N N   . VAL A 1 156 ? 12.190  -1.750  -3.300  1.00 24.41 ?  195 VAL A N   1 
ATOM   1256 C CA  . VAL A 1 156 ? 13.507  -2.103  -3.908  1.00 25.23 ?  195 VAL A CA  1 
ATOM   1257 C C   . VAL A 1 156 ? 13.663  -1.304  -5.207  1.00 27.18 ?  195 VAL A C   1 
ATOM   1258 O O   . VAL A 1 156 ? 12.641  -0.929  -5.840  1.00 27.34 ?  195 VAL A O   1 
ATOM   1259 C CB  . VAL A 1 156 ? 13.629  -3.620  -4.126  1.00 23.68 ?  195 VAL A CB  1 
ATOM   1260 C CG1 . VAL A 1 156 ? 13.559  -4.408  -2.835  1.00 26.17 ?  195 VAL A CG1 1 
ATOM   1261 C CG2 . VAL A 1 156 ? 12.600  -4.172  -5.112  1.00 23.86 ?  195 VAL A CG2 1 
ATOM   1262 N N   . THR A 1 157 ? 14.892  -1.002  -5.636  1.00 27.21 ?  196 THR A N   1 
ATOM   1263 C CA  . THR A 1 157 ? 15.062  -0.431  -7.006  1.00 26.66 ?  196 THR A CA  1 
ATOM   1264 C C   . THR A 1 157 ? 15.138  -1.564  -8.044  1.00 29.32 ?  196 THR A C   1 
ATOM   1265 O O   . THR A 1 157 ? 14.970  -1.278  -9.211  1.00 31.18 ?  196 THR A O   1 
ATOM   1266 C CB  . THR A 1 157 ? 16.250  0.535   -7.103  1.00 33.08 ?  196 THR A CB  1 
ATOM   1267 O OG1 . THR A 1 157 ? 17.372  -0.291  -6.809  1.00 33.74 ?  196 THR A OG1 1 
ATOM   1268 C CG2 . THR A 1 157 ? 16.164  1.696   -6.138  1.00 36.27 ?  196 THR A CG2 1 
ATOM   1269 N N   . ALA A 1 158 ? 15.257  -2.810  -7.620  1.00 27.83 ?  197 ALA A N   1 
ATOM   1270 C CA  . ALA A 1 158 ? 15.296  -4.020  -8.473  1.00 29.61 ?  197 ALA A CA  1 
ATOM   1271 C C   . ALA A 1 158 ? 15.010  -5.211  -7.576  1.00 26.17 ?  197 ALA A C   1 
ATOM   1272 O O   . ALA A 1 158 ? 15.379  -5.176  -6.377  1.00 27.32 ?  197 ALA A O   1 
ATOM   1273 C CB  . ALA A 1 158 ? 16.647  -4.165  -9.175  1.00 31.18 ?  197 ALA A CB  1 
ATOM   1274 N N   . TYR A 1 159 ? 14.374  -6.236  -8.117  1.00 26.78 ?  198 TYR A N   1 
ATOM   1275 C CA  . TYR A 1 159 ? 13.990  -7.421  -7.332  1.00 25.55 ?  198 TYR A CA  1 
ATOM   1276 C C   . TYR A 1 159 ? 15.258  -8.098  -6.851  1.00 26.43 ?  198 TYR A C   1 
ATOM   1277 O O   . TYR A 1 159 ? 16.211  -8.201  -7.611  1.00 27.25 ?  198 TYR A O   1 
ATOM   1278 C CB  . TYR A 1 159 ? 13.066  -8.358  -8.085  1.00 24.54 ?  198 TYR A CB  1 
ATOM   1279 C CG  . TYR A 1 159 ? 11.693  -7.781  -8.319  1.00 27.89 ?  198 TYR A CG  1 
ATOM   1280 C CD1 . TYR A 1 159 ? 10.959  -7.199  -7.279  1.00 28.00 ?  198 TYR A CD1 1 
ATOM   1281 C CD2 . TYR A 1 159 ? 11.094  -7.898  -9.558  1.00 30.44 ?  198 TYR A CD2 1 
ATOM   1282 C CE1 . TYR A 1 159 ? 9.691   -6.677  -7.499  1.00 28.88 ?  198 TYR A CE1 1 
ATOM   1283 C CE2 . TYR A 1 159 ? 9.835   -7.380  -9.794  1.00 34.54 ?  198 TYR A CE2 1 
ATOM   1284 C CZ  . TYR A 1 159 ? 9.126   -6.786  -8.767  1.00 32.94 ?  198 TYR A CZ  1 
ATOM   1285 O OH  . TYR A 1 159 ? 7.878   -6.313  -9.037  1.00 33.78 ?  198 TYR A OH  1 
ATOM   1286 N N   . GLN A 1 160 ? 15.272  -8.444  -5.576  1.00 26.28 ?  199 GLN A N   1 
ATOM   1287 C CA  . GLN A 1 160 ? 16.380  -9.174  -4.924  1.00 26.25 ?  199 GLN A CA  1 
ATOM   1288 C C   . GLN A 1 160 ? 16.130  -10.681 -5.024  1.00 26.76 ?  199 GLN A C   1 
ATOM   1289 O O   . GLN A 1 160 ? 17.039  -11.403 -5.429  1.00 28.95 ?  199 GLN A O   1 
ATOM   1290 C CB  . GLN A 1 160 ? 16.482  -8.708  -3.474  1.00 27.11 ?  199 GLN A CB  1 
ATOM   1291 C CG  . GLN A 1 160 ? 16.671  -7.219  -3.333  1.00 27.44 ?  199 GLN A CG  1 
ATOM   1292 C CD  . GLN A 1 160 ? 17.989  -6.851  -3.957  1.00 32.54 ?  199 GLN A CD  1 
ATOM   1293 O OE1 . GLN A 1 160 ? 19.047  -7.157  -3.415  1.00 32.26 ?  199 GLN A OE1 1 
ATOM   1294 N NE2 . GLN A 1 160 ? 17.934  -6.168  -5.082  1.00 28.31 ?  199 GLN A NE2 1 
ATOM   1295 N N   . ASN A 1 161 ? 14.937  -11.174 -4.679  1.00 23.37 ?  200 ASN A N   1 
ATOM   1296 C CA  . ASN A 1 161 ? 14.602  -12.603 -4.589  1.00 24.71 ?  200 ASN A CA  1 
ATOM   1297 C C   . ASN A 1 161 ? 14.115  -13.064 -5.967  1.00 27.21 ?  200 ASN A C   1 
ATOM   1298 O O   . ASN A 1 161 ? 13.097  -12.537 -6.445  1.00 25.05 ?  200 ASN A O   1 
ATOM   1299 C CB  . ASN A 1 161 ? 13.571  -12.771 -3.468  1.00 25.81 ?  200 ASN A CB  1 
ATOM   1300 C CG  . ASN A 1 161 ? 13.141  -14.185 -3.202  1.00 24.50 ?  200 ASN A CG  1 
ATOM   1301 O OD1 . ASN A 1 161 ? 13.539  -15.119 -3.918  1.00 28.79 ?  200 ASN A OD1 1 
ATOM   1302 N ND2 . ASN A 1 161 ? 12.369  -14.361 -2.148  1.00 26.48 ?  200 ASN A ND2 1 
ATOM   1303 N N   . GLU A 1 162 ? 14.804  -13.996 -6.603  1.00 25.82 ?  201 GLU A N   1 
ATOM   1304 C CA  . GLU A 1 162 ? 14.365  -14.484 -7.943  1.00 28.34 ?  201 GLU A CA  1 
ATOM   1305 C C   . GLU A 1 162 ? 12.975  -15.118 -7.840  1.00 28.39 ?  201 GLU A C   1 
ATOM   1306 O O   . GLU A 1 162 ? 12.275  -15.083 -8.842  1.00 29.29 ?  201 GLU A O   1 
ATOM   1307 C CB  . GLU A 1 162 ? 15.365  -15.460 -8.554  1.00 32.04 ?  201 GLU A CB  1 
ATOM   1308 C CG  . GLU A 1 162 ? 15.430  -16.785 -7.836  1.00 39.47 ?  201 GLU A CG  1 
ATOM   1309 C CD  . GLU A 1 162 ? 16.198  -16.793 -6.519  1.00 48.80 ?  201 GLU A CD  1 
ATOM   1310 O OE1 . GLU A 1 162 ? 15.958  -17.745 -5.702  1.00 46.10 ?  201 GLU A OE1 1 
ATOM   1311 O OE2 . GLU A 1 162 ? 17.019  -15.826 -6.288  1.00 53.00 ?  201 GLU A OE2 1 
ATOM   1312 N N   . GLU A 1 163 ? 12.583  -15.665 -6.689  1.00 26.48 ?  202 GLU A N   1 
ATOM   1313 C CA  . GLU A 1 163 ? 11.224  -16.244 -6.510  1.00 28.21 ?  202 GLU A CA  1 
ATOM   1314 C C   . GLU A 1 163 ? 10.176  -15.134 -6.591  1.00 28.64 ?  202 GLU A C   1 
ATOM   1315 O O   . GLU A 1 163 ? 9.017   -15.426 -6.987  1.00 27.67 ?  202 GLU A O   1 
ATOM   1316 C CB  . GLU A 1 163 ? 11.107  -16.998 -5.193  1.00 31.38 ?  202 GLU A CB  1 
ATOM   1317 C CG  . GLU A 1 163 ? 11.955  -18.229 -5.160  1.00 38.29 ?  202 GLU A CG  1 
ATOM   1318 C CD  . GLU A 1 163 ? 11.563  -19.175 -4.054  1.00 42.74 ?  202 GLU A CD  1 
ATOM   1319 O OE1 . GLU A 1 163 ? 11.757  -18.835 -2.884  1.00 49.74 ?  202 GLU A OE1 1 
ATOM   1320 O OE2 . GLU A 1 163 ? 11.049  -20.243 -4.376  1.00 62.28 ?  202 GLU A OE2 1 
ATOM   1321 N N   . ILE A 1 164 ? 10.500  -13.911 -6.163  1.00 25.28 ?  203 ILE A N   1 
ATOM   1322 C CA  . ILE A 1 164 ? 9.542   -12.775 -6.288  1.00 24.30 ?  203 ILE A CA  1 
ATOM   1323 C C   . ILE A 1 164 ? 9.419   -12.398 -7.757  1.00 27.96 ?  203 ILE A C   1 
ATOM   1324 O O   . ILE A 1 164 ? 8.278   -12.284 -8.251  1.00 27.98 ?  203 ILE A O   1 
ATOM   1325 C CB  . ILE A 1 164 ? 9.962   -11.586 -5.395  1.00 25.26 ?  203 ILE A CB  1 
ATOM   1326 C CG1 . ILE A 1 164 ? 9.622   -11.839 -3.924  1.00 24.53 ?  203 ILE A CG1 1 
ATOM   1327 C CG2 . ILE A 1 164 ? 9.377   -10.298 -5.927  1.00 26.16 ?  203 ILE A CG2 1 
ATOM   1328 C CD1 . ILE A 1 164 ? 8.127   -11.841 -3.635  1.00 26.88 ?  203 ILE A CD1 1 
ATOM   1329 N N   . THR A 1 165 ? 10.540  -12.250 -8.454  1.00 26.21 ?  204 THR A N   1 
ATOM   1330 C CA  . THR A 1 165 ? 10.534  -11.931 -9.889  1.00 29.23 ?  204 THR A CA  1 
ATOM   1331 C C   . THR A 1 165 ? 9.627   -12.948 -10.579 1.00 24.81 ?  204 THR A C   1 
ATOM   1332 O O   . THR A 1 165 ? 8.755   -12.501 -11.337 1.00 28.14 ?  204 THR A O   1 
ATOM   1333 C CB  . THR A 1 165 ? 11.942  -11.953 -10.481 1.00 29.88 ?  204 THR A CB  1 
ATOM   1334 O OG1 . THR A 1 165 ? 12.727  -11.048 -9.695  1.00 31.44 ?  204 THR A OG1 1 
ATOM   1335 C CG2 . THR A 1 165 ? 11.943  -11.503 -11.921 1.00 31.59 ?  204 THR A CG2 1 
ATOM   1336 N N   . ALA A 1 166 ? 9.697   -14.204 -10.179 1.00 25.64 ?  205 ALA A N   1 
ATOM   1337 C CA  . ALA A 1 166 ? 8.966   -15.301 -10.874 1.00 26.38 ?  205 ALA A CA  1 
ATOM   1338 C C   . ALA A 1 166 ? 7.480   -15.231 -10.517 1.00 26.95 ?  205 ALA A C   1 
ATOM   1339 O O   . ALA A 1 166 ? 6.597   -15.456 -11.412 1.00 29.68 ?  205 ALA A O   1 
ATOM   1340 C CB  . ALA A 1 166 ? 9.541   -16.630 -10.480 1.00 28.99 ?  205 ALA A CB  1 
ATOM   1341 N N   . LEU A 1 167 ? 7.183   -15.001 -9.239  1.00 26.47 ?  206 LEU A N   1 
ATOM   1342 C CA  . LEU A 1 167 ? 5.776   -14.895 -8.760  1.00 25.09 ?  206 LEU A CA  1 
ATOM   1343 C C   . LEU A 1 167 ? 5.098   -13.734 -9.475  1.00 25.35 ?  206 LEU A C   1 
ATOM   1344 O O   . LEU A 1 167 ? 3.875   -13.857 -9.770  1.00 28.24 ?  206 LEU A O   1 
ATOM   1345 C CB  . LEU A 1 167 ? 5.774   -14.625 -7.260  1.00 28.05 ?  206 LEU A CB  1 
ATOM   1346 C CG  . LEU A 1 167 ? 5.162   -15.620 -6.290  1.00 37.30 ?  206 LEU A CG  1 
ATOM   1347 C CD1 . LEU A 1 167 ? 4.420   -14.878 -5.190  1.00 34.59 ?  206 LEU A CD1 1 
ATOM   1348 C CD2 . LEU A 1 167 ? 4.303   -16.673 -6.918  1.00 36.88 ?  206 LEU A CD2 1 
ATOM   1349 N N   . LYS A 1 168 ? 5.791   -12.610 -9.637  1.00 27.94 ?  207 LYS A N   1 
ATOM   1350 C CA  . LYS A 1 168 ? 5.255   -11.375 -10.245 1.00 27.69 ?  207 LYS A CA  1 
ATOM   1351 C C   . LYS A 1 168 ? 4.852   -11.701 -11.687 1.00 34.54 ?  207 LYS A C   1 
ATOM   1352 O O   . LYS A 1 168 ? 3.783   -11.249 -12.130 1.00 37.04 ?  207 LYS A O   1 
ATOM   1353 C CB  . LYS A 1 168 ? 6.299   -10.252 -10.204 1.00 29.42 ?  207 LYS A CB  1 
ATOM   1354 C CG  . LYS A 1 168 ? 6.651   -9.757  -8.793  1.00 28.24 ?  207 LYS A CG  1 
ATOM   1355 C CD  . LYS A 1 168 ? 5.798   -8.610  -8.292  1.00 27.94 ?  207 LYS A CD  1 
ATOM   1356 C CE  . LYS A 1 168 ? 6.183   -8.175  -6.885  1.00 26.75 ?  207 LYS A CE  1 
ATOM   1357 N NZ  . LYS A 1 168 ? 5.708   -6.813  -6.565  1.00 27.98 ?  207 LYS A NZ  1 
ATOM   1358 N N   . ILE A 1 169 ? 5.684   -12.479 -12.372 1.00 32.46 ?  208 ILE A N   1 
ATOM   1359 C CA  . ILE A 1 169 ? 5.417   -12.910 -13.776 1.00 36.20 ?  208 ILE A CA  1 
ATOM   1360 C C   . ILE A 1 169 ? 4.273   -13.923 -13.789 1.00 34.38 ?  208 ILE A C   1 
ATOM   1361 O O   . ILE A 1 169 ? 3.394   -13.789 -14.669 1.00 39.94 ?  208 ILE A O   1 
ATOM   1362 C CB  . ILE A 1 169 ? 6.715   -13.436 -14.411 1.00 38.99 ?  208 ILE A CB  1 
ATOM   1363 C CG1 . ILE A 1 169 ? 7.645   -12.262 -14.733 1.00 40.97 ?  208 ILE A CG1 1 
ATOM   1364 C CG2 . ILE A 1 169 ? 6.396   -14.267 -15.647 1.00 43.09 ?  208 ILE A CG2 1 
ATOM   1365 C CD1 . ILE A 1 169 ? 9.082   -12.654 -14.952 1.00 40.52 ?  208 ILE A CD1 1 
ATOM   1366 N N   . LYS A 1 170 ? 4.270   -14.913 -12.890 1.00 30.62 ?  209 LYS A N   1 
ATOM   1367 C CA  . LYS A 1 170 ? 3.215   -15.958 -12.800 1.00 29.89 ?  209 LYS A CA  1 
ATOM   1368 C C   . LYS A 1 170 ? 1.826   -15.320 -12.661 1.00 36.31 ?  209 LYS A C   1 
ATOM   1369 O O   . LYS A 1 170 ? 0.923   -15.679 -13.453 1.00 34.02 ?  209 LYS A O   1 
ATOM   1370 C CB  . LYS A 1 170 ? 3.468   -16.893 -11.616 1.00 33.45 ?  209 LYS A CB  1 
ATOM   1371 C CG  . LYS A 1 170 ? 2.543   -18.102 -11.506 1.00 36.23 ?  209 LYS A CG  1 
ATOM   1372 C CD  . LYS A 1 170 ? 3.029   -19.166 -10.537 1.00 37.71 ?  209 LYS A CD  1 
ATOM   1373 C CE  . LYS A 1 170 ? 1.974   -20.198 -10.197 1.00 41.87 ?  209 LYS A CE  1 
ATOM   1374 N NZ  . LYS A 1 170 ? 1.407   -20.810 -11.419 1.00 40.38 ?  209 LYS A NZ  1 
ATOM   1375 N N   . TYR A 1 171 ? 1.628   -14.458 -11.658 1.00 33.86 ?  210 TYR A N   1 
ATOM   1376 C CA  . TYR A 1 171 ? 0.257   -14.016 -11.276 1.00 31.72 ?  210 TYR A CA  1 
ATOM   1377 C C   . TYR A 1 171 ? -0.132  -12.721 -11.982 1.00 31.47 ?  210 TYR A C   1 
ATOM   1378 O O   . TYR A 1 171 ? -1.327  -12.338 -11.864 1.00 36.32 ?  210 TYR A O   1 
ATOM   1379 C CB  . TYR A 1 171 ? 0.149   -13.888 -9.769  1.00 30.73 ?  210 TYR A CB  1 
ATOM   1380 C CG  . TYR A 1 171 ? 0.080   -15.229 -9.109  1.00 31.10 ?  210 TYR A CG  1 
ATOM   1381 C CD1 . TYR A 1 171 ? -0.999  -16.075 -9.273  1.00 32.52 ?  210 TYR A CD1 1 
ATOM   1382 C CD2 . TYR A 1 171 ? 1.111   -15.673 -8.313  1.00 35.26 ?  210 TYR A CD2 1 
ATOM   1383 C CE1 . TYR A 1 171 ? -1.041  -17.325 -8.677  1.00 35.28 ?  210 TYR A CE1 1 
ATOM   1384 C CE2 . TYR A 1 171 ? 1.065   -16.905 -7.685  1.00 38.95 ?  210 TYR A CE2 1 
ATOM   1385 C CZ  . TYR A 1 171 ? -0.014  -17.738 -7.860  1.00 38.65 ?  210 TYR A CZ  1 
ATOM   1386 O OH  . TYR A 1 171 ? 0.004   -18.952 -7.231  1.00 40.94 ?  210 TYR A OH  1 
ATOM   1387 N N   . ASN A 1 172 ? 0.810   -12.046 -12.628 1.00 32.34 ?  211 ASN A N   1 
ATOM   1388 C CA  . ASN A 1 172 ? 0.565   -10.737 -13.274 1.00 37.52 ?  211 ASN A CA  1 
ATOM   1389 C C   . ASN A 1 172 ? 0.604   -11.003 -14.766 1.00 44.27 ?  211 ASN A C   1 
ATOM   1390 O O   . ASN A 1 172 ? -0.233  -11.824 -15.141 1.00 51.55 ?  211 ASN A O   1 
ATOM   1391 C CB  . ASN A 1 172 ? 1.541   -9.637  -12.843 1.00 39.29 ?  211 ASN A CB  1 
ATOM   1392 C CG  . ASN A 1 172 ? 1.083   -8.243  -13.223 1.00 38.96 ?  211 ASN A CG  1 
ATOM   1393 O OD1 . ASN A 1 172 ? -0.068  -8.042  -13.605 1.00 42.23 ?  211 ASN A OD1 1 
ATOM   1394 N ND2 . ASN A 1 172 ? 1.963   -7.266  -13.082 1.00 41.98 ?  211 ASN A ND2 1 
ATOM   1395 O OXT . ASN A 1 172 ? 1.408   -10.432 -15.487 1.00 51.30 ?  211 ASN A OXT 1 
HETATM 1396 C C4  . O1J B 2 .   ? -16.339 5.806   8.156   0.50 25.76 ?  301 O1J A C4  1 
HETATM 1397 C C5  . O1J B 2 .   ? -15.344 6.768   8.169   0.50 25.82 ?  301 O1J A C5  1 
HETATM 1398 C C6  . O1J B 2 .   ? -15.550 7.949   8.834   0.50 25.18 ?  301 O1J A C6  1 
HETATM 1399 C C7  . O1J B 2 .   ? -16.745 8.169   9.481   0.50 24.60 ?  301 O1J A C7  1 
HETATM 1400 C C8  . O1J B 2 .   ? -17.723 7.230   9.476   0.50 26.07 ?  301 O1J A C8  1 
HETATM 1401 C C   . O1J B 2 .   ? -18.608 4.079   11.949  0.50 33.23 ?  301 O1J A C   1 
HETATM 1402 O O   . O1J B 2 .   ? -19.303 3.612   12.895  0.50 32.84 -1 301 O1J A O   1 
HETATM 1403 C C1  . O1J B 2 .   ? -19.424 4.608   10.742  0.50 33.17 ?  301 O1J A C1  1 
HETATM 1404 C C2  . O1J B 2 .   ? -18.689 5.112   8.631   0.50 31.39 ?  301 O1J A C2  1 
HETATM 1405 C C3  . O1J B 2 .   ? -17.535 6.049   8.794   0.50 27.56 ?  301 O1J A C3  1 
HETATM 1406 O O1  . O1J B 2 .   ? -17.370 4.155   11.842  0.50 35.55 ?  301 O1J A O1  1 
HETATM 1407 O O2  . O1J B 2 .   ? -18.671 4.212   9.648   0.50 32.57 ?  301 O1J A O2  1 
HETATM 1408 O O   . HOH C 3 .   ? -19.263 -9.164  10.911  1.00 65.20 ?  401 HOH A O   1 
HETATM 1409 O O   . HOH C 3 .   ? -16.449 -11.099 6.271   1.00 44.54 ?  402 HOH A O   1 
HETATM 1410 O O   . HOH C 3 .   ? 22.437  0.456   4.620   1.00 55.23 ?  403 HOH A O   1 
HETATM 1411 O O   . HOH C 3 .   ? -6.219  8.253   10.143  1.00 61.82 ?  404 HOH A O   1 
HETATM 1412 O O   . HOH C 3 .   ? -0.810  7.460   -10.283 1.00 49.82 ?  405 HOH A O   1 
HETATM 1413 O O   . HOH C 3 .   ? -5.799  10.569  -6.791  1.00 48.69 ?  406 HOH A O   1 
HETATM 1414 O O   . HOH C 3 .   ? -20.724 -4.437  8.208   1.00 32.67 ?  407 HOH A O   1 
HETATM 1415 O O   . HOH C 3 .   ? -19.835 14.955  13.414  1.00 38.40 ?  408 HOH A O   1 
HETATM 1416 O O   . HOH C 3 .   ? 18.907  -18.466 1.124   1.00 46.60 ?  409 HOH A O   1 
HETATM 1417 O O   . HOH C 3 .   ? 11.931  -16.986 -1.253  1.00 39.08 ?  410 HOH A O   1 
HETATM 1418 O O   . HOH C 3 .   ? 1.829   -15.928 3.706   1.00 53.42 ?  411 HOH A O   1 
HETATM 1419 O O   . HOH C 3 .   ? 3.371   -12.044 -16.448 1.00 45.82 ?  412 HOH A O   1 
HETATM 1420 O O   . HOH C 3 .   ? 12.862  -14.459 1.385   1.00 36.88 ?  413 HOH A O   1 
HETATM 1421 O O   . HOH C 3 .   ? 19.559  -11.522 -5.470  1.00 39.71 ?  414 HOH A O   1 
HETATM 1422 O O   . HOH C 3 .   ? -10.887 -11.149 -3.109  0.50 32.51 ?  415 HOH A O   1 
HETATM 1423 O O   . HOH C 3 .   ? -10.543 -9.940  -7.311  1.00 35.98 ?  416 HOH A O   1 
HETATM 1424 O O   . HOH C 3 .   ? 4.305   -7.963  -12.398 1.00 50.63 ?  417 HOH A O   1 
HETATM 1425 O O   . HOH C 3 .   ? 2.875   7.190   2.434   1.00 26.77 ?  418 HOH A O   1 
HETATM 1426 O O   . HOH C 3 .   ? 21.959  -11.197 -2.093  1.00 37.66 ?  419 HOH A O   1 
HETATM 1427 O O   . HOH C 3 .   ? 18.651  2.008   1.500   1.00 49.44 ?  420 HOH A O   1 
HETATM 1428 O O   . HOH C 3 .   ? 17.208  -16.092 -3.750  1.00 48.67 ?  421 HOH A O   1 
HETATM 1429 O O   . HOH C 3 .   ? -15.419 16.451  7.099   1.00 39.56 ?  422 HOH A O   1 
HETATM 1430 O O   . HOH C 3 .   ? -0.641  -3.570  -11.165 1.00 37.09 ?  423 HOH A O   1 
HETATM 1431 O O   . HOH C 3 .   ? 4.513   -2.150  -11.812 1.00 49.51 ?  424 HOH A O   1 
HETATM 1432 O O   . HOH C 3 .   ? 19.735  6.112   11.080  1.00 47.43 ?  425 HOH A O   1 
HETATM 1433 O O   . HOH C 3 .   ? 14.550  -17.399 -3.224  1.00 47.53 ?  426 HOH A O   1 
HETATM 1434 O O   . HOH C 3 .   ? -21.648 8.906   -6.912  1.00 40.75 ?  427 HOH A O   1 
HETATM 1435 O O   . HOH C 3 .   ? 14.541  -15.787 -0.171  1.00 40.25 ?  428 HOH A O   1 
HETATM 1436 O O   . HOH C 3 .   ? -4.727  8.065   -9.744  1.00 39.58 ?  429 HOH A O   1 
HETATM 1437 O O   . HOH C 3 .   ? -5.854  3.945   -7.797  1.00 30.89 ?  430 HOH A O   1 
HETATM 1438 O O   . HOH C 3 .   ? -15.644 -9.598  -2.274  1.00 30.61 ?  431 HOH A O   1 
HETATM 1439 O O   . HOH C 3 .   ? -2.278  -1.303  -11.919 1.00 41.05 ?  432 HOH A O   1 
HETATM 1440 O O   . HOH C 3 .   ? -14.077 21.314  12.041  1.00 41.78 ?  433 HOH A O   1 
HETATM 1441 O O   . HOH C 3 .   ? 5.805   -0.749  -7.227  1.00 31.95 ?  434 HOH A O   1 
HETATM 1442 O O   . HOH C 3 .   ? 12.135  -2.116  14.816  1.00 44.85 ?  435 HOH A O   1 
HETATM 1443 O O   . HOH C 3 .   ? -0.632  0.538   -8.086  1.00 28.37 ?  436 HOH A O   1 
HETATM 1444 O O   . HOH C 3 .   ? -13.763 -10.241 -5.347  1.00 25.14 ?  437 HOH A O   1 
HETATM 1445 O O   . HOH C 3 .   ? -4.740  1.892   11.669  1.00 29.52 ?  438 HOH A O   1 
HETATM 1446 O O   . HOH C 3 .   ? 4.823   -18.305 -1.758  1.00 33.82 ?  439 HOH A O   1 
HETATM 1447 O O   . HOH C 3 .   ? 14.242  1.433   -9.885  1.00 41.07 ?  440 HOH A O   1 
HETATM 1448 O O   . HOH C 3 .   ? -16.135 -5.633  4.232   1.00 32.07 ?  441 HOH A O   1 
HETATM 1449 O O   . HOH C 3 .   ? -5.389  -12.757 5.273   1.00 78.19 ?  442 HOH A O   1 
HETATM 1450 O O   . HOH C 3 .   ? -6.153  -7.325  6.264   1.00 44.56 ?  443 HOH A O   1 
HETATM 1451 O O   . HOH C 3 .   ? 14.855  -2.616  -11.502 1.00 51.10 ?  444 HOH A O   1 
HETATM 1452 O O   . HOH C 3 .   ? -20.810 7.961   8.612   1.00 32.79 ?  445 HOH A O   1 
HETATM 1453 O O   . HOH C 3 .   ? 10.328  -14.612 3.770   1.00 54.72 ?  446 HOH A O   1 
HETATM 1454 O O   . HOH C 3 .   ? -17.858 -6.934  5.394   1.00 38.30 ?  447 HOH A O   1 
HETATM 1455 O O   . HOH C 3 .   ? 7.069   -17.161 -13.410 1.00 31.03 ?  448 HOH A O   1 
HETATM 1456 O O   . HOH C 3 .   ? -8.993  0.465   -10.367 1.00 50.13 ?  449 HOH A O   1 
HETATM 1457 O O   . HOH C 3 .   ? 8.070   17.478  -5.593  1.00 52.77 ?  450 HOH A O   1 
HETATM 1458 O O   . HOH C 3 .   ? 12.397  -1.354  7.363   1.00 25.24 ?  451 HOH A O   1 
HETATM 1459 O O   . HOH C 3 .   ? -30.842 5.214   1.667   1.00 46.14 ?  452 HOH A O   1 
HETATM 1460 O O   . HOH C 3 .   ? 21.705  -8.698  9.871   1.00 43.71 ?  453 HOH A O   1 
HETATM 1461 O O   . HOH C 3 .   ? -13.518 13.713  8.109   1.00 31.36 ?  454 HOH A O   1 
HETATM 1462 O O   . HOH C 3 .   ? 13.320  -20.586 -1.534  1.00 46.19 ?  455 HOH A O   1 
HETATM 1463 O O   . HOH C 3 .   ? -15.079 2.632   -9.404  1.00 36.75 ?  456 HOH A O   1 
HETATM 1464 O O   . HOH C 3 .   ? -1.506  -17.917 0.396   1.00 33.66 ?  457 HOH A O   1 
HETATM 1465 O O   . HOH C 3 .   ? 11.963  -11.449 -1.256  1.00 23.35 ?  458 HOH A O   1 
HETATM 1466 O O   . HOH C 3 .   ? 8.173   -17.966 -7.432  1.00 29.28 ?  459 HOH A O   1 
HETATM 1467 O O   . HOH C 3 .   ? -24.322 -0.003  5.724   1.00 36.67 ?  460 HOH A O   1 
HETATM 1468 O O   . HOH C 3 .   ? 4.728   -4.699  -8.438  1.00 42.34 ?  461 HOH A O   1 
HETATM 1469 O O   . HOH C 3 .   ? -24.015 -0.132  -2.431  1.00 33.85 ?  462 HOH A O   1 
HETATM 1470 O O   . HOH C 3 .   ? 5.512   8.152   1.995   1.00 33.09 ?  463 HOH A O   1 
HETATM 1471 O O   . HOH C 3 .   ? -16.547 -2.792  -1.137  1.00 23.16 ?  464 HOH A O   1 
HETATM 1472 O O   . HOH C 3 .   ? 2.461   -19.787 -6.319  1.00 43.69 ?  465 HOH A O   1 
HETATM 1473 O O   . HOH C 3 .   ? -18.865 8.699   -8.931  1.00 44.24 ?  466 HOH A O   1 
HETATM 1474 O O   . HOH C 3 .   ? -16.441 0.701   -5.183  1.00 30.53 ?  467 HOH A O   1 
HETATM 1475 O O   . HOH C 3 .   ? 6.045   6.307   3.987   1.00 35.45 ?  468 HOH A O   1 
HETATM 1476 O O   . HOH C 3 .   ? 15.315  -11.909 -10.112 1.00 34.92 ?  469 HOH A O   1 
HETATM 1477 O O   . HOH C 3 .   ? 13.743  7.475   -1.568  1.00 48.83 ?  470 HOH A O   1 
HETATM 1478 O O   . HOH C 3 .   ? 2.920   -8.797  1.016   1.00 21.70 ?  471 HOH A O   1 
HETATM 1479 O O   . HOH C 3 .   ? 5.787   5.581   -14.670 1.00 44.47 ?  472 HOH A O   1 
HETATM 1480 O O   . HOH C 3 .   ? 19.722  -6.309  -0.862  1.00 32.62 ?  473 HOH A O   1 
HETATM 1481 O O   . HOH C 3 .   ? 3.941   -9.470  9.786   1.00 46.77 ?  474 HOH A O   1 
HETATM 1482 O O   . HOH C 3 .   ? 9.046   -9.985  -12.492 1.00 38.84 ?  475 HOH A O   1 
HETATM 1483 O O   . HOH C 3 .   ? 21.811  -14.176 5.315   1.00 34.06 ?  476 HOH A O   1 
HETATM 1484 O O   . HOH C 3 .   ? -11.957 4.087   -10.523 1.00 36.75 ?  477 HOH A O   1 
HETATM 1485 O O   . HOH C 3 .   ? -5.885  -6.808  -2.736  1.00 22.75 ?  478 HOH A O   1 
HETATM 1486 O O   . HOH C 3 .   ? 20.522  -2.451  3.738   1.00 35.83 ?  479 HOH A O   1 
HETATM 1487 O O   . HOH C 3 .   ? 17.508  -12.056 -8.113  1.00 50.69 ?  480 HOH A O   1 
HETATM 1488 O O   . HOH C 3 .   ? -23.044 -4.634  -4.237  1.00 50.25 ?  481 HOH A O   1 
HETATM 1489 O O   . HOH C 3 .   ? 6.406   -9.179  2.922   1.00 24.25 ?  482 HOH A O   1 
HETATM 1490 O O   . HOH C 3 .   ? 16.274  4.557   -4.197  1.00 46.72 ?  483 HOH A O   1 
HETATM 1491 O O   . HOH C 3 .   ? 11.913  -9.102  6.026   1.00 43.75 ?  484 HOH A O   1 
HETATM 1492 O O   . HOH C 3 .   ? 10.704  1.032   7.301   1.00 36.94 ?  485 HOH A O   1 
HETATM 1493 O O   . HOH C 3 .   ? 24.455  -12.427 -0.598  1.00 37.29 ?  486 HOH A O   1 
HETATM 1494 O O   . HOH C 3 .   ? -11.999 1.046   -7.199  1.00 29.91 ?  487 HOH A O   1 
HETATM 1495 O O   . HOH C 3 .   ? -8.258  -3.792  -9.828  1.00 47.37 ?  488 HOH A O   1 
HETATM 1496 O O   . HOH C 3 .   ? -7.458  -11.046 5.128   1.00 42.83 ?  489 HOH A O   1 
HETATM 1497 O O   . HOH C 3 .   ? 15.565  5.125   -1.694  1.00 41.10 ?  490 HOH A O   1 
HETATM 1498 O O   . HOH C 3 .   ? -12.558 14.815  -6.658  1.00 53.52 ?  491 HOH A O   1 
HETATM 1499 O O   . HOH C 3 .   ? 2.046   3.942   -16.983 1.00 74.96 ?  492 HOH A O   1 
HETATM 1500 O O   . HOH C 3 .   ? -2.291  -0.749  -4.945  1.00 26.53 ?  493 HOH A O   1 
HETATM 1501 O O   . HOH C 3 .   ? 10.050  5.975   5.535   1.00 33.81 ?  494 HOH A O   1 
HETATM 1502 O O   . HOH C 3 .   ? -9.090  -12.037 -8.205  1.00 36.13 ?  495 HOH A O   1 
HETATM 1503 O O   . HOH C 3 .   ? 14.220  -14.075 3.822   1.00 31.97 ?  496 HOH A O   1 
HETATM 1504 O O   . HOH C 3 .   ? 2.869   7.336   5.979   1.00 35.34 ?  497 HOH A O   1 
HETATM 1505 O O   . HOH C 3 .   ? -8.843  -8.640  5.606   1.00 33.98 ?  498 HOH A O   1 
HETATM 1506 O O   . HOH C 3 .   ? 7.598   -12.036 5.436   1.00 48.65 ?  499 HOH A O   1 
HETATM 1507 O O   . HOH C 3 .   ? 5.960   5.769   8.577   1.00 34.71 ?  500 HOH A O   1 
HETATM 1508 O O   . HOH C 3 .   ? -21.068 12.821  4.474   1.00 29.44 ?  501 HOH A O   1 
HETATM 1509 O O   . HOH C 3 .   ? -3.612  11.730  -4.606  1.00 36.35 ?  502 HOH A O   1 
HETATM 1510 O O   . HOH C 3 .   ? 6.556   -3.037  -8.285  1.00 38.48 ?  503 HOH A O   1 
HETATM 1511 O O   . HOH C 3 .   ? 13.984  -6.218  -11.014 1.00 36.34 ?  504 HOH A O   1 
HETATM 1512 O O   . HOH C 3 .   ? 0.705   13.639  -0.198  1.00 49.31 ?  505 HOH A O   1 
HETATM 1513 O O   . HOH C 3 .   ? -14.068 2.189   -5.869  1.00 30.03 ?  506 HOH A O   1 
HETATM 1514 O O   . HOH C 3 .   ? -23.283 -2.184  4.671   1.00 33.45 ?  507 HOH A O   1 
HETATM 1515 O O   . HOH C 3 .   ? -10.259 11.254  -10.376 1.00 49.41 ?  508 HOH A O   1 
HETATM 1516 O O   . HOH C 3 .   ? -12.469 -4.044  9.383   1.00 40.09 ?  509 HOH A O   1 
HETATM 1517 O O   . HOH C 3 .   ? -15.242 17.768  3.971   1.00 46.73 ?  510 HOH A O   1 
HETATM 1518 O O   . HOH C 3 .   ? -1.025  4.806   -12.699 1.00 46.44 ?  511 HOH A O   1 
HETATM 1519 O O   . HOH C 3 .   ? 11.455  5.816   -13.869 1.00 43.29 ?  512 HOH A O   1 
HETATM 1520 O O   . HOH C 3 .   ? 14.570  5.060   -11.779 1.00 41.67 ?  513 HOH A O   1 
HETATM 1521 O O   . HOH C 3 .   ? 3.806   1.379   -13.560 1.00 33.90 ?  514 HOH A O   1 
HETATM 1522 O O   . HOH C 3 .   ? -0.157  -11.279 7.494   1.00 40.47 ?  515 HOH A O   1 
HETATM 1523 O O   . HOH C 3 .   ? -11.097 14.086  -1.491  1.00 44.41 ?  516 HOH A O   1 
HETATM 1524 O O   . HOH C 3 .   ? 7.003   -6.811  -11.862 1.00 42.16 ?  517 HOH A O   1 
HETATM 1525 O O   . HOH C 3 .   ? 20.180  -5.275  -6.861  1.00 48.70 ?  518 HOH A O   1 
HETATM 1526 O O   . HOH C 3 .   ? -8.096  3.400   -8.946  1.00 40.77 ?  519 HOH A O   1 
HETATM 1527 O O   . HOH C 3 .   ? -28.284 8.248   7.604   1.00 58.66 ?  520 HOH A O   1 
HETATM 1528 O O   . HOH C 3 .   ? 21.637  -13.644 -2.248  1.00 34.40 ?  521 HOH A O   1 
HETATM 1529 O O   . HOH C 3 .   ? -3.658  -7.525  -8.213  1.00 33.38 ?  522 HOH A O   1 
HETATM 1530 O O   . HOH C 3 .   ? 18.265  0.762   -4.086  1.00 60.47 ?  523 HOH A O   1 
HETATM 1531 O O   . HOH C 3 .   ? 1.323   -4.244  -13.129 1.00 52.26 ?  524 HOH A O   1 
HETATM 1532 O O   . HOH C 3 .   ? 12.737  9.985   -17.281 1.00 52.18 ?  525 HOH A O   1 
HETATM 1533 O O   . HOH C 3 .   ? 23.926  -15.674 5.827   1.00 32.17 ?  526 HOH A O   1 
HETATM 1534 O O   . HOH C 3 .   ? -20.961 14.371  7.683   1.00 41.08 ?  527 HOH A O   1 
HETATM 1535 O O   . HOH C 3 .   ? 19.618  -15.232 -4.627  1.00 41.57 ?  528 HOH A O   1 
HETATM 1536 O O   . HOH C 3 .   ? -8.128  7.564   12.108  0.50 42.07 ?  529 HOH A O   1 
HETATM 1537 O O   . HOH C 3 .   ? -18.037 -4.862  -2.402  1.00 31.37 ?  530 HOH A O   1 
HETATM 1538 O O   . HOH C 3 .   ? -2.367  3.062   12.292  1.00 36.41 ?  531 HOH A O   1 
HETATM 1539 O O   . HOH C 3 .   ? 24.513  -9.942  6.473   1.00 40.93 ?  532 HOH A O   1 
HETATM 1540 O O   . HOH C 3 .   ? 17.273  -1.773  -3.589  1.00 37.81 ?  533 HOH A O   1 
HETATM 1541 O O   . HOH C 3 .   ? -10.662 2.290   -9.012  1.00 37.27 ?  534 HOH A O   1 
HETATM 1542 O O   . HOH C 3 .   ? -17.364 -9.390  4.752   1.00 44.40 ?  535 HOH A O   1 
HETATM 1543 O O   . HOH C 3 .   ? 11.671  -3.816  -13.113 1.00 51.40 ?  536 HOH A O   1 
HETATM 1544 O O   . HOH C 3 .   ? 7.131   -8.945  5.517   1.00 36.80 ?  537 HOH A O   1 
HETATM 1545 O O   . HOH C 3 .   ? 7.772   -19.487 -4.790  1.00 42.85 ?  538 HOH A O   1 
HETATM 1546 O O   . HOH C 3 .   ? 13.062  -6.666  12.494  1.00 44.77 ?  539 HOH A O   1 
HETATM 1547 O O   . HOH C 3 .   ? -4.137  -16.971 -5.293  1.00 36.64 ?  540 HOH A O   1 
HETATM 1548 O O   . HOH C 3 .   ? -6.150  21.304  12.494  1.00 50.31 ?  541 HOH A O   1 
HETATM 1549 O O   . HOH C 3 .   ? -10.495 14.354  -4.149  1.00 45.97 ?  542 HOH A O   1 
HETATM 1550 O O   . HOH C 3 .   ? 18.068  3.355   13.952  1.00 57.25 ?  543 HOH A O   1 
HETATM 1551 O O   . HOH C 3 .   ? -13.114 -7.925  7.289   1.00 53.70 ?  544 HOH A O   1 
HETATM 1552 O O   . HOH C 3 .   ? 9.443   -5.316  -12.902 1.00 65.81 ?  545 HOH A O   1 
HETATM 1553 O O   . HOH C 3 .   ? 7.645   6.980   5.955   1.00 40.08 ?  546 HOH A O   1 
HETATM 1554 O O   . HOH C 3 .   ? 26.168  -9.461  5.098   1.00 48.99 ?  547 HOH A O   1 
HETATM 1555 O O   . HOH C 3 .   ? -29.900 10.055  5.807   1.00 37.29 ?  548 HOH A O   1 
HETATM 1556 O O   . HOH C 3 .   ? -4.551  -11.275 -10.476 1.00 47.99 ?  549 HOH A O   1 
HETATM 1557 O O   . HOH C 3 .   ? 6.133   -18.526 -9.160  1.00 32.21 ?  550 HOH A O   1 
HETATM 1558 O O   . HOH C 3 .   ? -27.455 3.796   7.512   1.00 50.61 ?  551 HOH A O   1 
HETATM 1559 O O   . HOH C 3 .   ? 8.948   1.732   13.296  1.00 52.69 ?  552 HOH A O   1 
HETATM 1560 O O   . HOH C 3 .   ? -6.917  -22.054 -4.940  1.00 43.72 ?  553 HOH A O   1 
HETATM 1561 O O   . HOH C 3 .   ? 6.826   -19.307 -11.657 1.00 36.45 ?  554 HOH A O   1 
HETATM 1562 O O   . HOH C 3 .   ? -8.070  12.226  -7.250  1.00 59.23 ?  555 HOH A O   1 
HETATM 1563 O O   . HOH C 3 .   ? 5.663   -17.647 -15.545 1.00 42.86 ?  556 HOH A O   1 
HETATM 1564 O O   . HOH C 3 .   ? -25.062 0.769   -0.308  1.00 49.31 ?  557 HOH A O   1 
HETATM 1565 O O   . HOH C 3 .   ? 13.085  -18.253 -11.471 1.00 34.02 ?  558 HOH A O   1 
HETATM 1566 O O   . HOH C 3 .   ? -16.657 0.602   -7.794  1.00 42.88 ?  559 HOH A O   1 
HETATM 1567 O O   . HOH C 3 .   ? 9.884   -19.743 -8.571  1.00 33.27 ?  560 HOH A O   1 
HETATM 1568 O O   . HOH C 3 .   ? -23.806 15.377  7.011   1.00 44.54 ?  561 HOH A O   1 
HETATM 1569 O O   . HOH C 3 .   ? 20.672  -11.253 11.126  1.00 41.53 ?  562 HOH A O   1 
HETATM 1570 O O   . HOH C 3 .   ? 4.712   -20.806 -7.981  1.00 42.35 ?  563 HOH A O   1 
HETATM 1571 O O   . HOH C 3 .   ? 22.303  -0.296  0.055   1.00 49.27 ?  564 HOH A O   1 
HETATM 1572 O O   . HOH C 3 .   ? 23.474  -12.348 7.044   1.00 38.12 ?  565 HOH A O   1 
HETATM 1573 O O   . HOH C 3 .   ? 12.206  -13.294 -15.236 1.00 38.05 ?  566 HOH A O   1 
HETATM 1574 O O   . HOH C 3 .   ? 9.331   -20.447 -11.180 1.00 32.66 ?  567 HOH A O   1 
HETATM 1575 O O   . HOH C 3 .   ? 9.686   -16.964 -17.084 1.00 45.33 ?  568 HOH A O   1 
# 
